data_6PJ8
# 
_entry.id   6PJ8 
# 
_audit_conform.dict_name       mmcif_pdbx.dic 
_audit_conform.dict_version    5.380 
_audit_conform.dict_location   http://mmcif.pdb.org/dictionaries/ascii/mmcif_pdbx.dic 
# 
loop_
_database_2.database_id 
_database_2.database_code 
_database_2.pdbx_database_accession 
_database_2.pdbx_DOI 
PDB   6PJ8         pdb_00006pj8 10.2210/pdb6pj8/pdb 
WWPDB D_1000242648 ?            ?                   
# 
_pdbx_database_status.status_code                     REL 
_pdbx_database_status.status_code_sf                  REL 
_pdbx_database_status.status_code_mr                  ? 
_pdbx_database_status.entry_id                        6PJ8 
_pdbx_database_status.recvd_initial_deposition_date   2019-06-28 
_pdbx_database_status.SG_entry                        N 
_pdbx_database_status.deposit_site                    RCSB 
_pdbx_database_status.process_site                    RCSB 
_pdbx_database_status.status_code_cs                  ? 
_pdbx_database_status.methods_development_category    ? 
_pdbx_database_status.pdb_format_compatible           Y 
_pdbx_database_status.status_code_nmr_data            ? 
# 
loop_
_audit_author.name 
_audit_author.pdbx_ordinal 
_audit_author.identifier_ORCID 
'Urban, S.' 1 0000-0002-1118-1973 
'Cho, S.'   2 0000-0002-4875-2565 
# 
_citation.abstract                  ? 
_citation.abstract_id_CAS           ? 
_citation.book_id_ISBN              ? 
_citation.book_publisher            ? 
_citation.book_publisher_city       ? 
_citation.book_title                ? 
_citation.coordinate_linkage        ? 
_citation.country                   US 
_citation.database_id_Medline       ? 
_citation.details                   ? 
_citation.id                        primary 
_citation.journal_abbrev            Nat.Struct.Mol.Biol. 
_citation.journal_id_ASTM           ? 
_citation.journal_id_CSD            ? 
_citation.journal_id_ISSN           1545-9985 
_citation.journal_full              ? 
_citation.journal_issue             ? 
_citation.journal_volume            26 
_citation.language                  ? 
_citation.page_first                910 
_citation.page_last                 918 
_citation.title                     
'Ten catalytic snapshots of rhomboid intramembrane proteolysis from gate opening to peptide release.' 
_citation.year                      2019 
_citation.database_id_CSD           ? 
_citation.pdbx_database_id_DOI      10.1038/s41594-019-0296-9 
_citation.pdbx_database_id_PubMed   31570873 
_citation.unpublished_flag          ? 
# 
loop_
_citation_author.citation_id 
_citation_author.name 
_citation_author.ordinal 
_citation_author.identifier_ORCID 
primary 'Cho, S.'     1 ? 
primary 'Baker, R.P.' 2 ? 
primary 'Ji, M.'      3 ? 
primary 'Urban, S.'   4 ? 
# 
_cell.angle_alpha                  90.00 
_cell.angle_alpha_esd              ? 
_cell.angle_beta                   90.00 
_cell.angle_beta_esd               ? 
_cell.angle_gamma                  90.00 
_cell.angle_gamma_esd              ? 
_cell.entry_id                     6PJ8 
_cell.details                      ? 
_cell.formula_units_Z              ? 
_cell.length_a                     70.570 
_cell.length_a_esd                 ? 
_cell.length_b                     97.950 
_cell.length_b_esd                 ? 
_cell.length_c                     62.550 
_cell.length_c_esd                 ? 
_cell.volume                       ? 
_cell.volume_esd                   ? 
_cell.Z_PDB                        8 
_cell.reciprocal_angle_alpha       ? 
_cell.reciprocal_angle_beta        ? 
_cell.reciprocal_angle_gamma       ? 
_cell.reciprocal_angle_alpha_esd   ? 
_cell.reciprocal_angle_beta_esd    ? 
_cell.reciprocal_angle_gamma_esd   ? 
_cell.reciprocal_length_a          ? 
_cell.reciprocal_length_b          ? 
_cell.reciprocal_length_c          ? 
_cell.reciprocal_length_a_esd      ? 
_cell.reciprocal_length_b_esd      ? 
_cell.reciprocal_length_c_esd      ? 
_cell.pdbx_unique_axis             ? 
# 
_symmetry.entry_id                         6PJ8 
_symmetry.cell_setting                     ? 
_symmetry.Int_Tables_number                20 
_symmetry.space_group_name_Hall            ? 
_symmetry.space_group_name_H-M             'C 2 2 21' 
_symmetry.pdbx_full_space_group_name_H-M   ? 
# 
loop_
_entity.id 
_entity.type 
_entity.src_method 
_entity.pdbx_description 
_entity.formula_weight 
_entity.pdbx_number_of_molecules 
_entity.pdbx_ec 
_entity.pdbx_mutation 
_entity.pdbx_fragment 
_entity.details 
1 polymer man 'Rhomboid protease GlpG'     23800.133 1  3.4.21.105 ? ? ? 
2 polymer syn 'Peptide aldehyde inhibitor' 547.691   1  ?          ? ? ? 
3 water   nat water                        18.015    29 ?          ? ? ? 
# 
_entity_name_com.entity_id   1 
_entity_name_com.name        'Intramembrane serine protease' 
# 
loop_
_entity_poly.entity_id 
_entity_poly.type 
_entity_poly.nstd_linkage 
_entity_poly.nstd_monomer 
_entity_poly.pdbx_seq_one_letter_code 
_entity_poly.pdbx_seq_one_letter_code_can 
_entity_poly.pdbx_strand_id 
_entity_poly.pdbx_target_identifier 
1 'polypeptide(L)' no no 
;MGSSHHHHHHSSGLVPRGSHMAALRERAGPVTWVMMIACVVVFIAMQILGDQEVMLWLAWPFDPTLKFEFWRYFTHALMH
FSLMHILFNLLWWWYLGGAVEKRLGSGKLIVITLISALLSGYVQQKFSGPWFGGLSGVVFALMGYVWLRGERDPQSGIYL
QRGLIIFALIWIVAGWFDLFGMSMANGAHIAGLAVGLAMAFVDSLNARKRK
;
;MGSSHHHHHHSSGLVPRGSHMAALRERAGPVTWVMMIACVVVFIAMQILGDQEVMLWLAWPFDPTLKFEFWRYFTHALMH
FSLMHILFNLLWWWYLGGAVEKRLGSGKLIVITLISALLSGYVQQKFSGPWFGGLSGVVFALMGYVWLRGERDPQSGIYL
QRGLIIFALIWIVAGWFDLFGMSMANGAHIAGLAVGLAMAFVDSLNARKRK
;
A ? 
2 'polypeptide(L)' no no AVRMA AVRMA B ? 
# 
loop_
_entity_poly_seq.entity_id 
_entity_poly_seq.num 
_entity_poly_seq.mon_id 
_entity_poly_seq.hetero 
1 1   MET n 
1 2   GLY n 
1 3   SER n 
1 4   SER n 
1 5   HIS n 
1 6   HIS n 
1 7   HIS n 
1 8   HIS n 
1 9   HIS n 
1 10  HIS n 
1 11  SER n 
1 12  SER n 
1 13  GLY n 
1 14  LEU n 
1 15  VAL n 
1 16  PRO n 
1 17  ARG n 
1 18  GLY n 
1 19  SER n 
1 20  HIS n 
1 21  MET n 
1 22  ALA n 
1 23  ALA n 
1 24  LEU n 
1 25  ARG n 
1 26  GLU n 
1 27  ARG n 
1 28  ALA n 
1 29  GLY n 
1 30  PRO n 
1 31  VAL n 
1 32  THR n 
1 33  TRP n 
1 34  VAL n 
1 35  MET n 
1 36  MET n 
1 37  ILE n 
1 38  ALA n 
1 39  CYS n 
1 40  VAL n 
1 41  VAL n 
1 42  VAL n 
1 43  PHE n 
1 44  ILE n 
1 45  ALA n 
1 46  MET n 
1 47  GLN n 
1 48  ILE n 
1 49  LEU n 
1 50  GLY n 
1 51  ASP n 
1 52  GLN n 
1 53  GLU n 
1 54  VAL n 
1 55  MET n 
1 56  LEU n 
1 57  TRP n 
1 58  LEU n 
1 59  ALA n 
1 60  TRP n 
1 61  PRO n 
1 62  PHE n 
1 63  ASP n 
1 64  PRO n 
1 65  THR n 
1 66  LEU n 
1 67  LYS n 
1 68  PHE n 
1 69  GLU n 
1 70  PHE n 
1 71  TRP n 
1 72  ARG n 
1 73  TYR n 
1 74  PHE n 
1 75  THR n 
1 76  HIS n 
1 77  ALA n 
1 78  LEU n 
1 79  MET n 
1 80  HIS n 
1 81  PHE n 
1 82  SER n 
1 83  LEU n 
1 84  MET n 
1 85  HIS n 
1 86  ILE n 
1 87  LEU n 
1 88  PHE n 
1 89  ASN n 
1 90  LEU n 
1 91  LEU n 
1 92  TRP n 
1 93  TRP n 
1 94  TRP n 
1 95  TYR n 
1 96  LEU n 
1 97  GLY n 
1 98  GLY n 
1 99  ALA n 
1 100 VAL n 
1 101 GLU n 
1 102 LYS n 
1 103 ARG n 
1 104 LEU n 
1 105 GLY n 
1 106 SER n 
1 107 GLY n 
1 108 LYS n 
1 109 LEU n 
1 110 ILE n 
1 111 VAL n 
1 112 ILE n 
1 113 THR n 
1 114 LEU n 
1 115 ILE n 
1 116 SER n 
1 117 ALA n 
1 118 LEU n 
1 119 LEU n 
1 120 SER n 
1 121 GLY n 
1 122 TYR n 
1 123 VAL n 
1 124 GLN n 
1 125 GLN n 
1 126 LYS n 
1 127 PHE n 
1 128 SER n 
1 129 GLY n 
1 130 PRO n 
1 131 TRP n 
1 132 PHE n 
1 133 GLY n 
1 134 GLY n 
1 135 LEU n 
1 136 SER n 
1 137 GLY n 
1 138 VAL n 
1 139 VAL n 
1 140 PHE n 
1 141 ALA n 
1 142 LEU n 
1 143 MET n 
1 144 GLY n 
1 145 TYR n 
1 146 VAL n 
1 147 TRP n 
1 148 LEU n 
1 149 ARG n 
1 150 GLY n 
1 151 GLU n 
1 152 ARG n 
1 153 ASP n 
1 154 PRO n 
1 155 GLN n 
1 156 SER n 
1 157 GLY n 
1 158 ILE n 
1 159 TYR n 
1 160 LEU n 
1 161 GLN n 
1 162 ARG n 
1 163 GLY n 
1 164 LEU n 
1 165 ILE n 
1 166 ILE n 
1 167 PHE n 
1 168 ALA n 
1 169 LEU n 
1 170 ILE n 
1 171 TRP n 
1 172 ILE n 
1 173 VAL n 
1 174 ALA n 
1 175 GLY n 
1 176 TRP n 
1 177 PHE n 
1 178 ASP n 
1 179 LEU n 
1 180 PHE n 
1 181 GLY n 
1 182 MET n 
1 183 SER n 
1 184 MET n 
1 185 ALA n 
1 186 ASN n 
1 187 GLY n 
1 188 ALA n 
1 189 HIS n 
1 190 ILE n 
1 191 ALA n 
1 192 GLY n 
1 193 LEU n 
1 194 ALA n 
1 195 VAL n 
1 196 GLY n 
1 197 LEU n 
1 198 ALA n 
1 199 MET n 
1 200 ALA n 
1 201 PHE n 
1 202 VAL n 
1 203 ASP n 
1 204 SER n 
1 205 LEU n 
1 206 ASN n 
1 207 ALA n 
1 208 ARG n 
1 209 LYS n 
1 210 ARG n 
1 211 LYS n 
2 1   ALA n 
2 2   VAL n 
2 3   ARG n 
2 4   MET n 
2 5   ALA n 
# 
_entity_src_gen.entity_id                          1 
_entity_src_gen.pdbx_src_id                        1 
_entity_src_gen.pdbx_alt_source_flag               sample 
_entity_src_gen.pdbx_seq_type                      'Biological sequence' 
_entity_src_gen.pdbx_beg_seq_num                   1 
_entity_src_gen.pdbx_end_seq_num                   211 
_entity_src_gen.gene_src_common_name               ? 
_entity_src_gen.gene_src_genus                     ? 
_entity_src_gen.pdbx_gene_src_gene                 'glpG, APT88_21985, SK83_00858' 
_entity_src_gen.gene_src_species                   ? 
_entity_src_gen.gene_src_strain                    ? 
_entity_src_gen.gene_src_tissue                    ? 
_entity_src_gen.gene_src_tissue_fraction           ? 
_entity_src_gen.gene_src_details                   ? 
_entity_src_gen.pdbx_gene_src_fragment             ? 
_entity_src_gen.pdbx_gene_src_scientific_name      'Escherichia coli' 
_entity_src_gen.pdbx_gene_src_ncbi_taxonomy_id     562 
_entity_src_gen.pdbx_gene_src_variant              ? 
_entity_src_gen.pdbx_gene_src_cell_line            ? 
_entity_src_gen.pdbx_gene_src_atcc                 ? 
_entity_src_gen.pdbx_gene_src_organ                ? 
_entity_src_gen.pdbx_gene_src_organelle            ? 
_entity_src_gen.pdbx_gene_src_cell                 ? 
_entity_src_gen.pdbx_gene_src_cellular_location    ? 
_entity_src_gen.host_org_common_name               ? 
_entity_src_gen.pdbx_host_org_scientific_name      'Escherichia coli BL21(DE3)' 
_entity_src_gen.pdbx_host_org_ncbi_taxonomy_id     469008 
_entity_src_gen.host_org_genus                     ? 
_entity_src_gen.pdbx_host_org_gene                 ? 
_entity_src_gen.pdbx_host_org_organ                ? 
_entity_src_gen.host_org_species                   ? 
_entity_src_gen.pdbx_host_org_tissue               ? 
_entity_src_gen.pdbx_host_org_tissue_fraction      ? 
_entity_src_gen.pdbx_host_org_strain               ? 
_entity_src_gen.pdbx_host_org_variant              ? 
_entity_src_gen.pdbx_host_org_cell_line            ? 
_entity_src_gen.pdbx_host_org_atcc                 ? 
_entity_src_gen.pdbx_host_org_culture_collection   ? 
_entity_src_gen.pdbx_host_org_cell                 ? 
_entity_src_gen.pdbx_host_org_organelle            ? 
_entity_src_gen.pdbx_host_org_cellular_location    ? 
_entity_src_gen.pdbx_host_org_vector_type          ? 
_entity_src_gen.pdbx_host_org_vector               ? 
_entity_src_gen.host_org_details                   ? 
_entity_src_gen.expression_system_id               ? 
_entity_src_gen.plasmid_name                       ? 
_entity_src_gen.plasmid_details                    ? 
_entity_src_gen.pdbx_description                   ? 
# 
_pdbx_entity_src_syn.entity_id              2 
_pdbx_entity_src_syn.pdbx_src_id            1 
_pdbx_entity_src_syn.pdbx_alt_source_flag   sample 
_pdbx_entity_src_syn.pdbx_beg_seq_num       1 
_pdbx_entity_src_syn.pdbx_end_seq_num       5 
_pdbx_entity_src_syn.organism_scientific    'Drosophila melanogaster' 
_pdbx_entity_src_syn.organism_common_name   'fruit fly' 
_pdbx_entity_src_syn.ncbi_taxonomy_id       7227 
_pdbx_entity_src_syn.details                ? 
# 
loop_
_struct_ref.id 
_struct_ref.db_name 
_struct_ref.db_code 
_struct_ref.pdbx_db_accession 
_struct_ref.pdbx_db_isoform 
_struct_ref.entity_id 
_struct_ref.pdbx_seq_one_letter_code 
_struct_ref.pdbx_align_begin 
1 UNP A0A0J2E248_ECOLX A0A0J2E248 ? 1 
;AALRERAGPVTWVMMIACVVVFIAMQILGDQEVMLWLAWPFDPTLKFEFWRYFTHALMHFSLMHILFNLLWWWYLGGAVE
KRLGSGKLIVITLISALLSGYVQQKFSGPWFGGLSGVVYALMGYVWLRGERDPQSGIYLQRGLIIFALIWIVAGWFDLFG
MSMANGAHIAGLAVGLAMAFVDSLNARKRK
;
87 
2 PDB 6PJ8             6PJ8       ? 2 ? 1  
# 
loop_
_struct_ref_seq.align_id 
_struct_ref_seq.ref_id 
_struct_ref_seq.pdbx_PDB_id_code 
_struct_ref_seq.pdbx_strand_id 
_struct_ref_seq.seq_align_beg 
_struct_ref_seq.pdbx_seq_align_beg_ins_code 
_struct_ref_seq.seq_align_end 
_struct_ref_seq.pdbx_seq_align_end_ins_code 
_struct_ref_seq.pdbx_db_accession 
_struct_ref_seq.db_align_beg 
_struct_ref_seq.pdbx_db_align_beg_ins_code 
_struct_ref_seq.db_align_end 
_struct_ref_seq.pdbx_db_align_end_ins_code 
_struct_ref_seq.pdbx_auth_seq_align_beg 
_struct_ref_seq.pdbx_auth_seq_align_end 
1 1 6PJ8 A 22 ? 211 ? A0A0J2E248 87  ? 276 ? 87  276 
2 2 6PJ8 B 1  ? 5   ? 6PJ8       496 ? 500 ? 496 500 
# 
loop_
_struct_ref_seq_dif.align_id 
_struct_ref_seq_dif.pdbx_pdb_id_code 
_struct_ref_seq_dif.mon_id 
_struct_ref_seq_dif.pdbx_pdb_strand_id 
_struct_ref_seq_dif.seq_num 
_struct_ref_seq_dif.pdbx_pdb_ins_code 
_struct_ref_seq_dif.pdbx_seq_db_name 
_struct_ref_seq_dif.pdbx_seq_db_accession_code 
_struct_ref_seq_dif.db_mon_id 
_struct_ref_seq_dif.pdbx_seq_db_seq_num 
_struct_ref_seq_dif.details 
_struct_ref_seq_dif.pdbx_auth_seq_num 
_struct_ref_seq_dif.pdbx_ordinal 
1 6PJ8 MET A 1   ? UNP A0A0J2E248 ?   ?   'initiating methionine' 66  1  
1 6PJ8 GLY A 2   ? UNP A0A0J2E248 ?   ?   'expression tag'        67  2  
1 6PJ8 SER A 3   ? UNP A0A0J2E248 ?   ?   'expression tag'        68  3  
1 6PJ8 SER A 4   ? UNP A0A0J2E248 ?   ?   'expression tag'        69  4  
1 6PJ8 HIS A 5   ? UNP A0A0J2E248 ?   ?   'expression tag'        70  5  
1 6PJ8 HIS A 6   ? UNP A0A0J2E248 ?   ?   'expression tag'        71  6  
1 6PJ8 HIS A 7   ? UNP A0A0J2E248 ?   ?   'expression tag'        72  7  
1 6PJ8 HIS A 8   ? UNP A0A0J2E248 ?   ?   'expression tag'        73  8  
1 6PJ8 HIS A 9   ? UNP A0A0J2E248 ?   ?   'expression tag'        74  9  
1 6PJ8 HIS A 10  ? UNP A0A0J2E248 ?   ?   'expression tag'        75  10 
1 6PJ8 SER A 11  ? UNP A0A0J2E248 ?   ?   'expression tag'        76  11 
1 6PJ8 SER A 12  ? UNP A0A0J2E248 ?   ?   'expression tag'        77  12 
1 6PJ8 GLY A 13  ? UNP A0A0J2E248 ?   ?   'expression tag'        78  13 
1 6PJ8 LEU A 14  ? UNP A0A0J2E248 ?   ?   'expression tag'        79  14 
1 6PJ8 VAL A 15  ? UNP A0A0J2E248 ?   ?   'expression tag'        80  15 
1 6PJ8 PRO A 16  ? UNP A0A0J2E248 ?   ?   'expression tag'        81  16 
1 6PJ8 ARG A 17  ? UNP A0A0J2E248 ?   ?   'expression tag'        82  17 
1 6PJ8 GLY A 18  ? UNP A0A0J2E248 ?   ?   'expression tag'        83  18 
1 6PJ8 SER A 19  ? UNP A0A0J2E248 ?   ?   'expression tag'        84  19 
1 6PJ8 HIS A 20  ? UNP A0A0J2E248 ?   ?   'expression tag'        85  20 
1 6PJ8 MET A 21  ? UNP A0A0J2E248 ?   ?   'expression tag'        86  21 
1 6PJ8 PHE A 140 ? UNP A0A0J2E248 TYR 205 'engineered mutation'   205 22 
# 
loop_
_chem_comp.id 
_chem_comp.type 
_chem_comp.mon_nstd_flag 
_chem_comp.name 
_chem_comp.pdbx_synonyms 
_chem_comp.formula 
_chem_comp.formula_weight 
ALA 'L-peptide linking' y ALANINE         ? 'C3 H7 N O2'     89.093  
ARG 'L-peptide linking' y ARGININE        ? 'C6 H15 N4 O2 1' 175.209 
ASN 'L-peptide linking' y ASPARAGINE      ? 'C4 H8 N2 O3'    132.118 
ASP 'L-peptide linking' y 'ASPARTIC ACID' ? 'C4 H7 N O4'     133.103 
CYS 'L-peptide linking' y CYSTEINE        ? 'C3 H7 N O2 S'   121.158 
GLN 'L-peptide linking' y GLUTAMINE       ? 'C5 H10 N2 O3'   146.144 
GLU 'L-peptide linking' y 'GLUTAMIC ACID' ? 'C5 H9 N O4'     147.129 
GLY 'peptide linking'   y GLYCINE         ? 'C2 H5 N O2'     75.067  
HIS 'L-peptide linking' y HISTIDINE       ? 'C6 H10 N3 O2 1' 156.162 
HOH non-polymer         . WATER           ? 'H2 O'           18.015  
ILE 'L-peptide linking' y ISOLEUCINE      ? 'C6 H13 N O2'    131.173 
LEU 'L-peptide linking' y LEUCINE         ? 'C6 H13 N O2'    131.173 
LYS 'L-peptide linking' y LYSINE          ? 'C6 H15 N2 O2 1' 147.195 
MET 'L-peptide linking' y METHIONINE      ? 'C5 H11 N O2 S'  149.211 
PHE 'L-peptide linking' y PHENYLALANINE   ? 'C9 H11 N O2'    165.189 
PRO 'L-peptide linking' y PROLINE         ? 'C5 H9 N O2'     115.130 
SER 'L-peptide linking' y SERINE          ? 'C3 H7 N O3'     105.093 
THR 'L-peptide linking' y THREONINE       ? 'C4 H9 N O3'     119.119 
TRP 'L-peptide linking' y TRYPTOPHAN      ? 'C11 H12 N2 O2'  204.225 
TYR 'L-peptide linking' y TYROSINE        ? 'C9 H11 N O3'    181.189 
VAL 'L-peptide linking' y VALINE          ? 'C5 H11 N O2'    117.146 
# 
_exptl.absorpt_coefficient_mu     ? 
_exptl.absorpt_correction_T_max   ? 
_exptl.absorpt_correction_T_min   ? 
_exptl.absorpt_correction_type    ? 
_exptl.absorpt_process_details    ? 
_exptl.entry_id                   6PJ8 
_exptl.crystals_number            1 
_exptl.details                    ? 
_exptl.method                     'X-RAY DIFFRACTION' 
_exptl.method_details             ? 
# 
_exptl_crystal.colour                      ? 
_exptl_crystal.density_diffrn              ? 
_exptl_crystal.density_Matthews            2.22 
_exptl_crystal.density_method              ? 
_exptl_crystal.density_percent_sol         44.59 
_exptl_crystal.description                 ? 
_exptl_crystal.F_000                       ? 
_exptl_crystal.id                          1 
_exptl_crystal.preparation                 ? 
_exptl_crystal.size_max                    ? 
_exptl_crystal.size_mid                    ? 
_exptl_crystal.size_min                    ? 
_exptl_crystal.size_rad                    ? 
_exptl_crystal.colour_lustre               ? 
_exptl_crystal.colour_modifier             ? 
_exptl_crystal.colour_primary              ? 
_exptl_crystal.density_meas                ? 
_exptl_crystal.density_meas_esd            ? 
_exptl_crystal.density_meas_gt             ? 
_exptl_crystal.density_meas_lt             ? 
_exptl_crystal.density_meas_temp           ? 
_exptl_crystal.density_meas_temp_esd       ? 
_exptl_crystal.density_meas_temp_gt        ? 
_exptl_crystal.density_meas_temp_lt        ? 
_exptl_crystal.pdbx_crystal_image_url      ? 
_exptl_crystal.pdbx_crystal_image_format   ? 
_exptl_crystal.pdbx_mosaicity              ? 
_exptl_crystal.pdbx_mosaicity_esd          ? 
# 
_exptl_crystal_grow.apparatus       ? 
_exptl_crystal_grow.atmosphere      ? 
_exptl_crystal_grow.crystal_id      1 
_exptl_crystal_grow.details         ? 
_exptl_crystal_grow.method          'VAPOR DIFFUSION, HANGING DROP' 
_exptl_crystal_grow.method_ref      ? 
_exptl_crystal_grow.pH              5.5 
_exptl_crystal_grow.pressure        ? 
_exptl_crystal_grow.pressure_esd    ? 
_exptl_crystal_grow.seeding         ? 
_exptl_crystal_grow.seeding_ref     ? 
_exptl_crystal_grow.temp            298 
_exptl_crystal_grow.temp_details    ? 
_exptl_crystal_grow.temp_esd        ? 
_exptl_crystal_grow.time            ? 
_exptl_crystal_grow.pdbx_details    '0.1 M Na-acetate pH 5.5, 3 M NaCl, and 5 % ethylene glycol' 
_exptl_crystal_grow.pdbx_pH_range   ? 
# 
_diffrn.ambient_environment              ? 
_diffrn.ambient_temp                     100 
_diffrn.ambient_temp_details             ? 
_diffrn.ambient_temp_esd                 ? 
_diffrn.crystal_id                       1 
_diffrn.crystal_support                  ? 
_diffrn.crystal_treatment                ? 
_diffrn.details                          ? 
_diffrn.id                               1 
_diffrn.ambient_pressure                 ? 
_diffrn.ambient_pressure_esd             ? 
_diffrn.ambient_pressure_gt              ? 
_diffrn.ambient_pressure_lt              ? 
_diffrn.ambient_temp_gt                  ? 
_diffrn.ambient_temp_lt                  ? 
_diffrn.pdbx_serial_crystal_experiment   N 
# 
_diffrn_detector.details                      ? 
_diffrn_detector.detector                     CCD 
_diffrn_detector.diffrn_id                    1 
_diffrn_detector.type                         'ADSC QUANTUM 270' 
_diffrn_detector.area_resol_mean              ? 
_diffrn_detector.dtime                        ? 
_diffrn_detector.pdbx_frames_total            ? 
_diffrn_detector.pdbx_collection_time_total   ? 
_diffrn_detector.pdbx_collection_date         2016-03-20 
_diffrn_detector.pdbx_frequency               ? 
# 
_diffrn_radiation.collimation                      ? 
_diffrn_radiation.diffrn_id                        1 
_diffrn_radiation.filter_edge                      ? 
_diffrn_radiation.inhomogeneity                    ? 
_diffrn_radiation.monochromator                    ? 
_diffrn_radiation.polarisn_norm                    ? 
_diffrn_radiation.polarisn_ratio                   ? 
_diffrn_radiation.probe                            ? 
_diffrn_radiation.type                             ? 
_diffrn_radiation.xray_symbol                      ? 
_diffrn_radiation.wavelength_id                    1 
_diffrn_radiation.pdbx_monochromatic_or_laue_m_l   M 
_diffrn_radiation.pdbx_wavelength_list             ? 
_diffrn_radiation.pdbx_wavelength                  ? 
_diffrn_radiation.pdbx_diffrn_protocol             'SINGLE WAVELENGTH' 
_diffrn_radiation.pdbx_analyzer                    ? 
_diffrn_radiation.pdbx_scattering_type             x-ray 
# 
_diffrn_radiation_wavelength.id           1 
_diffrn_radiation_wavelength.wavelength   0.978 
_diffrn_radiation_wavelength.wt           1.0 
# 
_diffrn_source.current                     ? 
_diffrn_source.details                     ? 
_diffrn_source.diffrn_id                   1 
_diffrn_source.power                       ? 
_diffrn_source.size                        ? 
_diffrn_source.source                      SYNCHROTRON 
_diffrn_source.target                      ? 
_diffrn_source.type                        'CHESS BEAMLINE F1' 
_diffrn_source.voltage                     ? 
_diffrn_source.take-off_angle              ? 
_diffrn_source.pdbx_wavelength_list        0.978 
_diffrn_source.pdbx_wavelength             ? 
_diffrn_source.pdbx_synchrotron_beamline   F1 
_diffrn_source.pdbx_synchrotron_site       CHESS 
# 
_reflns.B_iso_Wilson_estimate            ? 
_reflns.entry_id                         6PJ8 
_reflns.data_reduction_details           ? 
_reflns.data_reduction_method            ? 
_reflns.d_resolution_high                2.30 
_reflns.d_resolution_low                 62.55 
_reflns.details                          ? 
_reflns.limit_h_max                      ? 
_reflns.limit_h_min                      ? 
_reflns.limit_k_max                      ? 
_reflns.limit_k_min                      ? 
_reflns.limit_l_max                      ? 
_reflns.limit_l_min                      ? 
_reflns.number_all                       ? 
_reflns.number_obs                       9921 
_reflns.observed_criterion               ? 
_reflns.observed_criterion_F_max         ? 
_reflns.observed_criterion_F_min         ? 
_reflns.observed_criterion_I_max         ? 
_reflns.observed_criterion_I_min         ? 
_reflns.observed_criterion_sigma_F       ? 
_reflns.observed_criterion_sigma_I       ? 
_reflns.percent_possible_obs             99.5 
_reflns.R_free_details                   ? 
_reflns.Rmerge_F_all                     ? 
_reflns.Rmerge_F_obs                     ? 
_reflns.Friedel_coverage                 ? 
_reflns.number_gt                        ? 
_reflns.threshold_expression             ? 
_reflns.pdbx_redundancy                  5.0 
_reflns.pdbx_Rmerge_I_obs                ? 
_reflns.pdbx_Rmerge_I_all                ? 
_reflns.pdbx_Rsym_value                  ? 
_reflns.pdbx_netI_over_av_sigmaI         ? 
_reflns.pdbx_netI_over_sigmaI            5.7 
_reflns.pdbx_res_netI_over_av_sigmaI_2   ? 
_reflns.pdbx_res_netI_over_sigmaI_2      ? 
_reflns.pdbx_chi_squared                 ? 
_reflns.pdbx_scaling_rejects             ? 
_reflns.pdbx_d_res_high_opt              ? 
_reflns.pdbx_d_res_low_opt               ? 
_reflns.pdbx_d_res_opt_method            ? 
_reflns.phase_calculation_details        ? 
_reflns.pdbx_Rrim_I_all                  ? 
_reflns.pdbx_Rpim_I_all                  ? 
_reflns.pdbx_d_opt                       ? 
_reflns.pdbx_number_measured_all         ? 
_reflns.pdbx_diffrn_id                   1 
_reflns.pdbx_ordinal                     1 
_reflns.pdbx_CC_half                     ? 
_reflns.pdbx_R_split                     ? 
# 
_reflns_shell.d_res_high                  2.30 
_reflns_shell.d_res_low                   2.39 
_reflns_shell.meanI_over_sigI_all         ? 
_reflns_shell.meanI_over_sigI_obs         ? 
_reflns_shell.number_measured_all         ? 
_reflns_shell.number_measured_obs         ? 
_reflns_shell.number_possible             ? 
_reflns_shell.number_unique_all           ? 
_reflns_shell.number_unique_obs           1018 
_reflns_shell.percent_possible_all        ? 
_reflns_shell.percent_possible_obs        ? 
_reflns_shell.Rmerge_F_all                ? 
_reflns_shell.Rmerge_F_obs                ? 
_reflns_shell.Rmerge_I_all                ? 
_reflns_shell.Rmerge_I_obs                ? 
_reflns_shell.meanI_over_sigI_gt          ? 
_reflns_shell.meanI_over_uI_all           ? 
_reflns_shell.meanI_over_uI_gt            ? 
_reflns_shell.number_measured_gt          ? 
_reflns_shell.number_unique_gt            ? 
_reflns_shell.percent_possible_gt         ? 
_reflns_shell.Rmerge_F_gt                 ? 
_reflns_shell.Rmerge_I_gt                 ? 
_reflns_shell.pdbx_redundancy             ? 
_reflns_shell.pdbx_Rsym_value             ? 
_reflns_shell.pdbx_chi_squared            ? 
_reflns_shell.pdbx_netI_over_sigmaI_all   ? 
_reflns_shell.pdbx_netI_over_sigmaI_obs   ? 
_reflns_shell.pdbx_Rrim_I_all             ? 
_reflns_shell.pdbx_Rpim_I_all             ? 
_reflns_shell.pdbx_rejects                ? 
_reflns_shell.pdbx_ordinal                1 
_reflns_shell.pdbx_diffrn_id              1 
_reflns_shell.pdbx_CC_half                ? 
_reflns_shell.pdbx_R_split                ? 
# 
_refine.aniso_B[1][1]                            3.84 
_refine.aniso_B[1][2]                            0.00 
_refine.aniso_B[1][3]                            -0.00 
_refine.aniso_B[2][2]                            0.43 
_refine.aniso_B[2][3]                            0.00 
_refine.aniso_B[3][3]                            -4.27 
_refine.B_iso_max                                ? 
_refine.B_iso_mean                               39.288 
_refine.B_iso_min                                ? 
_refine.correlation_coeff_Fo_to_Fc               0.913 
_refine.correlation_coeff_Fo_to_Fc_free          0.864 
_refine.details                                  ? 
_refine.diff_density_max                         ? 
_refine.diff_density_max_esd                     ? 
_refine.diff_density_min                         ? 
_refine.diff_density_min_esd                     ? 
_refine.diff_density_rms                         ? 
_refine.diff_density_rms_esd                     ? 
_refine.entry_id                                 6PJ8 
_refine.pdbx_refine_id                           'X-RAY DIFFRACTION' 
_refine.ls_abs_structure_details                 ? 
_refine.ls_abs_structure_Flack                   ? 
_refine.ls_abs_structure_Flack_esd               ? 
_refine.ls_abs_structure_Rogers                  ? 
_refine.ls_abs_structure_Rogers_esd              ? 
_refine.ls_d_res_high                            2.40 
_refine.ls_d_res_low                             50.01 
_refine.ls_extinction_coef                       ? 
_refine.ls_extinction_coef_esd                   ? 
_refine.ls_extinction_expression                 ? 
_refine.ls_extinction_method                     ? 
_refine.ls_goodness_of_fit_all                   ? 
_refine.ls_goodness_of_fit_all_esd               ? 
_refine.ls_goodness_of_fit_obs                   ? 
_refine.ls_goodness_of_fit_obs_esd               ? 
_refine.ls_hydrogen_treatment                    ? 
_refine.ls_matrix_type                           ? 
_refine.ls_number_constraints                    ? 
_refine.ls_number_parameters                     ? 
_refine.ls_number_reflns_all                     ? 
_refine.ls_number_reflns_obs                     8287 
_refine.ls_number_reflns_R_free                  446 
_refine.ls_number_reflns_R_work                  ? 
_refine.ls_number_restraints                     ? 
_refine.ls_percent_reflns_obs                    99.44 
_refine.ls_percent_reflns_R_free                 5.1 
_refine.ls_R_factor_all                          ? 
_refine.ls_R_factor_obs                          0.23512 
_refine.ls_R_factor_R_free                       0.26276 
_refine.ls_R_factor_R_free_error                 ? 
_refine.ls_R_factor_R_free_error_details         ? 
_refine.ls_R_factor_R_work                       0.23362 
_refine.ls_R_Fsqd_factor_obs                     ? 
_refine.ls_R_I_factor_obs                        ? 
_refine.ls_redundancy_reflns_all                 ? 
_refine.ls_redundancy_reflns_obs                 ? 
_refine.ls_restrained_S_all                      ? 
_refine.ls_restrained_S_obs                      ? 
_refine.ls_shift_over_esd_max                    ? 
_refine.ls_shift_over_esd_mean                   ? 
_refine.ls_structure_factor_coef                 ? 
_refine.ls_weighting_details                     ? 
_refine.ls_weighting_scheme                      ? 
_refine.ls_wR_factor_all                         ? 
_refine.ls_wR_factor_obs                         ? 
_refine.ls_wR_factor_R_free                      ? 
_refine.ls_wR_factor_R_work                      ? 
_refine.occupancy_max                            ? 
_refine.occupancy_min                            ? 
_refine.solvent_model_details                    ? 
_refine.solvent_model_param_bsol                 ? 
_refine.solvent_model_param_ksol                 ? 
_refine.ls_R_factor_gt                           ? 
_refine.ls_goodness_of_fit_gt                    ? 
_refine.ls_goodness_of_fit_ref                   ? 
_refine.ls_shift_over_su_max                     ? 
_refine.ls_shift_over_su_max_lt                  ? 
_refine.ls_shift_over_su_mean                    ? 
_refine.ls_shift_over_su_mean_lt                 ? 
_refine.pdbx_ls_sigma_I                          ? 
_refine.pdbx_ls_sigma_F                          ? 
_refine.pdbx_ls_sigma_Fsqd                       ? 
_refine.pdbx_data_cutoff_high_absF               ? 
_refine.pdbx_data_cutoff_high_rms_absF           ? 
_refine.pdbx_data_cutoff_low_absF                ? 
_refine.pdbx_isotropic_thermal_model             ? 
_refine.pdbx_ls_cross_valid_method               THROUGHOUT 
_refine.pdbx_method_to_determine_struct          'MOLECULAR REPLACEMENT' 
_refine.pdbx_starting_model                      5F5D 
_refine.pdbx_stereochemistry_target_values       ? 
_refine.pdbx_R_Free_selection_details            RANDOM 
_refine.pdbx_stereochem_target_val_spec_case     ? 
_refine.pdbx_overall_ESU_R                       0.465 
_refine.pdbx_overall_ESU_R_Free                  0.274 
_refine.pdbx_solvent_vdw_probe_radii             1.20 
_refine.pdbx_solvent_ion_probe_radii             0.80 
_refine.pdbx_solvent_shrinkage_radii             0.80 
_refine.pdbx_real_space_R                        ? 
_refine.pdbx_density_correlation                 ? 
_refine.pdbx_pd_number_of_powder_patterns        ? 
_refine.pdbx_pd_number_of_points                 ? 
_refine.pdbx_pd_meas_number_of_points            ? 
_refine.pdbx_pd_proc_ls_prof_R_factor            ? 
_refine.pdbx_pd_proc_ls_prof_wR_factor           ? 
_refine.pdbx_pd_Marquardt_correlation_coeff      ? 
_refine.pdbx_pd_Fsqrd_R_factor                   ? 
_refine.pdbx_pd_ls_matrix_band_width             ? 
_refine.pdbx_overall_phase_error                 ? 
_refine.pdbx_overall_SU_R_free_Cruickshank_DPI   ? 
_refine.pdbx_overall_SU_R_free_Blow_DPI          ? 
_refine.pdbx_overall_SU_R_Blow_DPI               ? 
_refine.pdbx_TLS_residual_ADP_flag               ? 
_refine.pdbx_diffrn_id                           1 
_refine.overall_SU_B                             14.279 
_refine.overall_SU_ML                            0.308 
_refine.overall_SU_R_Cruickshank_DPI             ? 
_refine.overall_SU_R_free                        ? 
_refine.overall_FOM_free_R_set                   ? 
_refine.overall_FOM_work_R_set                   ? 
_refine.pdbx_average_fsc_overall                 ? 
_refine.pdbx_average_fsc_work                    ? 
_refine.pdbx_average_fsc_free                    ? 
# 
_refine_hist.pdbx_refine_id                   'X-RAY DIFFRACTION' 
_refine_hist.cycle_id                         1 
_refine_hist.details                          ? 
_refine_hist.d_res_high                       2.40 
_refine_hist.d_res_low                        50.01 
_refine_hist.number_atoms_solvent             29 
_refine_hist.number_atoms_total               1504 
_refine_hist.number_reflns_all                ? 
_refine_hist.number_reflns_obs                ? 
_refine_hist.number_reflns_R_free             ? 
_refine_hist.number_reflns_R_work             ? 
_refine_hist.R_factor_all                     ? 
_refine_hist.R_factor_obs                     ? 
_refine_hist.R_factor_R_free                  ? 
_refine_hist.R_factor_R_work                  ? 
_refine_hist.pdbx_number_residues_total       ? 
_refine_hist.pdbx_B_iso_mean_ligand           ? 
_refine_hist.pdbx_B_iso_mean_solvent          ? 
_refine_hist.pdbx_number_atoms_protein        1475 
_refine_hist.pdbx_number_atoms_nucleic_acid   0 
_refine_hist.pdbx_number_atoms_ligand         0 
_refine_hist.pdbx_number_atoms_lipid          ? 
_refine_hist.pdbx_number_atoms_carb           ? 
_refine_hist.pdbx_pseudo_atom_details         ? 
# 
loop_
_refine_ls_restr.pdbx_refine_id 
_refine_ls_restr.criterion 
_refine_ls_restr.dev_ideal 
_refine_ls_restr.dev_ideal_target 
_refine_ls_restr.number 
_refine_ls_restr.rejects 
_refine_ls_restr.type 
_refine_ls_restr.weight 
_refine_ls_restr.pdbx_restraint_function 
'X-RAY DIFFRACTION' ? 0.012  0.019  1523 ? r_bond_refined_d             ? ? 
'X-RAY DIFFRACTION' ? ?      ?      ?    ? r_bond_other_d               ? ? 
'X-RAY DIFFRACTION' ? 1.375  1.921  2069 ? r_angle_refined_deg          ? ? 
'X-RAY DIFFRACTION' ? ?      ?      ?    ? r_angle_other_deg            ? ? 
'X-RAY DIFFRACTION' ? 4.940  5.000  184  ? r_dihedral_angle_1_deg       ? ? 
'X-RAY DIFFRACTION' ? 32.463 21.864 59   ? r_dihedral_angle_2_deg       ? ? 
'X-RAY DIFFRACTION' ? 15.819 15.000 238  ? r_dihedral_angle_3_deg       ? ? 
'X-RAY DIFFRACTION' ? 21.397 15.000 7    ? r_dihedral_angle_4_deg       ? ? 
'X-RAY DIFFRACTION' ? 0.084  0.200  223  ? r_chiral_restr               ? ? 
'X-RAY DIFFRACTION' ? 0.005  0.021  1135 ? r_gen_planes_refined         ? ? 
'X-RAY DIFFRACTION' ? ?      ?      ?    ? r_gen_planes_other           ? ? 
'X-RAY DIFFRACTION' ? ?      ?      ?    ? r_nbd_refined                ? ? 
'X-RAY DIFFRACTION' ? ?      ?      ?    ? r_nbd_other                  ? ? 
'X-RAY DIFFRACTION' ? ?      ?      ?    ? r_nbtor_refined              ? ? 
'X-RAY DIFFRACTION' ? ?      ?      ?    ? r_nbtor_other                ? ? 
'X-RAY DIFFRACTION' ? ?      ?      ?    ? r_xyhbond_nbd_refined        ? ? 
'X-RAY DIFFRACTION' ? ?      ?      ?    ? r_xyhbond_nbd_other          ? ? 
'X-RAY DIFFRACTION' ? ?      ?      ?    ? r_metal_ion_refined          ? ? 
'X-RAY DIFFRACTION' ? ?      ?      ?    ? r_metal_ion_other            ? ? 
'X-RAY DIFFRACTION' ? ?      ?      ?    ? r_symmetry_vdw_refined       ? ? 
'X-RAY DIFFRACTION' ? ?      ?      ?    ? r_symmetry_vdw_other         ? ? 
'X-RAY DIFFRACTION' ? ?      ?      ?    ? r_symmetry_hbond_refined     ? ? 
'X-RAY DIFFRACTION' ? ?      ?      ?    ? r_symmetry_hbond_other       ? ? 
'X-RAY DIFFRACTION' ? ?      ?      ?    ? r_symmetry_metal_ion_refined ? ? 
'X-RAY DIFFRACTION' ? ?      ?      ?    ? r_symmetry_metal_ion_other   ? ? 
'X-RAY DIFFRACTION' ? 2.717  3.762  741  ? r_mcbond_it                  ? ? 
'X-RAY DIFFRACTION' ? ?      ?      ?    ? r_mcbond_other               ? ? 
'X-RAY DIFFRACTION' ? 4.519  5.620  923  ? r_mcangle_it                 ? ? 
'X-RAY DIFFRACTION' ? ?      ?      ?    ? r_mcangle_other              ? ? 
'X-RAY DIFFRACTION' ? 3.062  4.051  781  ? r_scbond_it                  ? ? 
'X-RAY DIFFRACTION' ? ?      ?      ?    ? r_scbond_other               ? ? 
'X-RAY DIFFRACTION' ? ?      ?      ?    ? r_scangle_it                 ? ? 
'X-RAY DIFFRACTION' ? ?      ?      ?    ? r_scangle_other              ? ? 
'X-RAY DIFFRACTION' ? 9.013  35.388 6750 ? r_long_range_B_refined       ? ? 
'X-RAY DIFFRACTION' ? ?      ?      ?    ? r_long_range_B_other         ? ? 
'X-RAY DIFFRACTION' ? ?      ?      ?    ? r_rigid_bond_restr           ? ? 
'X-RAY DIFFRACTION' ? ?      ?      ?    ? r_sphericity_free            ? ? 
'X-RAY DIFFRACTION' ? ?      ?      ?    ? r_sphericity_bonded          ? ? 
# 
_refine_ls_shell.pdbx_refine_id                   'X-RAY DIFFRACTION' 
_refine_ls_shell.d_res_high                       2.400 
_refine_ls_shell.d_res_low                        2.462 
_refine_ls_shell.number_reflns_all                ? 
_refine_ls_shell.number_reflns_obs                ? 
_refine_ls_shell.number_reflns_R_free             27 
_refine_ls_shell.number_reflns_R_work             583 
_refine_ls_shell.percent_reflns_obs               99.84 
_refine_ls_shell.percent_reflns_R_free            ? 
_refine_ls_shell.R_factor_all                     ? 
_refine_ls_shell.R_factor_obs                     ? 
_refine_ls_shell.R_factor_R_free                  0.343 
_refine_ls_shell.R_factor_R_free_error            ? 
_refine_ls_shell.R_factor_R_work                  0.318 
_refine_ls_shell.redundancy_reflns_all            ? 
_refine_ls_shell.redundancy_reflns_obs            ? 
_refine_ls_shell.wR_factor_all                    ? 
_refine_ls_shell.wR_factor_obs                    ? 
_refine_ls_shell.wR_factor_R_free                 ? 
_refine_ls_shell.wR_factor_R_work                 ? 
_refine_ls_shell.pdbx_total_number_of_bins_used   20 
_refine_ls_shell.pdbx_phase_error                 ? 
_refine_ls_shell.pdbx_fsc_work                    ? 
_refine_ls_shell.pdbx_fsc_free                    ? 
# 
_struct.entry_id                     6PJ8 
_struct.title                        'Time-resolved structural snapshot of proteolysis by GlpG inside the membrane' 
_struct.pdbx_model_details           ? 
_struct.pdbx_formula_weight          ? 
_struct.pdbx_formula_weight_method   ? 
_struct.pdbx_model_type_details      ? 
_struct.pdbx_CASP_flag               N 
# 
_struct_keywords.entry_id        6PJ8 
_struct_keywords.text            'inhibitor complex, MEMBRANE PROTEIN, MEMBRANE PROTEIN-INHIBITOR complex' 
_struct_keywords.pdbx_keywords   'MEMBRANE PROTEIN/INHIBITOR' 
# 
loop_
_struct_asym.id 
_struct_asym.pdbx_blank_PDB_chainid_flag 
_struct_asym.pdbx_modified 
_struct_asym.entity_id 
_struct_asym.details 
A N N 1 ? 
B N N 2 ? 
C N N 3 ? 
D N N 3 ? 
# 
loop_
_struct_conf.conf_type_id 
_struct_conf.id 
_struct_conf.pdbx_PDB_helix_id 
_struct_conf.beg_label_comp_id 
_struct_conf.beg_label_asym_id 
_struct_conf.beg_label_seq_id 
_struct_conf.pdbx_beg_PDB_ins_code 
_struct_conf.end_label_comp_id 
_struct_conf.end_label_asym_id 
_struct_conf.end_label_seq_id 
_struct_conf.pdbx_end_PDB_ins_code 
_struct_conf.beg_auth_comp_id 
_struct_conf.beg_auth_asym_id 
_struct_conf.beg_auth_seq_id 
_struct_conf.end_auth_comp_id 
_struct_conf.end_auth_asym_id 
_struct_conf.end_auth_seq_id 
_struct_conf.pdbx_PDB_helix_class 
_struct_conf.details 
_struct_conf.pdbx_PDB_helix_length 
HELX_P HELX_P1  AA1 GLY A 29  ? GLY A 50  ? GLY A 94  GLY A 115 1 ? 22 
HELX_P HELX_P2  AA2 GLY A 50  ? ALA A 59  ? GLY A 115 ALA A 124 1 ? 10 
HELX_P HELX_P3  AA3 ASP A 63  ? PHE A 70  ? ASP A 128 PHE A 135 5 ? 8  
HELX_P HELX_P4  AA4 TRP A 71  ? HIS A 76  ? TRP A 136 HIS A 141 1 ? 6  
HELX_P HELX_P5  AA5 ALA A 77  ? MET A 79  ? ALA A 142 MET A 144 5 ? 3  
HELX_P HELX_P6  AA6 SER A 82  ? GLY A 129 ? SER A 147 GLY A 194 1 ? 48 
HELX_P HELX_P7  AA7 LEU A 135 ? ASP A 153 ? LEU A 200 ASP A 218 1 ? 19 
HELX_P HELX_P8  AA8 PRO A 154 ? GLY A 157 ? PRO A 219 GLY A 222 5 ? 4  
HELX_P HELX_P9  AA9 GLN A 161 ? PHE A 177 ? GLN A 226 PHE A 242 1 ? 17 
HELX_P HELX_P10 AB1 ASP A 178 ? MET A 182 ? ASP A 243 MET A 247 5 ? 5  
HELX_P HELX_P11 AB2 ALA A 185 ? SER A 204 ? ALA A 250 SER A 269 1 ? 20 
# 
_struct_conf_type.id          HELX_P 
_struct_conf_type.criteria    ? 
_struct_conf_type.reference   ? 
# 
_struct_sheet.id               AA1 
_struct_sheet.type             ? 
_struct_sheet.number_strands   2 
_struct_sheet.details          ? 
# 
_struct_sheet_order.sheet_id     AA1 
_struct_sheet_order.range_id_1   1 
_struct_sheet_order.range_id_2   2 
_struct_sheet_order.offset       ? 
_struct_sheet_order.sense        parallel 
# 
loop_
_struct_sheet_range.sheet_id 
_struct_sheet_range.id 
_struct_sheet_range.beg_label_comp_id 
_struct_sheet_range.beg_label_asym_id 
_struct_sheet_range.beg_label_seq_id 
_struct_sheet_range.pdbx_beg_PDB_ins_code 
_struct_sheet_range.end_label_comp_id 
_struct_sheet_range.end_label_asym_id 
_struct_sheet_range.end_label_seq_id 
_struct_sheet_range.pdbx_end_PDB_ins_code 
_struct_sheet_range.beg_auth_comp_id 
_struct_sheet_range.beg_auth_asym_id 
_struct_sheet_range.beg_auth_seq_id 
_struct_sheet_range.end_auth_comp_id 
_struct_sheet_range.end_auth_asym_id 
_struct_sheet_range.end_auth_seq_id 
AA1 1 PHE A 132 ? GLY A 133 ? PHE A 197 GLY A 198 
AA1 2 ARG B 3   ? MET B 4   ? ARG B 498 MET B 499 
# 
_pdbx_struct_sheet_hbond.sheet_id                AA1 
_pdbx_struct_sheet_hbond.range_id_1              1 
_pdbx_struct_sheet_hbond.range_id_2              2 
_pdbx_struct_sheet_hbond.range_1_label_atom_id   N 
_pdbx_struct_sheet_hbond.range_1_label_comp_id   GLY 
_pdbx_struct_sheet_hbond.range_1_label_asym_id   A 
_pdbx_struct_sheet_hbond.range_1_label_seq_id    133 
_pdbx_struct_sheet_hbond.range_1_PDB_ins_code    ? 
_pdbx_struct_sheet_hbond.range_1_auth_atom_id    N 
_pdbx_struct_sheet_hbond.range_1_auth_comp_id    GLY 
_pdbx_struct_sheet_hbond.range_1_auth_asym_id    A 
_pdbx_struct_sheet_hbond.range_1_auth_seq_id     198 
_pdbx_struct_sheet_hbond.range_2_label_atom_id   O 
_pdbx_struct_sheet_hbond.range_2_label_comp_id   ARG 
_pdbx_struct_sheet_hbond.range_2_label_asym_id   B 
_pdbx_struct_sheet_hbond.range_2_label_seq_id    3 
_pdbx_struct_sheet_hbond.range_2_PDB_ins_code    ? 
_pdbx_struct_sheet_hbond.range_2_auth_atom_id    O 
_pdbx_struct_sheet_hbond.range_2_auth_comp_id    ARG 
_pdbx_struct_sheet_hbond.range_2_auth_asym_id    B 
_pdbx_struct_sheet_hbond.range_2_auth_seq_id     498 
# 
_atom_sites.entry_id                    6PJ8 
_atom_sites.Cartn_transf_matrix[1][1]   ? 
_atom_sites.Cartn_transf_matrix[1][2]   ? 
_atom_sites.Cartn_transf_matrix[1][3]   ? 
_atom_sites.Cartn_transf_matrix[2][1]   ? 
_atom_sites.Cartn_transf_matrix[2][2]   ? 
_atom_sites.Cartn_transf_matrix[2][3]   ? 
_atom_sites.Cartn_transf_matrix[3][1]   ? 
_atom_sites.Cartn_transf_matrix[3][2]   ? 
_atom_sites.Cartn_transf_matrix[3][3]   ? 
_atom_sites.Cartn_transf_vector[1]      ? 
_atom_sites.Cartn_transf_vector[2]      ? 
_atom_sites.Cartn_transf_vector[3]      ? 
_atom_sites.fract_transf_matrix[1][1]   -0.00198341 
_atom_sites.fract_transf_matrix[1][2]   0.00540355 
_atom_sites.fract_transf_matrix[1][3]   0.01294823 
_atom_sites.fract_transf_matrix[2][1]   0.00875137 
_atom_sites.fract_transf_matrix[2][2]   0.00519179 
_atom_sites.fract_transf_matrix[2][3]   -0.00082610 
_atom_sites.fract_transf_matrix[3][1]   -0.00792251 
_atom_sites.fract_transf_matrix[3][2]   0.01234169 
_atom_sites.fract_transf_matrix[3][3]   -0.00636401 
_atom_sites.fract_transf_vector[1]      -0.054146 
_atom_sites.fract_transf_vector[2]      0.231980 
_atom_sites.fract_transf_vector[3]      0.019040 
_atom_sites.solution_primary            ? 
_atom_sites.solution_secondary          ? 
_atom_sites.solution_hydrogens          ? 
_atom_sites.special_details             ? 
# 
loop_
_atom_type.symbol 
C 
N 
O 
S 
# 
loop_
_atom_site.group_PDB 
_atom_site.id 
_atom_site.type_symbol 
_atom_site.label_atom_id 
_atom_site.label_alt_id 
_atom_site.label_comp_id 
_atom_site.label_asym_id 
_atom_site.label_entity_id 
_atom_site.label_seq_id 
_atom_site.pdbx_PDB_ins_code 
_atom_site.Cartn_x 
_atom_site.Cartn_y 
_atom_site.Cartn_z 
_atom_site.occupancy 
_atom_site.B_iso_or_equiv 
_atom_site.pdbx_formal_charge 
_atom_site.auth_seq_id 
_atom_site.auth_comp_id 
_atom_site.auth_asym_id 
_atom_site.auth_atom_id 
_atom_site.pdbx_PDB_model_num 
ATOM   1    N N   . ARG A 1 27  ? 17.799  -2.449  2.176   1.00 72.38  ? 92  ARG A N   1 
ATOM   2    C CA  . ARG A 1 27  ? 16.853  -3.499  1.681   1.00 73.90  ? 92  ARG A CA  1 
ATOM   3    C C   . ARG A 1 27  ? 16.567  -4.587  2.726   1.00 70.08  ? 92  ARG A C   1 
ATOM   4    O O   . ARG A 1 27  ? 15.428  -5.067  2.848   1.00 69.16  ? 92  ARG A O   1 
ATOM   5    C CB  . ARG A 1 27  ? 17.379  -4.121  0.378   1.00 73.38  ? 92  ARG A CB  1 
ATOM   6    C CG  . ARG A 1 27  ? 17.606  -3.124  -0.758  1.00 74.87  ? 92  ARG A CG  1 
ATOM   7    C CD  . ARG A 1 27  ? 16.295  -2.482  -1.205  1.00 76.15  ? 92  ARG A CD  1 
ATOM   8    N NE  . ARG A 1 27  ? 16.492  -1.496  -2.271  1.00 77.79  ? 92  ARG A NE  1 
ATOM   9    C CZ  . ARG A 1 27  ? 15.997  -0.260  -2.266  1.00 70.23  ? 92  ARG A CZ  1 
ATOM   10   N NH1 . ARG A 1 27  ? 16.234  0.549   -3.279  1.00 63.23  ? 92  ARG A NH1 1 
ATOM   11   N NH2 . ARG A 1 27  ? 15.251  0.168   -1.260  1.00 68.38  ? 92  ARG A NH2 1 
ATOM   12   N N   . ALA A 1 28  ? 17.595  -4.938  3.496   1.00 60.59  ? 93  ALA A N   1 
ATOM   13   C CA  . ALA A 1 28  ? 17.517  -6.034  4.453   1.00 53.38  ? 93  ALA A CA  1 
ATOM   14   C C   . ALA A 1 28  ? 16.833  -5.654  5.784   1.00 45.31  ? 93  ALA A C   1 
ATOM   15   O O   . ALA A 1 28  ? 17.196  -6.149  6.849   1.00 49.09  ? 93  ALA A O   1 
ATOM   16   C CB  . ALA A 1 28  ? 18.918  -6.618  4.676   1.00 53.80  ? 93  ALA A CB  1 
ATOM   17   N N   . GLY A 1 29  ? 15.820  -4.806  5.730   1.00 37.87  ? 94  GLY A N   1 
ATOM   18   C CA  . GLY A 1 29  ? 15.202  -4.313  6.956   1.00 31.75  ? 94  GLY A CA  1 
ATOM   19   C C   . GLY A 1 29  ? 14.143  -5.240  7.526   1.00 28.37  ? 94  GLY A C   1 
ATOM   20   O O   . GLY A 1 29  ? 13.383  -5.893  6.782   1.00 29.88  ? 94  GLY A O   1 
ATOM   21   N N   . PRO A 1 30  ? 14.059  -5.289  8.848   1.00 25.44  ? 95  PRO A N   1 
ATOM   22   C CA  . PRO A 1 30  ? 13.131  -6.180  9.545   1.00 26.04  ? 95  PRO A CA  1 
ATOM   23   C C   . PRO A 1 30  ? 11.656  -5.930  9.183   1.00 26.75  ? 95  PRO A C   1 
ATOM   24   O O   . PRO A 1 30  ? 10.949  -6.875  8.805   1.00 25.19  ? 95  PRO A O   1 
ATOM   25   C CB  . PRO A 1 30  ? 13.395  -5.880  11.039  1.00 25.64  ? 95  PRO A CB  1 
ATOM   26   C CG  . PRO A 1 30  ? 14.132  -4.595  11.067  1.00 25.48  ? 95  PRO A CG  1 
ATOM   27   C CD  . PRO A 1 30  ? 14.899  -4.521  9.776   1.00 25.37  ? 95  PRO A CD  1 
ATOM   28   N N   . VAL A 1 31  ? 11.218  -4.669  9.298   1.00 27.49  ? 96  VAL A N   1 
ATOM   29   C CA  . VAL A 1 31  ? 9.851   -4.274  8.945   1.00 27.10  ? 96  VAL A CA  1 
ATOM   30   C C   . VAL A 1 31  ? 9.575   -4.539  7.453   1.00 26.84  ? 96  VAL A C   1 
ATOM   31   O O   . VAL A 1 31  ? 8.506   -5.039  7.089   1.00 26.53  ? 96  VAL A O   1 
ATOM   32   C CB  . VAL A 1 31  ? 9.548   -2.808  9.321   1.00 27.22  ? 96  VAL A CB  1 
ATOM   33   C CG1 . VAL A 1 31  ? 8.206   -2.385  8.756   1.00 25.08  ? 96  VAL A CG1 1 
ATOM   34   C CG2 . VAL A 1 31  ? 9.548   -2.617  10.846  1.00 26.44  ? 96  VAL A CG2 1 
ATOM   35   N N   . THR A 1 32  ? 10.548  -4.252  6.596   1.00 24.88  ? 97  THR A N   1 
ATOM   36   C CA  . THR A 1 32  ? 10.454  -4.666  5.197   1.00 24.43  ? 97  THR A CA  1 
ATOM   37   C C   . THR A 1 32  ? 10.096  -6.154  5.055   1.00 27.61  ? 97  THR A C   1 
ATOM   38   O O   . THR A 1 32  ? 9.110   -6.505  4.364   1.00 26.04  ? 97  THR A O   1 
ATOM   39   C CB  . THR A 1 32  ? 11.751  -4.364  4.427   1.00 23.94  ? 97  THR A CB  1 
ATOM   40   O OG1 . THR A 1 32  ? 11.989  -2.953  4.455   1.00 26.59  ? 97  THR A OG1 1 
ATOM   41   C CG2 . THR A 1 32  ? 11.636  -4.819  2.981   1.00 23.81  ? 97  THR A CG2 1 
ATOM   42   N N   . TRP A 1 33  ? 10.911  -7.023  5.690   1.00 28.56  ? 98  TRP A N   1 
ATOM   43   C CA  . TRP A 1 33  ? 10.727  -8.476  5.593   1.00 26.10  ? 98  TRP A CA  1 
ATOM   44   C C   . TRP A 1 33  ? 9.520   -8.996  6.367   1.00 27.23  ? 98  TRP A C   1 
ATOM   45   O O   . TRP A 1 33  ? 8.799   -9.852  5.839   1.00 28.86  ? 98  TRP A O   1 
ATOM   46   C CB  . TRP A 1 33  ? 12.004  -9.217  5.966   1.00 27.39  ? 98  TRP A CB  1 
ATOM   47   C CG  . TRP A 1 33  ? 13.014  -9.123  4.852   1.00 29.67  ? 98  TRP A CG  1 
ATOM   48   C CD1 . TRP A 1 33  ? 14.063  -8.221  4.734   1.00 28.61  ? 98  TRP A CD1 1 
ATOM   49   C CD2 . TRP A 1 33  ? 13.028  -9.910  3.651   1.00 29.63  ? 98  TRP A CD2 1 
ATOM   50   N NE1 . TRP A 1 33  ? 14.729  -8.429  3.545   1.00 30.17  ? 98  TRP A NE1 1 
ATOM   51   C CE2 . TRP A 1 33  ? 14.116  -9.452  2.861   1.00 30.46  ? 98  TRP A CE2 1 
ATOM   52   C CE3 . TRP A 1 33  ? 12.230  -10.964 3.168   1.00 29.56  ? 98  TRP A CE3 1 
ATOM   53   C CZ2 . TRP A 1 33  ? 14.420  -10.017 1.612   1.00 32.11  ? 98  TRP A CZ2 1 
ATOM   54   C CZ3 . TRP A 1 33  ? 12.533  -11.527 1.940   1.00 28.82  ? 98  TRP A CZ3 1 
ATOM   55   C CH2 . TRP A 1 33  ? 13.619  -11.059 1.173   1.00 30.33  ? 98  TRP A CH2 1 
ATOM   56   N N   . VAL A 1 34  ? 9.281   -8.482  7.584   1.00 26.00  ? 99  VAL A N   1 
ATOM   57   C CA  . VAL A 1 34  ? 8.097   -8.854  8.359   1.00 26.62  ? 99  VAL A CA  1 
ATOM   58   C C   . VAL A 1 34  ? 6.819   -8.603  7.544   1.00 31.37  ? 99  VAL A C   1 
ATOM   59   O O   . VAL A 1 34  ? 5.843   -9.374  7.634   1.00 31.56  ? 99  VAL A O   1 
ATOM   60   C CB  . VAL A 1 34  ? 8.001   -8.108  9.699   1.00 27.31  ? 99  VAL A CB  1 
ATOM   61   C CG1 . VAL A 1 34  ? 6.688   -8.427  10.416  1.00 26.13  ? 99  VAL A CG1 1 
ATOM   62   C CG2 . VAL A 1 34  ? 9.169   -8.467  10.613  1.00 28.88  ? 99  VAL A CG2 1 
ATOM   63   N N   . MET A 1 35  ? 6.817   -7.545  6.732   1.00 32.73  ? 100 MET A N   1 
ATOM   64   C CA  . MET A 1 35  ? 5.645   -7.285  5.918   1.00 34.39  ? 100 MET A CA  1 
ATOM   65   C C   . MET A 1 35  ? 5.554   -8.260  4.759   1.00 33.90  ? 100 MET A C   1 
ATOM   66   O O   . MET A 1 35  ? 4.497   -8.836  4.532   1.00 32.20  ? 100 MET A O   1 
ATOM   67   C CB  . MET A 1 35  ? 5.612   -5.856  5.404   1.00 41.07  ? 100 MET A CB  1 
ATOM   68   C CG  . MET A 1 35  ? 4.333   -5.524  4.635   1.00 46.27  ? 100 MET A CG  1 
ATOM   69   S SD  . MET A 1 35  ? 2.994   -5.035  5.741   1.00 46.61  ? 100 MET A SD  1 
ATOM   70   C CE  . MET A 1 35  ? 1.610   -5.192  4.637   1.00 53.46  ? 100 MET A CE  1 
ATOM   71   N N   . MET A 1 36  ? 6.655   -8.455  4.045   1.00 31.76  ? 101 MET A N   1 
ATOM   72   C CA  . MET A 1 36  ? 6.675   -9.431  2.968   1.00 32.50  ? 101 MET A CA  1 
ATOM   73   C C   . MET A 1 36  ? 6.289   -10.832 3.454   1.00 34.70  ? 101 MET A C   1 
ATOM   74   O O   . MET A 1 36  ? 5.653   -11.577 2.713   1.00 35.58  ? 101 MET A O   1 
ATOM   75   C CB  . MET A 1 36  ? 8.038   -9.473  2.297   1.00 31.54  ? 101 MET A CB  1 
ATOM   76   C CG  . MET A 1 36  ? 8.356   -8.210  1.542   1.00 33.59  ? 101 MET A CG  1 
ATOM   77   S SD  . MET A 1 36  ? 10.106  -8.060  1.143   1.00 40.37  ? 101 MET A SD  1 
ATOM   78   C CE  . MET A 1 36  ? 10.262  -9.010  -0.358  1.00 31.95  ? 101 MET A CE  1 
ATOM   79   N N   . ILE A 1 37  ? 6.671   -11.181 4.687   1.00 32.74  ? 102 ILE A N   1 
ATOM   80   C CA  . ILE A 1 37  ? 6.400   -12.514 5.219   1.00 33.21  ? 102 ILE A CA  1 
ATOM   81   C C   . ILE A 1 37  ? 4.911   -12.658 5.490   1.00 32.69  ? 102 ILE A C   1 
ATOM   82   O O   . ILE A 1 37  ? 4.336   -13.722 5.228   1.00 32.69  ? 102 ILE A O   1 
ATOM   83   C CB  . ILE A 1 37  ? 7.229   -12.837 6.500   1.00 32.56  ? 102 ILE A CB  1 
ATOM   84   C CG1 . ILE A 1 37  ? 8.704   -13.082 6.158   1.00 32.65  ? 102 ILE A CG1 1 
ATOM   85   C CG2 . ILE A 1 37  ? 6.707   -14.074 7.226   1.00 31.68  ? 102 ILE A CG2 1 
ATOM   86   C CD1 . ILE A 1 37  ? 8.947   -13.895 4.900   1.00 31.73  ? 102 ILE A CD1 1 
ATOM   87   N N   . ALA A 1 38  ? 4.298   -11.585 5.995   1.00 29.64  ? 103 ALA A N   1 
ATOM   88   C CA  . ALA A 1 38  ? 2.892   -11.644 6.381   1.00 27.23  ? 103 ALA A CA  1 
ATOM   89   C C   . ALA A 1 38  ? 2.030   -11.782 5.135   1.00 27.22  ? 103 ALA A C   1 
ATOM   90   O O   . ALA A 1 38  ? 1.101   -12.572 5.112   1.00 27.34  ? 103 ALA A O   1 
ATOM   91   C CB  . ALA A 1 38  ? 2.493   -10.426 7.181   1.00 24.99  ? 103 ALA A CB  1 
ATOM   92   N N   . CYS A 1 39  ? 2.376   -11.038 4.095   1.00 27.89  ? 104 CYS A N   1 
ATOM   93   C CA  . CYS A 1 39  ? 1.636   -11.041 2.846   1.00 30.98  ? 104 CYS A CA  1 
ATOM   94   C C   . CYS A 1 39  ? 1.688   -12.384 2.176   1.00 33.80  ? 104 CYS A C   1 
ATOM   95   O O   . CYS A 1 39  ? 0.790   -12.724 1.408   1.00 36.28  ? 104 CYS A O   1 
ATOM   96   C CB  . CYS A 1 39  ? 2.178   -10.000 1.859   1.00 31.69  ? 104 CYS A CB  1 
ATOM   97   S SG  . CYS A 1 39  ? 1.772   -8.269  2.217   1.00 35.14  ? 104 CYS A SG  1 
ATOM   98   N N   . VAL A 1 40  ? 2.756   -13.136 2.440   1.00 35.04  ? 105 VAL A N   1 
ATOM   99   C CA  . VAL A 1 40  ? 2.956   -14.401 1.772   1.00 30.52  ? 105 VAL A CA  1 
ATOM   100  C C   . VAL A 1 40  ? 2.225   -15.488 2.529   1.00 28.36  ? 105 VAL A C   1 
ATOM   101  O O   . VAL A 1 40  ? 1.610   -16.357 1.897   1.00 26.69  ? 105 VAL A O   1 
ATOM   102  C CB  . VAL A 1 40  ? 4.440   -14.670 1.547   1.00 31.63  ? 105 VAL A CB  1 
ATOM   103  C CG1 . VAL A 1 40  ? 4.756   -16.133 1.796   1.00 32.05  ? 105 VAL A CG1 1 
ATOM   104  C CG2 . VAL A 1 40  ? 4.848   -14.236 0.125   1.00 29.73  ? 105 VAL A CG2 1 
ATOM   105  N N   . VAL A 1 41  ? 2.268   -15.398 3.864   1.00 27.22  ? 106 VAL A N   1 
ATOM   106  C CA  . VAL A 1 41  ? 1.483   -16.243 4.771   1.00 28.68  ? 106 VAL A CA  1 
ATOM   107  C C   . VAL A 1 41  ? -0.001  -16.135 4.434   1.00 31.45  ? 106 VAL A C   1 
ATOM   108  O O   . VAL A 1 41  ? -0.629  -17.120 4.010   1.00 31.48  ? 106 VAL A O   1 
ATOM   109  C CB  . VAL A 1 41  ? 1.722   -15.881 6.257   1.00 29.12  ? 106 VAL A CB  1 
ATOM   110  C CG1 . VAL A 1 41  ? 0.691   -16.527 7.184   1.00 28.38  ? 106 VAL A CG1 1 
ATOM   111  C CG2 . VAL A 1 41  ? 3.135   -16.275 6.678   1.00 30.05  ? 106 VAL A CG2 1 
ATOM   112  N N   . VAL A 1 42  ? -0.547  -14.931 4.604   1.00 33.92  ? 107 VAL A N   1 
ATOM   113  C CA  . VAL A 1 42  ? -1.941  -14.598 4.224   1.00 32.51  ? 107 VAL A CA  1 
ATOM   114  C C   . VAL A 1 42  ? -2.305  -15.071 2.787   1.00 31.06  ? 107 VAL A C   1 
ATOM   115  O O   . VAL A 1 42  ? -3.317  -15.734 2.597   1.00 32.50  ? 107 VAL A O   1 
ATOM   116  C CB  . VAL A 1 42  ? -2.195  -13.077 4.413   1.00 30.81  ? 107 VAL A CB  1 
ATOM   117  C CG1 . VAL A 1 42  ? -3.568  -12.654 3.893   1.00 30.79  ? 107 VAL A CG1 1 
ATOM   118  C CG2 . VAL A 1 42  ? -2.020  -12.698 5.873   1.00 28.03  ? 107 VAL A CG2 1 
ATOM   119  N N   . PHE A 1 43  ? -1.481  -14.753 1.796   1.00 31.35  ? 108 PHE A N   1 
ATOM   120  C CA  . PHE A 1 43  ? -1.727  -15.192 0.408   1.00 35.10  ? 108 PHE A CA  1 
ATOM   121  C C   . PHE A 1 43  ? -1.838  -16.712 0.288   1.00 40.85  ? 108 PHE A C   1 
ATOM   122  O O   . PHE A 1 43  ? -2.756  -17.216 -0.349  1.00 42.81  ? 108 PHE A O   1 
ATOM   123  C CB  . PHE A 1 43  ? -0.620  -14.717 -0.503  1.00 34.04  ? 108 PHE A CB  1 
ATOM   124  C CG  . PHE A 1 43  ? -0.808  -15.086 -1.950  1.00 41.34  ? 108 PHE A CG  1 
ATOM   125  C CD1 . PHE A 1 43  ? -0.059  -16.125 -2.541  1.00 42.69  ? 108 PHE A CD1 1 
ATOM   126  C CD2 . PHE A 1 43  ? -1.707  -14.365 -2.765  1.00 41.57  ? 108 PHE A CD2 1 
ATOM   127  C CE1 . PHE A 1 43  ? -0.216  -16.434 -3.903  1.00 38.57  ? 108 PHE A CE1 1 
ATOM   128  C CE2 . PHE A 1 43  ? -1.862  -14.670 -4.120  1.00 39.92  ? 108 PHE A CE2 1 
ATOM   129  C CZ  . PHE A 1 43  ? -1.122  -15.714 -4.679  1.00 39.65  ? 108 PHE A CZ  1 
ATOM   130  N N   . ILE A 1 44  ? -0.893  -17.435 0.890   1.00 41.59  ? 109 ILE A N   1 
ATOM   131  C CA  . ILE A 1 44  ? -0.934  -18.891 0.908   1.00 40.11  ? 109 ILE A CA  1 
ATOM   132  C C   . ILE A 1 44  ? -2.218  -19.375 1.583   1.00 39.97  ? 109 ILE A C   1 
ATOM   133  O O   . ILE A 1 44  ? -2.885  -20.283 1.066   1.00 40.05  ? 109 ILE A O   1 
ATOM   134  C CB  . ILE A 1 44  ? 0.332   -19.462 1.570   1.00 40.27  ? 109 ILE A CB  1 
ATOM   135  C CG1 . ILE A 1 44  ? 1.514   -19.296 0.608   1.00 39.96  ? 109 ILE A CG1 1 
ATOM   136  C CG2 . ILE A 1 44  ? 0.149   -20.919 2.009   1.00 38.28  ? 109 ILE A CG2 1 
ATOM   137  C CD1 . ILE A 1 44  ? 2.859   -19.589 1.243   1.00 41.50  ? 109 ILE A CD1 1 
ATOM   138  N N   . ALA A 1 45  ? -2.564  -18.741 2.710   1.00 38.12  ? 110 ALA A N   1 
ATOM   139  C CA  . ALA A 1 45  ? -3.826  -19.002 3.396   1.00 38.23  ? 110 ALA A CA  1 
ATOM   140  C C   . ALA A 1 45  ? -5.017  -18.811 2.440   1.00 41.16  ? 110 ALA A C   1 
ATOM   141  O O   . ALA A 1 45  ? -5.951  -19.635 2.438   1.00 39.06  ? 110 ALA A O   1 
ATOM   142  C CB  . ALA A 1 45  ? -3.969  -18.125 4.634   1.00 38.70  ? 110 ALA A CB  1 
ATOM   143  N N   . MET A 1 46  ? -4.947  -17.769 1.601   1.00 37.50  ? 111 MET A N   1 
ATOM   144  C CA  . MET A 1 46  ? -5.965  -17.545 0.587   1.00 40.26  ? 111 MET A CA  1 
ATOM   145  C C   . MET A 1 46  ? -6.036  -18.645 -0.457  1.00 40.39  ? 111 MET A C   1 
ATOM   146  O O   . MET A 1 46  ? -7.091  -18.885 -1.012  1.00 42.73  ? 111 MET A O   1 
ATOM   147  C CB  . MET A 1 46  ? -5.780  -16.192 -0.111  1.00 39.72  ? 111 MET A CB  1 
ATOM   148  C CG  . MET A 1 46  ? -6.212  -14.976 0.699   1.00 36.70  ? 111 MET A CG  1 
ATOM   149  S SD  . MET A 1 46  ? -5.807  -13.417 -0.110  1.00 35.74  ? 111 MET A SD  1 
ATOM   150  C CE  . MET A 1 46  ? -7.238  -13.142 -1.137  1.00 30.17  ? 111 MET A CE  1 
ATOM   151  N N   . GLN A 1 47  ? -4.917  -19.294 -0.746  1.00 47.22  ? 112 GLN A N   1 
ATOM   152  C CA  . GLN A 1 47  ? -4.912  -20.390 -1.732  1.00 50.41  ? 112 GLN A CA  1 
ATOM   153  C C   . GLN A 1 47  ? -5.490  -21.680 -1.136  1.00 52.91  ? 112 GLN A C   1 
ATOM   154  O O   . GLN A 1 47  ? -6.197  -22.416 -1.827  1.00 55.93  ? 112 GLN A O   1 
ATOM   155  C CB  . GLN A 1 47  ? -3.521  -20.610 -2.339  1.00 51.97  ? 112 GLN A CB  1 
ATOM   156  C CG  . GLN A 1 47  ? -2.846  -19.344 -2.882  1.00 57.09  ? 112 GLN A CG  1 
ATOM   157  C CD  . GLN A 1 47  ? -3.789  -18.440 -3.677  1.00 60.45  ? 112 GLN A CD  1 
ATOM   158  O OE1 . GLN A 1 47  ? -4.357  -18.849 -4.685  1.00 68.39  ? 112 GLN A OE1 1 
ATOM   159  N NE2 . GLN A 1 47  ? -3.975  -17.217 -3.211  1.00 59.72  ? 112 GLN A NE2 1 
ATOM   160  N N   . ILE A 1 48  ? -5.222  -21.924 0.150   1.00 49.21  ? 113 ILE A N   1 
ATOM   161  C CA  . ILE A 1 48  ? -5.799  -23.076 0.835   1.00 46.40  ? 113 ILE A CA  1 
ATOM   162  C C   . ILE A 1 48  ? -7.305  -22.858 1.035   1.00 43.30  ? 113 ILE A C   1 
ATOM   163  O O   . ILE A 1 48  ? -8.101  -23.572 0.446   1.00 42.70  ? 113 ILE A O   1 
ATOM   164  C CB  . ILE A 1 48  ? -5.092  -23.412 2.190   1.00 45.87  ? 113 ILE A CB  1 
ATOM   165  C CG1 . ILE A 1 48  ? -3.572  -23.131 2.154   1.00 45.29  ? 113 ILE A CG1 1 
ATOM   166  C CG2 . ILE A 1 48  ? -5.383  -24.841 2.622   1.00 40.67  ? 113 ILE A CG2 1 
ATOM   167  C CD1 . ILE A 1 48  ? -2.744  -24.004 1.222   1.00 44.60  ? 113 ILE A CD1 1 
ATOM   168  N N   . LEU A 1 49  ? -7.677  -21.871 1.850   1.00 42.08  ? 114 LEU A N   1 
ATOM   169  C CA  . LEU A 1 49  ? -9.078  -21.594 2.181   1.00 42.32  ? 114 LEU A CA  1 
ATOM   170  C C   . LEU A 1 49  ? -9.934  -20.991 1.058   1.00 42.97  ? 114 LEU A C   1 
ATOM   171  O O   . LEU A 1 49  ? -11.155 -21.127 1.081   1.00 47.94  ? 114 LEU A O   1 
ATOM   172  C CB  . LEU A 1 49  ? -9.179  -20.680 3.407   1.00 38.98  ? 114 LEU A CB  1 
ATOM   173  C CG  . LEU A 1 49  ? -8.234  -20.951 4.556   1.00 39.25  ? 114 LEU A CG  1 
ATOM   174  C CD1 . LEU A 1 49  ? -7.840  -19.690 5.316   1.00 39.46  ? 114 LEU A CD1 1 
ATOM   175  C CD2 . LEU A 1 49  ? -8.947  -21.909 5.471   1.00 41.91  ? 114 LEU A CD2 1 
ATOM   176  N N   . GLY A 1 50  ? -9.315  -20.331 0.083   1.00 41.38  ? 115 GLY A N   1 
ATOM   177  C CA  . GLY A 1 50  ? -10.079 -19.518 -0.864  1.00 38.99  ? 115 GLY A CA  1 
ATOM   178  C C   . GLY A 1 50  ? -10.100 -18.031 -0.515  1.00 37.89  ? 115 GLY A C   1 
ATOM   179  O O   . GLY A 1 50  ? -10.067 -17.634 0.676   1.00 35.41  ? 115 GLY A O   1 
ATOM   180  N N   . ASP A 1 51  ? -10.160 -17.204 -1.565  1.00 36.89  ? 116 ASP A N   1 
ATOM   181  C CA  . ASP A 1 51  ? -10.126 -15.736 -1.419  1.00 36.66  ? 116 ASP A CA  1 
ATOM   182  C C   . ASP A 1 51  ? -11.188 -15.197 -0.496  1.00 33.84  ? 116 ASP A C   1 
ATOM   183  O O   . ASP A 1 51  ? -10.894 -14.444 0.420   1.00 32.11  ? 116 ASP A O   1 
ATOM   184  C CB  . ASP A 1 51  ? -10.176 -15.030 -2.785  1.00 36.49  ? 116 ASP A CB  1 
ATOM   185  C CG  . ASP A 1 51  ? -8.867  -15.192 -3.569  1.00 40.98  ? 116 ASP A CG  1 
ATOM   186  O OD1 . ASP A 1 51  ? -7.887  -15.769 -3.014  1.00 44.40  ? 116 ASP A OD1 1 
ATOM   187  O OD2 . ASP A 1 51  ? -8.802  -14.755 -4.743  1.00 39.15  ? 116 ASP A OD2 1 
ATOM   188  N N   . GLN A 1 52  ? -12.417 -15.631 -0.729  1.00 34.47  ? 117 GLN A N   1 
ATOM   189  C CA  . GLN A 1 52  ? -13.581 -15.094 -0.063  1.00 35.83  ? 117 GLN A CA  1 
ATOM   190  C C   . GLN A 1 52  ? -13.539 -15.404 1.415   1.00 34.60  ? 117 GLN A C   1 
ATOM   191  O O   . GLN A 1 52  ? -13.881 -14.550 2.237   1.00 34.53  ? 117 GLN A O   1 
ATOM   192  C CB  . GLN A 1 52  ? -14.858 -15.637 -0.714  1.00 45.26  ? 117 GLN A CB  1 
ATOM   193  C CG  . GLN A 1 52  ? -14.954 -15.378 -2.223  1.00 55.15  ? 117 GLN A CG  1 
ATOM   194  C CD  . GLN A 1 52  ? -15.579 -16.540 -2.989  1.00 69.11  ? 117 GLN A CD  1 
ATOM   195  O OE1 . GLN A 1 52  ? -16.721 -16.446 -3.448  1.00 75.87  ? 117 GLN A OE1 1 
ATOM   196  N NE2 . GLN A 1 52  ? -14.837 -17.650 -3.122  1.00 69.62  ? 117 GLN A NE2 1 
ATOM   197  N N   . GLU A 1 53  ? -13.086 -16.603 1.768   1.00 34.00  ? 118 GLU A N   1 
ATOM   198  C CA  . GLU A 1 53  ? -13.070 -16.984 3.166   1.00 35.27  ? 118 GLU A CA  1 
ATOM   199  C C   . GLU A 1 53  ? -12.077 -16.190 3.967   1.00 33.68  ? 118 GLU A C   1 
ATOM   200  O O   . GLU A 1 53  ? -12.334 -15.916 5.131   1.00 35.73  ? 118 GLU A O   1 
ATOM   201  C CB  . GLU A 1 53  ? -12.828 -18.468 3.373   1.00 38.79  ? 118 GLU A CB  1 
ATOM   202  C CG  . GLU A 1 53  ? -13.018 -18.885 4.836   1.00 47.96  ? 118 GLU A CG  1 
ATOM   203  C CD  . GLU A 1 53  ? -14.334 -18.370 5.461   1.00 52.03  ? 118 GLU A CD  1 
ATOM   204  O OE1 . GLU A 1 53  ? -14.337 -18.019 6.675   1.00 49.11  ? 118 GLU A OE1 1 
ATOM   205  O OE2 . GLU A 1 53  ? -15.367 -18.319 4.735   1.00 52.13  ? 118 GLU A OE2 1 
ATOM   206  N N   . VAL A 1 54  ? -10.955 -15.822 3.349   1.00 30.41  ? 119 VAL A N   1 
ATOM   207  C CA  . VAL A 1 54  ? -9.985  -14.961 4.009   1.00 28.35  ? 119 VAL A CA  1 
ATOM   208  C C   . VAL A 1 54  ? -10.543 -13.557 4.062   1.00 28.73  ? 119 VAL A C   1 
ATOM   209  O O   . VAL A 1 54  ? -10.384 -12.863 5.066   1.00 29.82  ? 119 VAL A O   1 
ATOM   210  C CB  . VAL A 1 54  ? -8.613  -14.975 3.310   1.00 30.43  ? 119 VAL A CB  1 
ATOM   211  C CG1 . VAL A 1 54  ? -7.725  -13.813 3.773   1.00 27.03  ? 119 VAL A CG1 1 
ATOM   212  C CG2 . VAL A 1 54  ? -7.909  -16.342 3.495   1.00 30.48  ? 119 VAL A CG2 1 
ATOM   213  N N   . MET A 1 55  ? -11.231 -13.153 3.002   1.00 29.04  ? 120 MET A N   1 
ATOM   214  C CA  . MET A 1 55  ? -11.815 -11.812 2.925   1.00 29.71  ? 120 MET A CA  1 
ATOM   215  C C   . MET A 1 55  ? -12.816 -11.511 4.018   1.00 29.07  ? 120 MET A C   1 
ATOM   216  O O   . MET A 1 55  ? -12.773 -10.422 4.590   1.00 31.35  ? 120 MET A O   1 
ATOM   217  C CB  . MET A 1 55  ? -12.484 -11.582 1.604   1.00 33.97  ? 120 MET A CB  1 
ATOM   218  C CG  . MET A 1 55  ? -11.637 -10.796 0.644   1.00 41.76  ? 120 MET A CG  1 
ATOM   219  S SD  . MET A 1 55  ? -12.537 -10.530 -0.891  1.00 49.22  ? 120 MET A SD  1 
ATOM   220  C CE  . MET A 1 55  ? -12.299 -12.104 -1.742  1.00 45.92  ? 120 MET A CE  1 
ATOM   221  N N   . LEU A 1 56  ? -13.688 -12.467 4.332   1.00 26.34  ? 121 LEU A N   1 
ATOM   222  C CA  . LEU A 1 56  ? -14.666 -12.279 5.393   1.00 25.91  ? 121 LEU A CA  1 
ATOM   223  C C   . LEU A 1 56  ? -14.053 -11.916 6.731   1.00 27.14  ? 121 LEU A C   1 
ATOM   224  O O   . LEU A 1 56  ? -14.734 -11.335 7.577   1.00 29.13  ? 121 LEU A O   1 
ATOM   225  C CB  . LEU A 1 56  ? -15.526 -13.524 5.543   1.00 27.62  ? 121 LEU A CB  1 
ATOM   226  C CG  . LEU A 1 56  ? -16.462 -13.766 4.369   1.00 26.71  ? 121 LEU A CG  1 
ATOM   227  C CD1 . LEU A 1 56  ? -16.588 -15.257 4.160   1.00 25.47  ? 121 LEU A CD1 1 
ATOM   228  C CD2 . LEU A 1 56  ? -17.797 -13.093 4.650   1.00 26.42  ? 121 LEU A CD2 1 
ATOM   229  N N   . TRP A 1 57  ? -12.769 -12.220 6.915   1.00 27.00  ? 122 TRP A N   1 
ATOM   230  C CA  . TRP A 1 57  ? -12.090 -11.914 8.172   1.00 26.87  ? 122 TRP A CA  1 
ATOM   231  C C   . TRP A 1 57  ? -11.098 -10.738 8.087   1.00 26.53  ? 122 TRP A C   1 
ATOM   232  O O   . TRP A 1 57  ? -10.812 -10.091 9.114   1.00 24.78  ? 122 TRP A O   1 
ATOM   233  C CB  . TRP A 1 57  ? -11.413 -13.198 8.738   1.00 26.99  ? 122 TRP A CB  1 
ATOM   234  C CG  . TRP A 1 57  ? -12.439 -14.240 9.039   1.00 27.73  ? 122 TRP A CG  1 
ATOM   235  C CD1 . TRP A 1 57  ? -12.726 -15.346 8.293   1.00 26.94  ? 122 TRP A CD1 1 
ATOM   236  C CD2 . TRP A 1 57  ? -13.373 -14.234 10.128  1.00 26.15  ? 122 TRP A CD2 1 
ATOM   237  N NE1 . TRP A 1 57  ? -13.771 -16.029 8.852   1.00 26.48  ? 122 TRP A NE1 1 
ATOM   238  C CE2 . TRP A 1 57  ? -14.191 -15.376 9.976   1.00 25.36  ? 122 TRP A CE2 1 
ATOM   239  C CE3 . TRP A 1 57  ? -13.586 -13.379 11.227  1.00 27.21  ? 122 TRP A CE3 1 
ATOM   240  C CZ2 . TRP A 1 57  ? -15.213 -15.695 10.870  1.00 25.41  ? 122 TRP A CZ2 1 
ATOM   241  C CZ3 . TRP A 1 57  ? -14.597 -13.693 12.132  1.00 26.67  ? 122 TRP A CZ3 1 
ATOM   242  C CH2 . TRP A 1 57  ? -15.404 -14.848 11.942  1.00 25.82  ? 122 TRP A CH2 1 
ATOM   243  N N   . LEU A 1 58  ? -10.555 -10.482 6.894   1.00 25.94  ? 123 LEU A N   1 
ATOM   244  C CA  . LEU A 1 58  ? -9.455  -9.517  6.769   1.00 27.12  ? 123 LEU A CA  1 
ATOM   245  C C   . LEU A 1 58  ? -9.859  -8.226  6.096   1.00 27.41  ? 123 LEU A C   1 
ATOM   246  O O   . LEU A 1 58  ? -9.202  -7.192  6.283   1.00 23.93  ? 123 LEU A O   1 
ATOM   247  C CB  . LEU A 1 58  ? -8.241  -10.106 6.049   1.00 27.60  ? 123 LEU A CB  1 
ATOM   248  C CG  . LEU A 1 58  ? -7.626  -11.377 6.654   1.00 31.05  ? 123 LEU A CG  1 
ATOM   249  C CD1 . LEU A 1 58  ? -6.186  -11.566 6.179   1.00 30.37  ? 123 LEU A CD1 1 
ATOM   250  C CD2 . LEU A 1 58  ? -7.696  -11.458 8.178   1.00 30.39  ? 123 LEU A CD2 1 
ATOM   251  N N   . ALA A 1 59  ? -10.934 -8.296  5.303   1.00 28.30  ? 124 ALA A N   1 
ATOM   252  C CA  . ALA A 1 59  ? -11.469 -7.119  4.591   1.00 28.45  ? 124 ALA A CA  1 
ATOM   253  C C   . ALA A 1 59  ? -11.866 -6.037  5.566   1.00 29.62  ? 124 ALA A C   1 
ATOM   254  O O   . ALA A 1 59  ? -12.026 -6.293  6.778   1.00 29.36  ? 124 ALA A O   1 
ATOM   255  C CB  . ALA A 1 59  ? -12.646 -7.476  3.686   1.00 28.01  ? 124 ALA A CB  1 
ATOM   256  N N   . TRP A 1 60  ? -11.941 -4.819  5.030   1.00 30.40  ? 125 TRP A N   1 
ATOM   257  C CA  . TRP A 1 60  ? -12.501 -3.651  5.711   1.00 30.28  ? 125 TRP A CA  1 
ATOM   258  C C   . TRP A 1 60  ? -13.966 -3.984  6.177   1.00 29.81  ? 125 TRP A C   1 
ATOM   259  O O   . TRP A 1 60  ? -14.694 -4.718  5.481   1.00 27.36  ? 125 TRP A O   1 
ATOM   260  C CB  . TRP A 1 60  ? -12.447 -2.467  4.740   1.00 27.51  ? 125 TRP A CB  1 
ATOM   261  C CG  . TRP A 1 60  ? -12.767 -1.201  5.344   1.00 27.73  ? 125 TRP A CG  1 
ATOM   262  C CD1 . TRP A 1 60  ? -14.011 -0.696  5.557   1.00 28.51  ? 125 TRP A CD1 1 
ATOM   263  C CD2 . TRP A 1 60  ? -11.838 -0.225  5.848   1.00 29.40  ? 125 TRP A CD2 1 
ATOM   264  N NE1 . TRP A 1 60  ? -13.926 0.541   6.170   1.00 31.41  ? 125 TRP A NE1 1 
ATOM   265  C CE2 . TRP A 1 60  ? -12.605 0.858   6.365   1.00 31.43  ? 125 TRP A CE2 1 
ATOM   266  C CE3 . TRP A 1 60  ? -10.442 -0.152  5.912   1.00 28.03  ? 125 TRP A CE3 1 
ATOM   267  C CZ2 . TRP A 1 60  ? -12.011 2.004   6.950   1.00 31.30  ? 125 TRP A CZ2 1 
ATOM   268  C CZ3 . TRP A 1 60  ? -9.848  0.970   6.499   1.00 29.27  ? 125 TRP A CZ3 1 
ATOM   269  C CH2 . TRP A 1 60  ? -10.630 2.037   7.010   1.00 31.90  ? 125 TRP A CH2 1 
ATOM   270  N N   . PRO A 1 61  ? -14.376 -3.496  7.367   1.00 29.56  ? 126 PRO A N   1 
ATOM   271  C CA  . PRO A 1 61  ? -15.726 -3.845  7.881   1.00 29.49  ? 126 PRO A CA  1 
ATOM   272  C C   . PRO A 1 61  ? -16.824 -3.524  6.855   1.00 28.73  ? 126 PRO A C   1 
ATOM   273  O O   . PRO A 1 61  ? -17.006 -2.371  6.488   1.00 25.97  ? 126 PRO A O   1 
ATOM   274  C CB  . PRO A 1 61  ? -15.880 -2.958  9.133   1.00 29.21  ? 126 PRO A CB  1 
ATOM   275  C CG  . PRO A 1 61  ? -14.477 -2.616  9.536   1.00 30.76  ? 126 PRO A CG  1 
ATOM   276  C CD  . PRO A 1 61  ? -13.624 -2.620  8.292   1.00 29.67  ? 126 PRO A CD  1 
ATOM   277  N N   . PHE A 1 62  ? -17.519 -4.546  6.373   1.00 30.04  ? 127 PHE A N   1 
ATOM   278  C CA  . PHE A 1 62  ? -18.639 -4.336  5.469   1.00 31.02  ? 127 PHE A CA  1 
ATOM   279  C C   . PHE A 1 62  ? -19.914 -3.994  6.235   1.00 32.06  ? 127 PHE A C   1 
ATOM   280  O O   . PHE A 1 62  ? -20.919 -3.582  5.639   1.00 31.91  ? 127 PHE A O   1 
ATOM   281  C CB  . PHE A 1 62  ? -18.845 -5.562  4.579   1.00 34.15  ? 127 PHE A CB  1 
ATOM   282  C CG  . PHE A 1 62  ? -19.733 -6.632  5.188   1.00 37.77  ? 127 PHE A CG  1 
ATOM   283  C CD1 . PHE A 1 62  ? -19.177 -7.678  5.912   1.00 36.01  ? 127 PHE A CD1 1 
ATOM   284  C CD2 . PHE A 1 62  ? -21.141 -6.605  5.004   1.00 37.25  ? 127 PHE A CD2 1 
ATOM   285  C CE1 . PHE A 1 62  ? -20.007 -8.651  6.460   1.00 37.73  ? 127 PHE A CE1 1 
ATOM   286  C CE2 . PHE A 1 62  ? -21.958 -7.572  5.552   1.00 37.29  ? 127 PHE A CE2 1 
ATOM   287  C CZ  . PHE A 1 62  ? -21.392 -8.596  6.283   1.00 37.34  ? 127 PHE A CZ  1 
ATOM   288  N N   . ASP A 1 63  ? -19.861 -4.167  7.552   1.00 33.19  ? 128 ASP A N   1 
ATOM   289  C CA  . ASP A 1 63  ? -21.033 -4.077  8.391   1.00 33.19  ? 128 ASP A CA  1 
ATOM   290  C C   . ASP A 1 63  ? -20.639 -3.282  9.635   1.00 33.09  ? 128 ASP A C   1 
ATOM   291  O O   . ASP A 1 63  ? -19.707 -3.651  10.321  1.00 31.14  ? 128 ASP A O   1 
ATOM   292  C CB  . ASP A 1 63  ? -21.478 -5.483  8.760   1.00 38.08  ? 128 ASP A CB  1 
ATOM   293  C CG  . ASP A 1 63  ? -22.894 -5.545  9.358   1.00 41.94  ? 128 ASP A CG  1 
ATOM   294  O OD1 . ASP A 1 63  ? -23.278 -4.665  10.173  1.00 41.02  ? 128 ASP A OD1 1 
ATOM   295  O OD2 . ASP A 1 63  ? -23.606 -6.536  9.022   1.00 41.87  ? 128 ASP A OD2 1 
ATOM   296  N N   . PRO A 1 64  ? -21.341 -2.159  9.912   1.00 34.75  ? 129 PRO A N   1 
ATOM   297  C CA  . PRO A 1 64  ? -20.922 -1.306  11.036  1.00 35.18  ? 129 PRO A CA  1 
ATOM   298  C C   . PRO A 1 64  ? -20.963 -2.067  12.360  1.00 36.52  ? 129 PRO A C   1 
ATOM   299  O O   . PRO A 1 64  ? -20.347 -1.629  13.348  1.00 36.49  ? 129 PRO A O   1 
ATOM   300  C CB  . PRO A 1 64  ? -21.967 -0.175  11.032  1.00 33.03  ? 129 PRO A CB  1 
ATOM   301  C CG  . PRO A 1 64  ? -22.531 -0.172  9.653   1.00 30.99  ? 129 PRO A CG  1 
ATOM   302  C CD  . PRO A 1 64  ? -22.522 -1.602  9.215   1.00 31.93  ? 129 PRO A CD  1 
ATOM   303  N N   . THR A 1 65  ? -21.682 -3.192  12.373  1.00 33.39  ? 130 THR A N   1 
ATOM   304  C CA  . THR A 1 65  ? -21.619 -4.094  13.518  1.00 37.03  ? 130 THR A CA  1 
ATOM   305  C C   . THR A 1 65  ? -20.161 -4.559  13.767  1.00 39.22  ? 130 THR A C   1 
ATOM   306  O O   . THR A 1 65  ? -19.723 -4.662  14.934  1.00 36.69  ? 130 THR A O   1 
ATOM   307  C CB  . THR A 1 65  ? -22.553 -5.297  13.333  1.00 35.55  ? 130 THR A CB  1 
ATOM   308  O OG1 . THR A 1 65  ? -23.903 -4.833  13.274  1.00 37.25  ? 130 THR A OG1 1 
ATOM   309  C CG2 . THR A 1 65  ? -22.401 -6.288  14.468  1.00 33.16  ? 130 THR A CG2 1 
ATOM   310  N N   . LEU A 1 66  ? -19.439 -4.786  12.655  1.00 38.87  ? 131 LEU A N   1 
ATOM   311  C CA  . LEU A 1 66  ? -18.052 -5.282  12.624  1.00 38.68  ? 131 LEU A CA  1 
ATOM   312  C C   . LEU A 1 66  ? -17.005 -4.208  12.838  1.00 37.87  ? 131 LEU A C   1 
ATOM   313  O O   . LEU A 1 66  ? -15.804 -4.488  12.768  1.00 39.40  ? 131 LEU A O   1 
ATOM   314  C CB  . LEU A 1 66  ? -17.753 -5.996  11.294  1.00 39.69  ? 131 LEU A CB  1 
ATOM   315  C CG  . LEU A 1 66  ? -18.612 -7.185  10.845  1.00 40.36  ? 131 LEU A CG  1 
ATOM   316  C CD1 . LEU A 1 66  ? -18.022 -7.735  9.574   1.00 40.39  ? 131 LEU A CD1 1 
ATOM   317  C CD2 . LEU A 1 66  ? -18.687 -8.289  11.891  1.00 42.38  ? 131 LEU A CD2 1 
ATOM   318  N N   . LYS A 1 67  ? -17.446 -2.989  13.116  1.00 39.21  ? 132 LYS A N   1 
ATOM   319  C CA  . LYS A 1 67  ? -16.555 -1.829  13.100  1.00 37.97  ? 132 LYS A CA  1 
ATOM   320  C C   . LYS A 1 67  ? -15.518 -1.842  14.236  1.00 38.11  ? 132 LYS A C   1 
ATOM   321  O O   . LYS A 1 67  ? -14.553 -1.076  14.231  1.00 38.52  ? 132 LYS A O   1 
ATOM   322  C CB  . LYS A 1 67  ? -17.373 -0.539  13.103  1.00 37.55  ? 132 LYS A CB  1 
ATOM   323  C CG  . LYS A 1 67  ? -17.925 -0.105  14.457  1.00 38.93  ? 132 LYS A CG  1 
ATOM   324  C CD  . LYS A 1 67  ? -18.499 1.305   14.357  1.00 38.13  ? 132 LYS A CD  1 
ATOM   325  C CE  . LYS A 1 67  ? -19.303 1.696   15.581  1.00 36.76  ? 132 LYS A CE  1 
ATOM   326  N NZ  . LYS A 1 67  ? -20.534 0.871   15.762  1.00 38.15  ? 132 LYS A NZ  1 
ATOM   327  N N   . PHE A 1 68  ? -15.727 -2.706  15.216  1.00 37.00  ? 133 PHE A N   1 
ATOM   328  C CA  . PHE A 1 68  ? -14.802 -2.789  16.334  1.00 36.70  ? 133 PHE A CA  1 
ATOM   329  C C   . PHE A 1 68  ? -13.773 -3.915  16.174  1.00 36.71  ? 133 PHE A C   1 
ATOM   330  O O   . PHE A 1 68  ? -12.893 -4.088  17.019  1.00 35.42  ? 133 PHE A O   1 
ATOM   331  C CB  . PHE A 1 68  ? -15.573 -2.920  17.635  1.00 38.16  ? 133 PHE A CB  1 
ATOM   332  C CG  . PHE A 1 68  ? -16.237 -1.651  18.073  1.00 39.62  ? 133 PHE A CG  1 
ATOM   333  C CD1 . PHE A 1 68  ? -17.608 -1.623  18.357  1.00 37.77  ? 133 PHE A CD1 1 
ATOM   334  C CD2 . PHE A 1 68  ? -15.484 -0.474  18.215  1.00 41.98  ? 133 PHE A CD2 1 
ATOM   335  C CE1 . PHE A 1 68  ? -18.211 -0.448  18.773  1.00 38.28  ? 133 PHE A CE1 1 
ATOM   336  C CE2 . PHE A 1 68  ? -16.092 0.704   18.639  1.00 40.77  ? 133 PHE A CE2 1 
ATOM   337  C CZ  . PHE A 1 68  ? -17.455 0.708   18.917  1.00 39.34  ? 133 PHE A CZ  1 
ATOM   338  N N   . GLU A 1 69  ? -13.876 -4.672  15.080  1.00 36.12  ? 134 GLU A N   1 
ATOM   339  C CA  . GLU A 1 69  ? -12.836 -5.619  14.696  1.00 36.63  ? 134 GLU A CA  1 
ATOM   340  C C   . GLU A 1 69  ? -11.668 -4.834  14.038  1.00 36.34  ? 134 GLU A C   1 
ATOM   341  O O   . GLU A 1 69  ? -11.376 -4.998  12.851  1.00 34.24  ? 134 GLU A O   1 
ATOM   342  C CB  . GLU A 1 69  ? -13.403 -6.734  13.805  1.00 34.52  ? 134 GLU A CB  1 
ATOM   343  C CG  . GLU A 1 69  ? -14.484 -7.586  14.477  1.00 36.83  ? 134 GLU A CG  1 
ATOM   344  C CD  . GLU A 1 69  ? -15.057 -8.725  13.608  1.00 39.68  ? 134 GLU A CD  1 
ATOM   345  O OE1 . GLU A 1 69  ? -14.921 -8.677  12.361  1.00 40.13  ? 134 GLU A OE1 1 
ATOM   346  O OE2 . GLU A 1 69  ? -15.673 -9.673  14.176  1.00 36.33  ? 134 GLU A OE2 1 
ATOM   347  N N   . PHE A 1 70  ? -11.002 -4.015  14.855  1.00 35.28  ? 135 PHE A N   1 
ATOM   348  C CA  . PHE A 1 70  ? -9.958  -3.059  14.445  1.00 38.93  ? 135 PHE A CA  1 
ATOM   349  C C   . PHE A 1 70  ? -8.909  -3.527  13.428  1.00 35.01  ? 135 PHE A C   1 
ATOM   350  O O   . PHE A 1 70  ? -8.428  -2.699  12.638  1.00 33.90  ? 135 PHE A O   1 
ATOM   351  C CB  . PHE A 1 70  ? -9.241  -2.436  15.677  1.00 41.50  ? 135 PHE A CB  1 
ATOM   352  C CG  . PHE A 1 70  ? -10.185 -1.814  16.686  1.00 43.96  ? 135 PHE A CG  1 
ATOM   353  C CD1 . PHE A 1 70  ? -10.774 -0.551  16.456  1.00 45.92  ? 135 PHE A CD1 1 
ATOM   354  C CD2 . PHE A 1 70  ? -10.506 -2.490  17.866  1.00 45.60  ? 135 PHE A CD2 1 
ATOM   355  C CE1 . PHE A 1 70  ? -11.662 0.018   17.383  1.00 45.79  ? 135 PHE A CE1 1 
ATOM   356  C CE2 . PHE A 1 70  ? -11.393 -1.929  18.796  1.00 47.06  ? 135 PHE A CE2 1 
ATOM   357  C CZ  . PHE A 1 70  ? -11.971 -0.676  18.554  1.00 46.25  ? 135 PHE A CZ  1 
ATOM   358  N N   . TRP A 1 71  ? -8.557  -4.820  13.430  1.00 30.99  ? 136 TRP A N   1 
ATOM   359  C CA  . TRP A 1 71  ? -7.479  -5.305  12.525  1.00 28.97  ? 136 TRP A CA  1 
ATOM   360  C C   . TRP A 1 71  ? -7.840  -5.098  11.048  1.00 27.74  ? 136 TRP A C   1 
ATOM   361  O O   . TRP A 1 71  ? -6.971  -4.879  10.204  1.00 27.56  ? 136 TRP A O   1 
ATOM   362  C CB  . TRP A 1 71  ? -7.102  -6.768  12.776  1.00 25.32  ? 136 TRP A CB  1 
ATOM   363  C CG  . TRP A 1 71  ? -8.208  -7.715  12.465  1.00 24.91  ? 136 TRP A CG  1 
ATOM   364  C CD1 . TRP A 1 71  ? -8.480  -8.288  11.256  1.00 24.08  ? 136 TRP A CD1 1 
ATOM   365  C CD2 . TRP A 1 71  ? -9.195  -8.211  13.381  1.00 24.30  ? 136 TRP A CD2 1 
ATOM   366  N NE1 . TRP A 1 71  ? -9.579  -9.120  11.363  1.00 23.77  ? 136 TRP A NE1 1 
ATOM   367  C CE2 . TRP A 1 71  ? -10.035 -9.092  12.655  1.00 23.71  ? 136 TRP A CE2 1 
ATOM   368  C CE3 . TRP A 1 71  ? -9.456  -7.994  14.755  1.00 25.23  ? 136 TRP A CE3 1 
ATOM   369  C CZ2 . TRP A 1 71  ? -11.144 -9.739  13.244  1.00 24.85  ? 136 TRP A CZ2 1 
ATOM   370  C CZ3 . TRP A 1 71  ? -10.560 -8.636  15.350  1.00 23.47  ? 136 TRP A CZ3 1 
ATOM   371  C CH2 . TRP A 1 71  ? -11.383 -9.499  14.591  1.00 25.18  ? 136 TRP A CH2 1 
ATOM   372  N N   . ARG A 1 72  ? -9.136  -5.157  10.764  1.00 26.21  ? 137 ARG A N   1 
ATOM   373  C CA  . ARG A 1 72  ? -9.642  -5.016  9.418   1.00 24.79  ? 137 ARG A CA  1 
ATOM   374  C C   . ARG A 1 72  ? -9.255  -3.689  8.749   1.00 26.61  ? 137 ARG A C   1 
ATOM   375  O O   . ARG A 1 72  ? -9.169  -3.630  7.512   1.00 28.11  ? 137 ARG A O   1 
ATOM   376  C CB  . ARG A 1 72  ? -11.135 -5.142  9.439   1.00 23.04  ? 137 ARG A CB  1 
ATOM   377  C CG  . ARG A 1 72  ? -11.652 -6.429  10.009  1.00 23.63  ? 137 ARG A CG  1 
ATOM   378  C CD  . ARG A 1 72  ? -13.139 -6.414  9.777   1.00 24.64  ? 137 ARG A CD  1 
ATOM   379  N NE  . ARG A 1 72  ? -13.770 -7.626  10.224  1.00 25.09  ? 137 ARG A NE  1 
ATOM   380  C CZ  . ARG A 1 72  ? -14.052 -8.663  9.445   1.00 28.26  ? 137 ARG A CZ  1 
ATOM   381  N NH1 . ARG A 1 72  ? -13.700 -8.670  8.156   1.00 28.66  ? 137 ARG A NH1 1 
ATOM   382  N NH2 . ARG A 1 72  ? -14.666 -9.728  9.978   1.00 30.96  ? 137 ARG A NH2 1 
ATOM   383  N N   . TYR A 1 73  ? -9.019  -2.640  9.550   1.00 26.57  ? 138 TYR A N   1 
ATOM   384  C CA  . TYR A 1 73  ? -8.578  -1.341  9.027   1.00 27.38  ? 138 TYR A CA  1 
ATOM   385  C C   . TYR A 1 73  ? -7.162  -1.378  8.474   1.00 27.73  ? 138 TYR A C   1 
ATOM   386  O O   . TYR A 1 73  ? -6.720  -0.443  7.808   1.00 28.39  ? 138 TYR A O   1 
ATOM   387  C CB  . TYR A 1 73  ? -8.725  -0.236  10.088  1.00 26.44  ? 138 TYR A CB  1 
ATOM   388  C CG  . TYR A 1 73  ? -10.129 -0.139  10.610  1.00 26.10  ? 138 TYR A CG  1 
ATOM   389  C CD1 . TYR A 1 73  ? -10.389 -0.267  11.968  1.00 26.34  ? 138 TYR A CD1 1 
ATOM   390  C CD2 . TYR A 1 73  ? -11.220 0.042   9.731   1.00 27.98  ? 138 TYR A CD2 1 
ATOM   391  C CE1 . TYR A 1 73  ? -11.684 -0.202  12.458  1.00 25.80  ? 138 TYR A CE1 1 
ATOM   392  C CE2 . TYR A 1 73  ? -12.524 0.101   10.201  1.00 27.52  ? 138 TYR A CE2 1 
ATOM   393  C CZ  . TYR A 1 73  ? -12.749 -0.032  11.564  1.00 27.27  ? 138 TYR A CZ  1 
ATOM   394  O OH  . TYR A 1 73  ? -14.037 0.037   12.024  1.00 26.20  ? 138 TYR A OH  1 
ATOM   395  N N   . PHE A 1 74  ? -6.461  -2.463  8.755   1.00 27.45  ? 139 PHE A N   1 
ATOM   396  C CA  . PHE A 1 74  ? -5.085  -2.622  8.317   1.00 30.69  ? 139 PHE A CA  1 
ATOM   397  C C   . PHE A 1 74  ? -4.846  -3.908  7.525   1.00 29.74  ? 139 PHE A C   1 
ATOM   398  O O   . PHE A 1 74  ? -3.968  -3.903  6.636   1.00 27.49  ? 139 PHE A O   1 
ATOM   399  C CB  . PHE A 1 74  ? -4.112  -2.519  9.503   1.00 32.24  ? 139 PHE A CB  1 
ATOM   400  C CG  . PHE A 1 74  ? -4.336  -1.288  10.373  1.00 36.70  ? 139 PHE A CG  1 
ATOM   401  C CD1 . PHE A 1 74  ? -5.256  -1.309  11.445  1.00 36.63  ? 139 PHE A CD1 1 
ATOM   402  C CD2 . PHE A 1 74  ? -3.638  -0.097  10.122  1.00 34.79  ? 139 PHE A CD2 1 
ATOM   403  C CE1 . PHE A 1 74  ? -5.457  -0.178  12.241  1.00 36.39  ? 139 PHE A CE1 1 
ATOM   404  C CE2 . PHE A 1 74  ? -3.839  1.030   10.923  1.00 35.49  ? 139 PHE A CE2 1 
ATOM   405  C CZ  . PHE A 1 74  ? -4.745  0.993   11.979  1.00 35.71  ? 139 PHE A CZ  1 
ATOM   406  N N   . THR A 1 75  ? -5.618  -4.973  7.818   1.00 26.33  ? 140 THR A N   1 
ATOM   407  C CA  . THR A 1 75  ? -5.322  -6.288  7.252   1.00 27.00  ? 140 THR A CA  1 
ATOM   408  C C   . THR A 1 75  ? -5.736  -6.445  5.806   1.00 25.74  ? 140 THR A C   1 
ATOM   409  O O   . THR A 1 75  ? -5.319  -7.433  5.152   1.00 25.89  ? 140 THR A O   1 
ATOM   410  C CB  . THR A 1 75  ? -5.911  -7.495  8.019   1.00 28.86  ? 140 THR A CB  1 
ATOM   411  O OG1 . THR A 1 75  ? -7.327  -7.514  7.853   1.00 31.66  ? 140 THR A OG1 1 
ATOM   412  C CG2 . THR A 1 75  ? -5.489  -7.519  9.512   1.00 28.72  ? 140 THR A CG2 1 
ATOM   413  N N   . HIS A 1 76  ? -6.536  -5.499  5.302   1.00 23.07  ? 141 HIS A N   1 
ATOM   414  C CA  . HIS A 1 76  ? -6.881  -5.472  3.881   1.00 22.82  ? 141 HIS A CA  1 
ATOM   415  C C   . HIS A 1 76  ? -5.613  -5.313  3.034   1.00 24.43  ? 141 HIS A C   1 
ATOM   416  O O   . HIS A 1 76  ? -5.574  -5.773  1.873   1.00 25.00  ? 141 HIS A O   1 
ATOM   417  C CB  . HIS A 1 76  ? -7.882  -4.352  3.591   1.00 22.39  ? 141 HIS A CB  1 
ATOM   418  C CG  . HIS A 1 76  ? -7.353  -2.989  3.918   1.00 23.03  ? 141 HIS A CG  1 
ATOM   419  N ND1 . HIS A 1 76  ? -6.515  -2.282  3.075   1.00 21.41  ? 141 HIS A ND1 1 
ATOM   420  C CD2 . HIS A 1 76  ? -7.502  -2.218  5.024   1.00 23.22  ? 141 HIS A CD2 1 
ATOM   421  C CE1 . HIS A 1 76  ? -6.202  -1.124  3.631   1.00 20.80  ? 141 HIS A CE1 1 
ATOM   422  N NE2 . HIS A 1 76  ? -6.782  -1.061  4.815   1.00 21.22  ? 141 HIS A NE2 1 
ATOM   423  N N   . ALA A 1 77  ? -4.587  -4.645  3.602   1.00 25.03  ? 142 ALA A N   1 
ATOM   424  C CA  . ALA A 1 77  ? -3.284  -4.441  2.933   1.00 24.62  ? 142 ALA A CA  1 
ATOM   425  C C   . ALA A 1 77  ? -2.573  -5.763  2.676   1.00 26.61  ? 142 ALA A C   1 
ATOM   426  O O   . ALA A 1 77  ? -1.802  -5.875  1.733   1.00 29.20  ? 142 ALA A O   1 
ATOM   427  C CB  . ALA A 1 77  ? -2.394  -3.509  3.757   1.00 24.68  ? 142 ALA A CB  1 
ATOM   428  N N   . LEU A 1 78  ? -2.860  -6.771  3.503   1.00 26.98  ? 143 LEU A N   1 
ATOM   429  C CA  . LEU A 1 78  ? -2.224  -8.093  3.412   1.00 26.95  ? 143 LEU A CA  1 
ATOM   430  C C   . LEU A 1 78  ? -2.762  -9.017  2.332   1.00 27.56  ? 143 LEU A C   1 
ATOM   431  O O   . LEU A 1 78  ? -2.114  -10.008 1.987   1.00 32.89  ? 143 LEU A O   1 
ATOM   432  C CB  . LEU A 1 78  ? -2.303  -8.790  4.781   1.00 25.04  ? 143 LEU A CB  1 
ATOM   433  C CG  . LEU A 1 78  ? -1.557  -7.943  5.825   1.00 25.06  ? 143 LEU A CG  1 
ATOM   434  C CD1 . LEU A 1 78  ? -1.713  -8.509  7.235   1.00 23.90  ? 143 LEU A CD1 1 
ATOM   435  C CD2 . LEU A 1 78  ? -0.105  -7.809  5.389   1.00 22.07  ? 143 LEU A CD2 1 
ATOM   436  N N   . MET A 1 79  ? -3.940  -8.735  1.807   1.00 26.22  ? 144 MET A N   1 
ATOM   437  C CA  . MET A 1 79  ? -4.577  -9.660  0.874   1.00 28.10  ? 144 MET A CA  1 
ATOM   438  C C   . MET A 1 79  ? -4.225  -9.419  -0.615  1.00 30.81  ? 144 MET A C   1 
ATOM   439  O O   . MET A 1 79  ? -4.235  -8.283  -1.091  1.00 32.14  ? 144 MET A O   1 
ATOM   440  C CB  . MET A 1 79  ? -6.084  -9.624  1.051   1.00 26.79  ? 144 MET A CB  1 
ATOM   441  C CG  . MET A 1 79  ? -6.580  -10.127 2.392   1.00 29.10  ? 144 MET A CG  1 
ATOM   442  S SD  . MET A 1 79  ? -8.379  -10.153 2.380   1.00 31.86  ? 144 MET A SD  1 
ATOM   443  C CE  . MET A 1 79  ? -8.739  -8.392  2.370   1.00 28.58  ? 144 MET A CE  1 
ATOM   444  N N   . HIS A 1 80  ? -3.920  -10.494 -1.349  1.00 31.29  ? 145 HIS A N   1 
ATOM   445  C CA  . HIS A 1 80  ? -3.680  -10.402 -2.790  1.00 29.93  ? 145 HIS A CA  1 
ATOM   446  C C   . HIS A 1 80  ? -4.384  -11.520 -3.537  1.00 33.54  ? 145 HIS A C   1 
ATOM   447  O O   . HIS A 1 80  ? -4.573  -12.621 -2.993  1.00 35.46  ? 145 HIS A O   1 
ATOM   448  C CB  . HIS A 1 80  ? -2.193  -10.405 -3.086  1.00 27.64  ? 145 HIS A CB  1 
ATOM   449  C CG  . HIS A 1 80  ? -1.475  -9.230  -2.514  1.00 25.58  ? 145 HIS A CG  1 
ATOM   450  N ND1 . HIS A 1 80  ? -1.026  -9.198  -1.212  1.00 24.34  ? 145 HIS A ND1 1 
ATOM   451  C CD2 . HIS A 1 80  ? -1.150  -8.036  -3.058  1.00 24.87  ? 145 HIS A CD2 1 
ATOM   452  C CE1 . HIS A 1 80  ? -0.440  -8.038  -0.982  1.00 24.65  ? 145 HIS A CE1 1 
ATOM   453  N NE2 . HIS A 1 80  ? -0.510  -7.310  -2.083  1.00 24.91  ? 145 HIS A NE2 1 
ATOM   454  N N   . PHE A 1 81  ? -4.736  -11.237 -4.787  1.00 34.94  ? 146 PHE A N   1 
ATOM   455  C CA  . PHE A 1 81  ? -5.654  -12.085 -5.541  1.00 39.40  ? 146 PHE A CA  1 
ATOM   456  C C   . PHE A 1 81  ? -5.017  -12.706 -6.795  1.00 42.91  ? 146 PHE A C   1 
ATOM   457  O O   . PHE A 1 81  ? -5.724  -13.300 -7.637  1.00 45.55  ? 146 PHE A O   1 
ATOM   458  C CB  . PHE A 1 81  ? -6.940  -11.293 -5.890  1.00 37.67  ? 146 PHE A CB  1 
ATOM   459  C CG  . PHE A 1 81  ? -7.482  -10.467 -4.742  1.00 35.44  ? 146 PHE A CG  1 
ATOM   460  C CD1 . PHE A 1 81  ? -7.185  -9.115  -4.651  1.00 34.70  ? 146 PHE A CD1 1 
ATOM   461  C CD2 . PHE A 1 81  ? -8.277  -11.040 -3.739  1.00 33.96  ? 146 PHE A CD2 1 
ATOM   462  C CE1 . PHE A 1 81  ? -7.667  -8.363  -3.585  1.00 33.57  ? 146 PHE A CE1 1 
ATOM   463  C CE2 . PHE A 1 81  ? -8.773  -10.285 -2.673  1.00 31.72  ? 146 PHE A CE2 1 
ATOM   464  C CZ  . PHE A 1 81  ? -8.451  -8.947  -2.589  1.00 32.18  ? 146 PHE A CZ  1 
ATOM   465  N N   . SER A 1 82  ? -3.695  -12.568 -6.918  1.00 43.15  ? 147 SER A N   1 
ATOM   466  C CA  . SER A 1 82  ? -2.933  -13.232 -7.975  1.00 42.49  ? 147 SER A CA  1 
ATOM   467  C C   . SER A 1 82  ? -1.451  -13.142 -7.672  1.00 44.53  ? 147 SER A C   1 
ATOM   468  O O   . SER A 1 82  ? -1.004  -12.193 -7.030  1.00 45.98  ? 147 SER A O   1 
ATOM   469  C CB  . SER A 1 82  ? -3.244  -12.633 -9.349  1.00 39.74  ? 147 SER A CB  1 
ATOM   470  O OG  . SER A 1 82  ? -2.562  -11.416 -9.529  1.00 43.25  ? 147 SER A OG  1 
ATOM   471  N N   . LEU A 1 83  ? -0.700  -14.136 -8.141  1.00 46.58  ? 148 LEU A N   1 
ATOM   472  C CA  . LEU A 1 83  ? 0.756   -14.121 -8.076  1.00 46.92  ? 148 LEU A CA  1 
ATOM   473  C C   . LEU A 1 83  ? 1.298   -12.815 -8.600  1.00 43.95  ? 148 LEU A C   1 
ATOM   474  O O   . LEU A 1 83  ? 2.234   -12.270 -8.040  1.00 43.33  ? 148 LEU A O   1 
ATOM   475  C CB  . LEU A 1 83  ? 1.347   -15.277 -8.890  1.00 52.28  ? 148 LEU A CB  1 
ATOM   476  C CG  . LEU A 1 83  ? 2.715   -15.806 -8.440  1.00 55.22  ? 148 LEU A CG  1 
ATOM   477  C CD1 . LEU A 1 83  ? 2.761   -15.981 -6.922  1.00 53.51  ? 148 LEU A CD1 1 
ATOM   478  C CD2 . LEU A 1 83  ? 3.031   -17.122 -9.146  1.00 54.44  ? 148 LEU A CD2 1 
ATOM   479  N N   . MET A 1 84  ? 0.686   -12.325 -9.673  1.00 42.88  ? 149 MET A N   1 
ATOM   480  C CA  . MET A 1 84  ? 1.075   -11.068 -10.274 1.00 47.11  ? 149 MET A CA  1 
ATOM   481  C C   . MET A 1 84  ? 0.818   -9.895  -9.328  1.00 45.36  ? 149 MET A C   1 
ATOM   482  O O   . MET A 1 84  ? 1.699   -9.047  -9.138  1.00 44.00  ? 149 MET A O   1 
ATOM   483  C CB  . MET A 1 84  ? 0.395   -10.855 -11.632 1.00 50.96  ? 149 MET A CB  1 
ATOM   484  C CG  . MET A 1 84  ? 0.960   -9.667  -12.416 1.00 60.70  ? 149 MET A CG  1 
ATOM   485  S SD  . MET A 1 84  ? 2.747   -9.359  -12.208 1.00 72.33  ? 149 MET A SD  1 
ATOM   486  C CE  . MET A 1 84  ? 3.006   -7.793  -13.053 1.00 71.01  ? 149 MET A CE  1 
ATOM   487  N N   . HIS A 1 85  ? -0.377  -9.880  -8.732  1.00 40.59  ? 150 HIS A N   1 
ATOM   488  C CA  . HIS A 1 85  ? -0.775  -8.869  -7.754  1.00 35.38  ? 150 HIS A CA  1 
ATOM   489  C C   . HIS A 1 85  ? 0.250   -8.769  -6.612  1.00 35.72  ? 150 HIS A C   1 
ATOM   490  O O   . HIS A 1 85  ? 0.773   -7.681  -6.333  1.00 34.82  ? 150 HIS A O   1 
ATOM   491  C CB  . HIS A 1 85  ? -2.185  -9.195  -7.214  1.00 32.68  ? 150 HIS A CB  1 
ATOM   492  C CG  . HIS A 1 85  ? -2.796  -8.124  -6.354  1.00 27.51  ? 150 HIS A CG  1 
ATOM   493  N ND1 . HIS A 1 85  ? -3.857  -8.370  -5.502  1.00 24.63  ? 150 HIS A ND1 1 
ATOM   494  C CD2 . HIS A 1 85  ? -2.503  -6.807  -6.217  1.00 25.37  ? 150 HIS A CD2 1 
ATOM   495  C CE1 . HIS A 1 85  ? -4.190  -7.252  -4.879  1.00 23.69  ? 150 HIS A CE1 1 
ATOM   496  N NE2 . HIS A 1 85  ? -3.377  -6.293  -5.287  1.00 25.02  ? 150 HIS A NE2 1 
ATOM   497  N N   . ILE A 1 86  ? 0.544   -9.904  -5.983  1.00 34.90  ? 151 ILE A N   1 
ATOM   498  C CA  . ILE A 1 86  ? 1.430   -9.921  -4.826  1.00 38.13  ? 151 ILE A CA  1 
ATOM   499  C C   . ILE A 1 86  ? 2.908   -9.633  -5.178  1.00 39.31  ? 151 ILE A C   1 
ATOM   500  O O   . ILE A 1 86  ? 3.572   -8.839  -4.487  1.00 39.98  ? 151 ILE A O   1 
ATOM   501  C CB  . ILE A 1 86  ? 1.287   -11.220 -4.022  1.00 38.09  ? 151 ILE A CB  1 
ATOM   502  C CG1 . ILE A 1 86  ? 2.030   -11.090 -2.683  1.00 38.32  ? 151 ILE A CG1 1 
ATOM   503  C CG2 . ILE A 1 86  ? 1.753   -12.424 -4.851  1.00 38.67  ? 151 ILE A CG2 1 
ATOM   504  C CD1 . ILE A 1 86  ? 1.991   -12.326 -1.796  1.00 39.36  ? 151 ILE A CD1 1 
ATOM   505  N N   . LEU A 1 87  ? 3.403   -10.264 -6.244  1.00 38.43  ? 152 LEU A N   1 
ATOM   506  C CA  . LEU A 1 87  ? 4.793   -10.098 -6.651  1.00 40.97  ? 152 LEU A CA  1 
ATOM   507  C C   . LEU A 1 87  ? 5.067   -8.667  -7.086  1.00 41.84  ? 152 LEU A C   1 
ATOM   508  O O   . LEU A 1 87  ? 6.114   -8.104  -6.762  1.00 41.62  ? 152 LEU A O   1 
ATOM   509  C CB  . LEU A 1 87  ? 5.175   -11.080 -7.765  1.00 43.78  ? 152 LEU A CB  1 
ATOM   510  C CG  . LEU A 1 87  ? 6.176   -12.169 -7.356  1.00 46.48  ? 152 LEU A CG  1 
ATOM   511  C CD1 . LEU A 1 87  ? 5.529   -13.248 -6.502  1.00 46.98  ? 152 LEU A CD1 1 
ATOM   512  C CD2 . LEU A 1 87  ? 6.910   -12.753 -8.560  1.00 48.13  ? 152 LEU A CD2 1 
ATOM   513  N N   . PHE A 1 88  ? 4.108   -8.085  -7.801  1.00 40.67  ? 153 PHE A N   1 
ATOM   514  C CA  . PHE A 1 88  ? 4.243   -6.722  -8.248  1.00 44.21  ? 153 PHE A CA  1 
ATOM   515  C C   . PHE A 1 88  ? 4.242   -5.768  -7.065  1.00 41.41  ? 153 PHE A C   1 
ATOM   516  O O   . PHE A 1 88  ? 4.999   -4.812  -7.063  1.00 42.48  ? 153 PHE A O   1 
ATOM   517  C CB  . PHE A 1 88  ? 3.134   -6.361  -9.223  1.00 48.93  ? 153 PHE A CB  1 
ATOM   518  C CG  . PHE A 1 88  ? 3.361   -5.062  -9.952  1.00 55.54  ? 153 PHE A CG  1 
ATOM   519  C CD1 . PHE A 1 88  ? 4.461   -4.901  -10.820 1.00 52.19  ? 153 PHE A CD1 1 
ATOM   520  C CD2 . PHE A 1 88  ? 2.457   -3.984  -9.794  1.00 55.76  ? 153 PHE A CD2 1 
ATOM   521  C CE1 . PHE A 1 88  ? 4.655   -3.697  -11.511 1.00 48.43  ? 153 PHE A CE1 1 
ATOM   522  C CE2 . PHE A 1 88  ? 2.650   -2.776  -10.486 1.00 52.80  ? 153 PHE A CE2 1 
ATOM   523  C CZ  . PHE A 1 88  ? 3.751   -2.649  -11.345 1.00 49.72  ? 153 PHE A CZ  1 
ATOM   524  N N   . ASN A 1 89  ? 3.412   -6.064  -6.064  1.00 36.14  ? 154 ASN A N   1 
ATOM   525  C CA  . ASN A 1 89  ? 3.329   -5.273  -4.834  1.00 33.32  ? 154 ASN A CA  1 
ATOM   526  C C   . ASN A 1 89  ? 4.536   -5.434  -3.924  1.00 34.02  ? 154 ASN A C   1 
ATOM   527  O O   . ASN A 1 89  ? 5.079   -4.440  -3.412  1.00 32.72  ? 154 ASN A O   1 
ATOM   528  C CB  . ASN A 1 89  ? 2.060   -5.613  -4.045  1.00 31.83  ? 154 ASN A CB  1 
ATOM   529  C CG  . ASN A 1 89  ? 0.866   -4.779  -4.467  1.00 31.93  ? 154 ASN A CG  1 
ATOM   530  O OD1 . ASN A 1 89  ? 0.893   -4.065  -5.468  1.00 28.92  ? 154 ASN A OD1 1 
ATOM   531  N ND2 . ASN A 1 89  ? -0.204  -4.888  -3.711  1.00 34.49  ? 154 ASN A ND2 1 
ATOM   532  N N   . LEU A 1 90  ? 4.958   -6.684  -3.727  1.00 32.14  ? 155 LEU A N   1 
ATOM   533  C CA  . LEU A 1 90  ? 6.116   -6.940  -2.912  1.00 30.05  ? 155 LEU A CA  1 
ATOM   534  C C   . LEU A 1 90  ? 7.377   -6.378  -3.534  1.00 30.05  ? 155 LEU A C   1 
ATOM   535  O O   . LEU A 1 90  ? 8.219   -5.859  -2.815  1.00 30.03  ? 155 LEU A O   1 
ATOM   536  C CB  . LEU A 1 90  ? 6.246   -8.407  -2.596  1.00 29.97  ? 155 LEU A CB  1 
ATOM   537  C CG  . LEU A 1 90  ? 5.137   -8.886  -1.660  1.00 30.18  ? 155 LEU A CG  1 
ATOM   538  C CD1 . LEU A 1 90  ? 5.451   -10.282 -1.136  1.00 30.00  ? 155 LEU A CD1 1 
ATOM   539  C CD2 . LEU A 1 90  ? 4.914   -7.906  -0.523  1.00 29.39  ? 155 LEU A CD2 1 
ATOM   540  N N   . LEU A 1 91  ? 7.477   -6.437  -4.859  1.00 29.94  ? 156 LEU A N   1 
ATOM   541  C CA  . LEU A 1 91  ? 8.596   -5.835  -5.563  1.00 33.59  ? 156 LEU A CA  1 
ATOM   542  C C   . LEU A 1 91  ? 8.755   -4.361  -5.168  1.00 34.31  ? 156 LEU A C   1 
ATOM   543  O O   . LEU A 1 91  ? 9.767   -3.975  -4.561  1.00 32.11  ? 156 LEU A O   1 
ATOM   544  C CB  . LEU A 1 91  ? 8.438   -5.960  -7.089  1.00 39.76  ? 156 LEU A CB  1 
ATOM   545  C CG  . LEU A 1 91  ? 9.457   -5.086  -7.857  1.00 44.98  ? 156 LEU A CG  1 
ATOM   546  C CD1 . LEU A 1 91  ? 10.874  -5.625  -7.614  1.00 46.38  ? 156 LEU A CD1 1 
ATOM   547  C CD2 . LEU A 1 91  ? 9.150   -4.888  -9.352  1.00 43.98  ? 156 LEU A CD2 1 
ATOM   548  N N   . TRP A 1 92  ? 7.752   -3.558  -5.517  1.00 33.56  ? 157 TRP A N   1 
ATOM   549  C CA  . TRP A 1 92  ? 7.707   -2.165  -5.110  1.00 35.39  ? 157 TRP A CA  1 
ATOM   550  C C   . TRP A 1 92  ? 7.962   -1.973  -3.602  1.00 33.58  ? 157 TRP A C   1 
ATOM   551  O O   . TRP A 1 92  ? 8.789   -1.142  -3.196  1.00 32.04  ? 157 TRP A O   1 
ATOM   552  C CB  . TRP A 1 92  ? 6.376   -1.537  -5.534  1.00 36.50  ? 157 TRP A CB  1 
ATOM   553  C CG  . TRP A 1 92  ? 6.326   -1.238  -6.979  1.00 37.54  ? 157 TRP A CG  1 
ATOM   554  C CD1 . TRP A 1 92  ? 5.712   -1.974  -7.945  1.00 38.99  ? 157 TRP A CD1 1 
ATOM   555  C CD2 . TRP A 1 92  ? 6.952   -0.136  -7.645  1.00 40.16  ? 157 TRP A CD2 1 
ATOM   556  N NE1 . TRP A 1 92  ? 5.910   -1.397  -9.184  1.00 41.68  ? 157 TRP A NE1 1 
ATOM   557  C CE2 . TRP A 1 92  ? 6.664   -0.266  -9.029  1.00 40.84  ? 157 TRP A CE2 1 
ATOM   558  C CE3 . TRP A 1 92  ? 7.739   0.946   -7.213  1.00 40.47  ? 157 TRP A CE3 1 
ATOM   559  C CZ2 . TRP A 1 92  ? 7.130   0.651   -9.988  1.00 44.38  ? 157 TRP A CZ2 1 
ATOM   560  C CZ3 . TRP A 1 92  ? 8.196   1.876   -8.178  1.00 44.00  ? 157 TRP A CZ3 1 
ATOM   561  C CH2 . TRP A 1 92  ? 7.885   1.718   -9.546  1.00 43.86  ? 157 TRP A CH2 1 
ATOM   562  N N   . TRP A 1 93  ? 7.268   -2.761  -2.781  1.00 31.66  ? 158 TRP A N   1 
ATOM   563  C CA  . TRP A 1 93  ? 7.425   -2.657  -1.339  1.00 28.94  ? 158 TRP A CA  1 
ATOM   564  C C   . TRP A 1 93  ? 8.869   -2.899  -0.887  1.00 28.89  ? 158 TRP A C   1 
ATOM   565  O O   . TRP A 1 93  ? 9.388   -2.184  -0.023  1.00 25.56  ? 158 TRP A O   1 
ATOM   566  C CB  . TRP A 1 93  ? 6.460   -3.591  -0.611  1.00 26.96  ? 158 TRP A CB  1 
ATOM   567  C CG  . TRP A 1 93  ? 6.798   -3.748  0.814   1.00 25.82  ? 158 TRP A CG  1 
ATOM   568  C CD1 . TRP A 1 93  ? 7.636   -4.686  1.343   1.00 26.51  ? 158 TRP A CD1 1 
ATOM   569  C CD2 . TRP A 1 93  ? 6.375   -2.926  1.910   1.00 24.66  ? 158 TRP A CD2 1 
ATOM   570  N NE1 . TRP A 1 93  ? 7.759   -4.505  2.705   1.00 26.24  ? 158 TRP A NE1 1 
ATOM   571  C CE2 . TRP A 1 93  ? 6.988   -3.439  3.083   1.00 25.76  ? 158 TRP A CE2 1 
ATOM   572  C CE3 . TRP A 1 93  ? 5.533   -1.823  2.028   1.00 23.34  ? 158 TRP A CE3 1 
ATOM   573  C CZ2 . TRP A 1 93  ? 6.770   -2.878  4.364   1.00 25.29  ? 158 TRP A CZ2 1 
ATOM   574  C CZ3 . TRP A 1 93  ? 5.319   -1.260  3.317   1.00 22.14  ? 158 TRP A CZ3 1 
ATOM   575  C CH2 . TRP A 1 93  ? 5.917   -1.800  4.453   1.00 23.02  ? 158 TRP A CH2 1 
ATOM   576  N N   . TRP A 1 94  ? 9.490   -3.934  -1.447  1.00 30.50  ? 159 TRP A N   1 
ATOM   577  C CA  . TRP A 1 94  ? 10.876  -4.255  -1.096  1.00 31.56  ? 159 TRP A CA  1 
ATOM   578  C C   . TRP A 1 94  ? 11.775  -3.093  -1.520  1.00 29.75  ? 159 TRP A C   1 
ATOM   579  O O   . TRP A 1 94  ? 12.525  -2.563  -0.712  1.00 29.03  ? 159 TRP A O   1 
ATOM   580  C CB  . TRP A 1 94  ? 11.317  -5.617  -1.674  1.00 33.69  ? 159 TRP A CB  1 
ATOM   581  C CG  . TRP A 1 94  ? 12.809  -5.880  -1.549  1.00 37.72  ? 159 TRP A CG  1 
ATOM   582  C CD1 . TRP A 1 94  ? 13.472  -6.432  -0.485  1.00 36.84  ? 159 TRP A CD1 1 
ATOM   583  C CD2 . TRP A 1 94  ? 13.818  -5.566  -2.536  1.00 37.16  ? 159 TRP A CD2 1 
ATOM   584  N NE1 . TRP A 1 94  ? 14.829  -6.475  -0.752  1.00 36.02  ? 159 TRP A NE1 1 
ATOM   585  C CE2 . TRP A 1 94  ? 15.065  -5.960  -2.000  1.00 35.40  ? 159 TRP A CE2 1 
ATOM   586  C CE3 . TRP A 1 94  ? 13.782  -4.973  -3.817  1.00 37.73  ? 159 TRP A CE3 1 
ATOM   587  C CZ2 . TRP A 1 94  ? 16.274  -5.794  -2.700  1.00 38.04  ? 159 TRP A CZ2 1 
ATOM   588  C CZ3 . TRP A 1 94  ? 14.994  -4.807  -4.526  1.00 38.87  ? 159 TRP A CZ3 1 
ATOM   589  C CH2 . TRP A 1 94  ? 16.225  -5.202  -3.947  1.00 38.21  ? 159 TRP A CH2 1 
ATOM   590  N N   . TYR A 1 95  ? 11.636  -2.666  -2.768  1.00 30.98  ? 160 TYR A N   1 
ATOM   591  C CA  . TYR A 1 95  ? 12.406  -1.548  -3.304  1.00 31.94  ? 160 TYR A CA  1 
ATOM   592  C C   . TYR A 1 95  ? 12.189  -0.206  -2.566  1.00 31.14  ? 160 TYR A C   1 
ATOM   593  O O   . TYR A 1 95  ? 13.144  0.494   -2.233  1.00 31.32  ? 160 TYR A O   1 
ATOM   594  C CB  . TYR A 1 95  ? 12.161  -1.405  -4.821  1.00 33.68  ? 160 TYR A CB  1 
ATOM   595  C CG  . TYR A 1 95  ? 13.005  -0.314  -5.433  1.00 36.50  ? 160 TYR A CG  1 
ATOM   596  C CD1 . TYR A 1 95  ? 12.441  0.927   -5.787  1.00 38.11  ? 160 TYR A CD1 1 
ATOM   597  C CD2 . TYR A 1 95  ? 14.376  -0.502  -5.633  1.00 38.81  ? 160 TYR A CD2 1 
ATOM   598  C CE1 . TYR A 1 95  ? 13.223  1.950   -6.337  1.00 39.47  ? 160 TYR A CE1 1 
ATOM   599  C CE2 . TYR A 1 95  ? 15.170  0.507   -6.178  1.00 42.16  ? 160 TYR A CE2 1 
ATOM   600  C CZ  . TYR A 1 95  ? 14.592  1.728   -6.516  1.00 41.36  ? 160 TYR A CZ  1 
ATOM   601  O OH  . TYR A 1 95  ? 15.384  2.714   -7.036  1.00 42.87  ? 160 TYR A OH  1 
ATOM   602  N N   . LEU A 1 96  ? 10.934  0.158   -2.327  1.00 30.85  ? 161 LEU A N   1 
ATOM   603  C CA  . LEU A 1 96  ? 10.638  1.436   -1.679  1.00 28.77  ? 161 LEU A CA  1 
ATOM   604  C C   . LEU A 1 96  ? 10.633  1.341   -0.150  1.00 28.93  ? 161 LEU A C   1 
ATOM   605  O O   . LEU A 1 96  ? 11.139  2.254   0.545   1.00 27.38  ? 161 LEU A O   1 
ATOM   606  C CB  . LEU A 1 96  ? 9.304   2.012   -2.177  1.00 28.43  ? 161 LEU A CB  1 
ATOM   607  C CG  . LEU A 1 96  ? 9.113   2.285   -3.678  1.00 29.12  ? 161 LEU A CG  1 
ATOM   608  C CD1 . LEU A 1 96  ? 7.641   2.573   -3.968  1.00 29.18  ? 161 LEU A CD1 1 
ATOM   609  C CD2 . LEU A 1 96  ? 10.030  3.378   -4.206  1.00 26.14  ? 161 LEU A CD2 1 
ATOM   610  N N   . GLY A 1 97  ? 10.015  0.275   0.378   1.00 27.05  ? 162 GLY A N   1 
ATOM   611  C CA  . GLY A 1 97  ? 9.997   0.048   1.824   1.00 26.03  ? 162 GLY A CA  1 
ATOM   612  C C   . GLY A 1 97  ? 11.413  -0.106  2.364   1.00 25.40  ? 162 GLY A C   1 
ATOM   613  O O   . GLY A 1 97  ? 11.765  0.503   3.369   1.00 25.29  ? 162 GLY A O   1 
ATOM   614  N N   . GLY A 1 98  ? 12.219  -0.904  1.669   1.00 24.73  ? 163 GLY A N   1 
ATOM   615  C CA  . GLY A 1 98  ? 13.623  -1.076  1.995   1.00 27.72  ? 163 GLY A CA  1 
ATOM   616  C C   . GLY A 1 98  ? 14.357  0.245   2.207   1.00 28.96  ? 163 GLY A C   1 
ATOM   617  O O   . GLY A 1 98  ? 14.988  0.432   3.247   1.00 32.81  ? 163 GLY A O   1 
ATOM   618  N N   . ALA A 1 99  ? 14.237  1.157   1.243   1.00 26.87  ? 164 ALA A N   1 
ATOM   619  C CA  . ALA A 1 99  ? 14.919  2.457   1.243   1.00 26.76  ? 164 ALA A CA  1 
ATOM   620  C C   . ALA A 1 99  ? 14.551  3.306   2.463   1.00 28.24  ? 164 ALA A C   1 
ATOM   621  O O   . ALA A 1 99  ? 15.431  3.891   3.125   1.00 28.39  ? 164 ALA A O   1 
ATOM   622  C CB  . ALA A 1 99  ? 14.614  3.217   -0.055  1.00 25.28  ? 164 ALA A CB  1 
ATOM   623  N N   . VAL A 1 100 ? 13.260  3.363   2.768   1.00 27.69  ? 165 VAL A N   1 
ATOM   624  C CA  . VAL A 1 100 ? 12.805  4.128   3.925   1.00 28.62  ? 165 VAL A CA  1 
ATOM   625  C C   . VAL A 1 100 ? 13.311  3.475   5.204   1.00 30.07  ? 165 VAL A C   1 
ATOM   626  O O   . VAL A 1 100 ? 13.706  4.161   6.125   1.00 32.10  ? 165 VAL A O   1 
ATOM   627  C CB  . VAL A 1 100 ? 11.262  4.216   3.970   1.00 27.45  ? 165 VAL A CB  1 
ATOM   628  C CG1 . VAL A 1 100 ? 10.764  4.813   5.279   1.00 25.93  ? 165 VAL A CG1 1 
ATOM   629  C CG2 . VAL A 1 100 ? 10.737  4.990   2.764   1.00 26.47  ? 165 VAL A CG2 1 
ATOM   630  N N   . GLU A 1 101 ? 13.274  2.151   5.276   1.00 32.01  ? 166 GLU A N   1 
ATOM   631  C CA  . GLU A 1 101 ? 13.723  1.462   6.484   1.00 31.28  ? 166 GLU A CA  1 
ATOM   632  C C   . GLU A 1 101 ? 15.212  1.727   6.709   1.00 29.85  ? 166 GLU A C   1 
ATOM   633  O O   . GLU A 1 101 ? 15.576  2.237   7.756   1.00 28.13  ? 166 GLU A O   1 
ATOM   634  C CB  . GLU A 1 101 ? 13.448  -0.033  6.422   1.00 32.21  ? 166 GLU A CB  1 
ATOM   635  C CG  . GLU A 1 101 ? 13.810  -0.722  7.721   1.00 33.14  ? 166 GLU A CG  1 
ATOM   636  C CD  . GLU A 1 101 ? 12.975  -1.946  7.983   1.00 34.80  ? 166 GLU A CD  1 
ATOM   637  O OE1 . GLU A 1 101 ? 12.457  -2.557  7.016   1.00 32.78  ? 166 GLU A OE1 1 
ATOM   638  O OE2 . GLU A 1 101 ? 12.846  -2.291  9.176   1.00 36.52  ? 166 GLU A OE2 1 
ATOM   639  N N   . LYS A 1 102 ? 16.039  1.397   5.718   1.00 28.47  ? 167 LYS A N   1 
ATOM   640  C CA  . LYS A 1 102 ? 17.471  1.683   5.751   1.00 32.93  ? 167 LYS A CA  1 
ATOM   641  C C   . LYS A 1 102 ? 17.799  3.146   6.127   1.00 34.03  ? 167 LYS A C   1 
ATOM   642  O O   . LYS A 1 102 ? 18.362  3.401   7.193   1.00 32.76  ? 167 LYS A O   1 
ATOM   643  C CB  . LYS A 1 102 ? 18.119  1.303   4.416   1.00 37.02  ? 167 LYS A CB  1 
ATOM   644  C CG  . LYS A 1 102 ? 19.490  1.908   4.207   1.00 44.74  ? 167 LYS A CG  1 
ATOM   645  C CD  . LYS A 1 102 ? 20.137  1.402   2.918   1.00 55.43  ? 167 LYS A CD  1 
ATOM   646  C CE  . LYS A 1 102 ? 20.455  -0.097  2.945   1.00 65.42  ? 167 LYS A CE  1 
ATOM   647  N NZ  . LYS A 1 102 ? 20.933  -0.649  4.259   1.00 69.13  ? 167 LYS A NZ  1 
ATOM   648  N N   . ARG A 1 103 ? 17.412  4.087   5.258   1.00 33.91  ? 168 ARG A N   1 
ATOM   649  C CA  . ARG A 1 103 ? 17.786  5.490   5.392   1.00 31.64  ? 168 ARG A CA  1 
ATOM   650  C C   . ARG A 1 103 ? 17.148  6.236   6.562   1.00 29.21  ? 168 ARG A C   1 
ATOM   651  O O   . ARG A 1 103 ? 17.710  7.208   7.056   1.00 31.09  ? 168 ARG A O   1 
ATOM   652  C CB  . ARG A 1 103 ? 17.512  6.236   4.081   1.00 33.03  ? 168 ARG A CB  1 
ATOM   653  C CG  . ARG A 1 103 ? 18.456  5.918   2.936   1.00 35.13  ? 168 ARG A CG  1 
ATOM   654  C CD  . ARG A 1 103 ? 19.773  6.670   3.066   1.00 41.13  ? 168 ARG A CD  1 
ATOM   655  N NE  . ARG A 1 103 ? 20.583  6.068   4.124   1.00 49.23  ? 168 ARG A NE  1 
ATOM   656  C CZ  . ARG A 1 103 ? 21.581  5.200   3.931   1.00 51.91  ? 168 ARG A CZ  1 
ATOM   657  N NH1 . ARG A 1 103 ? 21.963  4.860   2.691   1.00 50.08  ? 168 ARG A NH1 1 
ATOM   658  N NH2 . ARG A 1 103 ? 22.219  4.690   4.992   1.00 50.31  ? 168 ARG A NH2 1 
ATOM   659  N N   . LEU A 1 104 ? 15.985  5.779   7.006   1.00 28.04  ? 169 LEU A N   1 
ATOM   660  C CA  . LEU A 1 104 ? 15.143  6.544   7.931   1.00 26.74  ? 169 LEU A CA  1 
ATOM   661  C C   . LEU A 1 104 ? 14.618  5.774   9.127   1.00 27.71  ? 169 LEU A C   1 
ATOM   662  O O   . LEU A 1 104 ? 13.898  6.332   9.951   1.00 29.84  ? 169 LEU A O   1 
ATOM   663  C CB  . LEU A 1 104 ? 13.948  7.099   7.182   1.00 26.36  ? 169 LEU A CB  1 
ATOM   664  C CG  . LEU A 1 104 ? 14.130  8.048   6.003   1.00 27.67  ? 169 LEU A CG  1 
ATOM   665  C CD1 . LEU A 1 104 ? 12.725  8.494   5.659   1.00 26.28  ? 169 LEU A CD1 1 
ATOM   666  C CD2 . LEU A 1 104 ? 15.054  9.243   6.281   1.00 25.86  ? 169 LEU A CD2 1 
ATOM   667  N N   . GLY A 1 105 ? 14.954  4.494   9.225   1.00 27.77  ? 170 GLY A N   1 
ATOM   668  C CA  . GLY A 1 105 ? 14.551  3.715   10.370  1.00 25.69  ? 170 GLY A CA  1 
ATOM   669  C C   . GLY A 1 105 ? 13.270  2.964   10.142  1.00 27.28  ? 170 GLY A C   1 
ATOM   670  O O   . GLY A 1 105 ? 12.511  3.238   9.190   1.00 28.89  ? 170 GLY A O   1 
ATOM   671  N N   . SER A 1 106 ? 13.045  2.008   11.037  1.00 25.77  ? 171 SER A N   1 
ATOM   672  C CA  . SER A 1 106 ? 11.958  1.078   10.948  1.00 25.67  ? 171 SER A CA  1 
ATOM   673  C C   . SER A 1 106 ? 10.681  1.734   11.399  1.00 26.93  ? 171 SER A C   1 
ATOM   674  O O   . SER A 1 106 ? 9.593   1.402   10.903  1.00 25.36  ? 171 SER A O   1 
ATOM   675  C CB  . SER A 1 106 ? 12.251  -0.158  11.806  1.00 26.36  ? 171 SER A CB  1 
ATOM   676  O OG  . SER A 1 106 ? 13.288  -0.939  11.228  1.00 27.89  ? 171 SER A OG  1 
ATOM   677  N N   . GLY A 1 107 ? 10.811  2.643   12.361  1.00 29.23  ? 172 GLY A N   1 
ATOM   678  C CA  . GLY A 1 107 ? 9.672   3.405   12.903  1.00 31.91  ? 172 GLY A CA  1 
ATOM   679  C C   . GLY A 1 107 ? 8.982   4.272   11.852  1.00 32.73  ? 172 GLY A C   1 
ATOM   680  O O   . GLY A 1 107 ? 7.767   4.197   11.690  1.00 33.43  ? 172 GLY A O   1 
ATOM   681  N N   . LYS A 1 108 ? 9.752   5.089   11.132  1.00 32.10  ? 173 LYS A N   1 
ATOM   682  C CA  . LYS A 1 108 ? 9.204   5.886   10.056  1.00 30.55  ? 173 LYS A CA  1 
ATOM   683  C C   . LYS A 1 108 ? 8.421   5.028   9.043   1.00 29.68  ? 173 LYS A C   1 
ATOM   684  O O   . LYS A 1 108 ? 7.365   5.430   8.576   1.00 32.48  ? 173 LYS A O   1 
ATOM   685  C CB  . LYS A 1 108 ? 10.313  6.637   9.337   1.00 30.35  ? 173 LYS A CB  1 
ATOM   686  C CG  . LYS A 1 108 ? 9.832   7.371   8.081   1.00 33.12  ? 173 LYS A CG  1 
ATOM   687  C CD  . LYS A 1 108 ? 8.823   8.477   8.404   1.00 32.86  ? 173 LYS A CD  1 
ATOM   688  C CE  . LYS A 1 108 ? 9.535   9.522   9.261   1.00 31.40  ? 173 LYS A CE  1 
ATOM   689  N NZ  . LYS A 1 108 ? 8.645   10.203  10.224  1.00 32.54  ? 173 LYS A NZ  1 
ATOM   690  N N   . LEU A 1 109 ? 8.949   3.861   8.710   1.00 27.06  ? 174 LEU A N   1 
ATOM   691  C CA  . LEU A 1 109 ? 8.277   2.950   7.801   1.00 25.36  ? 174 LEU A CA  1 
ATOM   692  C C   . LEU A 1 109 ? 6.917   2.452   8.333   1.00 25.54  ? 174 LEU A C   1 
ATOM   693  O O   . LEU A 1 109 ? 5.909   2.541   7.640   1.00 26.36  ? 174 LEU A O   1 
ATOM   694  C CB  . LEU A 1 109 ? 9.196   1.782   7.430   1.00 23.89  ? 174 LEU A CB  1 
ATOM   695  C CG  . LEU A 1 109 ? 8.590   0.850   6.394   1.00 24.39  ? 174 LEU A CG  1 
ATOM   696  C CD1 . LEU A 1 109 ? 8.078   1.627   5.180   1.00 24.51  ? 174 LEU A CD1 1 
ATOM   697  C CD2 . LEU A 1 109 ? 9.577   -0.220  5.977   1.00 23.71  ? 174 LEU A CD2 1 
ATOM   698  N N   . ILE A 1 110 ? 6.906   1.943   9.556   1.00 26.02  ? 175 ILE A N   1 
ATOM   699  C CA  . ILE A 1 110 ? 5.691   1.486   10.219  1.00 29.35  ? 175 ILE A CA  1 
ATOM   700  C C   . ILE A 1 110 ? 4.594   2.562   10.215  1.00 30.77  ? 175 ILE A C   1 
ATOM   701  O O   . ILE A 1 110 ? 3.444   2.271   9.854   1.00 30.85  ? 175 ILE A O   1 
ATOM   702  C CB  . ILE A 1 110 ? 5.996   1.075   11.677  1.00 30.76  ? 175 ILE A CB  1 
ATOM   703  C CG1 . ILE A 1 110 ? 6.768   -0.246  11.698  1.00 31.73  ? 175 ILE A CG1 1 
ATOM   704  C CG2 . ILE A 1 110 ? 4.731   1.020   12.553  1.00 29.66  ? 175 ILE A CG2 1 
ATOM   705  C CD1 . ILE A 1 110 ? 7.160   -0.634  13.106  1.00 35.05  ? 175 ILE A CD1 1 
ATOM   706  N N   . VAL A 1 111 ? 4.961   3.776   10.641  1.00 29.33  ? 176 VAL A N   1 
ATOM   707  C CA  . VAL A 1 111 ? 4.047   4.904   10.707  1.00 28.83  ? 176 VAL A CA  1 
ATOM   708  C C   . VAL A 1 111 ? 3.444   5.186   9.335   1.00 28.13  ? 176 VAL A C   1 
ATOM   709  O O   . VAL A 1 111 ? 2.214   5.276   9.207   1.00 28.95  ? 176 VAL A O   1 
ATOM   710  C CB  . VAL A 1 111 ? 4.742   6.154   11.248  1.00 30.15  ? 176 VAL A CB  1 
ATOM   711  C CG1 . VAL A 1 111 ? 3.780   7.326   11.195  1.00 30.87  ? 176 VAL A CG1 1 
ATOM   712  C CG2 . VAL A 1 111 ? 5.172   5.944   12.693  1.00 27.05  ? 176 VAL A CG2 1 
ATOM   713  N N   . ILE A 1 112 ? 4.303   5.280   8.321   1.00 25.99  ? 177 ILE A N   1 
ATOM   714  C CA  . ILE A 1 112 ? 3.860   5.387   6.924   1.00 25.69  ? 177 ILE A CA  1 
ATOM   715  C C   . ILE A 1 112 ? 2.922   4.244   6.517   1.00 27.16  ? 177 ILE A C   1 
ATOM   716  O O   . ILE A 1 112 ? 1.925   4.462   5.875   1.00 28.13  ? 177 ILE A O   1 
ATOM   717  C CB  . ILE A 1 112 ? 5.028   5.420   5.932   1.00 24.44  ? 177 ILE A CB  1 
ATOM   718  C CG1 . ILE A 1 112 ? 5.872   6.693   6.109   1.00 23.26  ? 177 ILE A CG1 1 
ATOM   719  C CG2 . ILE A 1 112 ? 4.506   5.318   4.495   1.00 24.40  ? 177 ILE A CG2 1 
ATOM   720  C CD1 . ILE A 1 112 ? 7.218   6.603   5.405   1.00 23.26  ? 177 ILE A CD1 1 
ATOM   721  N N   . THR A 1 113 ? 3.268   3.025   6.883   1.00 28.58  ? 178 THR A N   1 
ATOM   722  C CA  . THR A 1 113 ? 2.461   1.866   6.549   1.00 28.75  ? 178 THR A CA  1 
ATOM   723  C C   . THR A 1 113 ? 1.102   1.883   7.233   1.00 28.26  ? 178 THR A C   1 
ATOM   724  O O   . THR A 1 113 ? 0.107   1.602   6.589   1.00 29.95  ? 178 THR A O   1 
ATOM   725  C CB  . THR A 1 113 ? 3.213   0.570   6.893   1.00 28.16  ? 178 THR A CB  1 
ATOM   726  O OG1 . THR A 1 113 ? 4.540   0.672   6.377   1.00 26.26  ? 178 THR A OG1 1 
ATOM   727  C CG2 . THR A 1 113 ? 2.530   -0.663  6.278   1.00 27.93  ? 178 THR A CG2 1 
ATOM   728  N N   . LEU A 1 114 ? 1.066   2.221   8.517   1.00 29.98  ? 179 LEU A N   1 
ATOM   729  C CA  . LEU A 1 114 ? -0.186  2.266   9.296   1.00 28.71  ? 179 LEU A CA  1 
ATOM   730  C C   . LEU A 1 114 ? -1.116  3.402   8.897   1.00 28.91  ? 179 LEU A C   1 
ATOM   731  O O   . LEU A 1 114 ? -2.337  3.184   8.795   1.00 28.64  ? 179 LEU A O   1 
ATOM   732  C CB  . LEU A 1 114 ? 0.110   2.330   10.789  1.00 28.05  ? 179 LEU A CB  1 
ATOM   733  C CG  . LEU A 1 114 ? 0.761   1.054   11.341  1.00 30.32  ? 179 LEU A CG  1 
ATOM   734  C CD1 . LEU A 1 114 ? 1.162   1.238   12.803  1.00 29.10  ? 179 LEU A CD1 1 
ATOM   735  C CD2 . LEU A 1 114 ? -0.133  -0.179  11.145  1.00 29.80  ? 179 LEU A CD2 1 
ATOM   736  N N   . ILE A 1 115 ? -0.557  4.601   8.681   1.00 28.05  ? 180 ILE A N   1 
ATOM   737  C CA  . ILE A 1 115 ? -1.389  5.748   8.279   1.00 29.61  ? 180 ILE A CA  1 
ATOM   738  C C   . ILE A 1 115 ? -2.007  5.510   6.888   1.00 30.44  ? 180 ILE A C   1 
ATOM   739  O O   . ILE A 1 115 ? -3.226  5.695   6.715   1.00 32.09  ? 180 ILE A O   1 
ATOM   740  C CB  . ILE A 1 115 ? -0.651  7.104   8.309   1.00 29.03  ? 180 ILE A CB  1 
ATOM   741  C CG1 . ILE A 1 115 ? -0.286  7.473   9.735   1.00 31.09  ? 180 ILE A CG1 1 
ATOM   742  C CG2 . ILE A 1 115 ? -1.545  8.208   7.780   1.00 28.31  ? 180 ILE A CG2 1 
ATOM   743  C CD1 . ILE A 1 115 ? 0.592   8.703   9.816   1.00 34.35  ? 180 ILE A CD1 1 
ATOM   744  N N   . SER A 1 116 ? -1.187  5.062   5.936   1.00 26.29  ? 181 SER A N   1 
ATOM   745  C CA  . SER A 1 116 ? -1.653  4.844   4.602   1.00 26.37  ? 181 SER A CA  1 
ATOM   746  C C   . SER A 1 116 ? -2.520  3.604   4.470   1.00 27.67  ? 181 SER A C   1 
ATOM   747  O O   . SER A 1 116 ? -3.369  3.551   3.581   1.00 28.44  ? 181 SER A O   1 
ATOM   748  C CB  . SER A 1 116 ? -0.483  4.773   3.645   1.00 29.03  ? 181 SER A CB  1 
ATOM   749  O OG  . SER A 1 116 ? 0.380   3.699   3.984   1.00 32.65  ? 181 SER A OG  1 
ATOM   750  N N   . ALA A 1 117 ? -2.324  2.604   5.327   1.00 26.56  ? 182 ALA A N   1 
ATOM   751  C CA  . ALA A 1 117 ? -3.207  1.444   5.266   1.00 26.04  ? 182 ALA A CA  1 
ATOM   752  C C   . ALA A 1 117 ? -4.540  1.860   5.828   1.00 27.55  ? 182 ALA A C   1 
ATOM   753  O O   . ALA A 1 117 ? -5.552  1.477   5.275   1.00 28.99  ? 182 ALA A O   1 
ATOM   754  C CB  . ALA A 1 117 ? -2.664  0.247   6.009   1.00 23.98  ? 182 ALA A CB  1 
ATOM   755  N N   . LEU A 1 118 ? -4.532  2.668   6.894   1.00 29.45  ? 183 LEU A N   1 
ATOM   756  C CA  . LEU A 1 118 ? -5.766  3.199   7.469   1.00 30.92  ? 183 LEU A CA  1 
ATOM   757  C C   . LEU A 1 118 ? -6.509  4.191   6.554   1.00 31.78  ? 183 LEU A C   1 
ATOM   758  O O   . LEU A 1 118 ? -7.719  4.031   6.331   1.00 32.04  ? 183 LEU A O   1 
ATOM   759  C CB  . LEU A 1 118 ? -5.518  3.822   8.845   1.00 33.47  ? 183 LEU A CB  1 
ATOM   760  C CG  . LEU A 1 118 ? -6.740  4.519   9.491   1.00 34.78  ? 183 LEU A CG  1 
ATOM   761  C CD1 . LEU A 1 118 ? -7.956  3.603   9.628   1.00 35.12  ? 183 LEU A CD1 1 
ATOM   762  C CD2 . LEU A 1 118 ? -6.386  5.060   10.869  1.00 35.18  ? 183 LEU A CD2 1 
ATOM   763  N N   . LEU A 1 119 ? -5.800  5.186   6.019   1.00 30.24  ? 184 LEU A N   1 
ATOM   764  C CA  . LEU A 1 119 ? -6.447  6.196   5.151   1.00 32.40  ? 184 LEU A CA  1 
ATOM   765  C C   . LEU A 1 119 ? -6.816  5.706   3.759   1.00 32.04  ? 184 LEU A C   1 
ATOM   766  O O   . LEU A 1 119 ? -7.874  6.084   3.235   1.00 33.46  ? 184 LEU A O   1 
ATOM   767  C CB  . LEU A 1 119 ? -5.652  7.509   5.029   1.00 33.54  ? 184 LEU A CB  1 
ATOM   768  C CG  . LEU A 1 119 ? -5.043  8.185   6.263   1.00 36.42  ? 184 LEU A CG  1 
ATOM   769  C CD1 . LEU A 1 119 ? -4.734  9.641   5.962   1.00 39.78  ? 184 LEU A CD1 1 
ATOM   770  C CD2 . LEU A 1 119 ? -5.912  8.067   7.513   1.00 37.97  ? 184 LEU A CD2 1 
ATOM   771  N N   . SER A 1 120 ? -5.980  4.878   3.153   1.00 29.58  ? 185 SER A N   1 
ATOM   772  C CA  . SER A 1 120 ? -6.290  4.447   1.798   1.00 31.07  ? 185 SER A CA  1 
ATOM   773  C C   . SER A 1 120 ? -7.357  3.359   1.794   1.00 32.76  ? 185 SER A C   1 
ATOM   774  O O   . SER A 1 120 ? -8.057  3.170   0.773   1.00 33.26  ? 185 SER A O   1 
ATOM   775  C CB  . SER A 1 120 ? -5.069  3.946   1.063   1.00 30.79  ? 185 SER A CB  1 
ATOM   776  O OG  . SER A 1 120 ? -4.614  2.771   1.708   1.00 33.05  ? 185 SER A OG  1 
ATOM   777  N N   . GLY A 1 121 ? -7.457  2.629   2.909   1.00 30.12  ? 186 GLY A N   1 
ATOM   778  C CA  . GLY A 1 121 ? -8.538  1.675   3.052   1.00 29.80  ? 186 GLY A CA  1 
ATOM   779  C C   . GLY A 1 121 ? -9.793  2.516   3.120   1.00 30.25  ? 186 GLY A C   1 
ATOM   780  O O   . GLY A 1 121 ? -10.744 2.336   2.325   1.00 28.76  ? 186 GLY A O   1 
ATOM   781  N N   . TYR A 1 122 ? -9.744  3.491   4.032   1.00 30.43  ? 187 TYR A N   1 
ATOM   782  C CA  . TYR A 1 122 ? -10.875 4.382   4.292   1.00 30.89  ? 187 TYR A CA  1 
ATOM   783  C C   . TYR A 1 122 ? -11.459 5.015   3.047   1.00 29.78  ? 187 TYR A C   1 
ATOM   784  O O   . TYR A 1 122 ? -12.671 5.022   2.869   1.00 32.11  ? 187 TYR A O   1 
ATOM   785  C CB  . TYR A 1 122 ? -10.501 5.460   5.310   1.00 33.25  ? 187 TYR A CB  1 
ATOM   786  C CG  . TYR A 1 122 ? -11.642 6.399   5.589   1.00 36.13  ? 187 TYR A CG  1 
ATOM   787  C CD1 . TYR A 1 122 ? -12.724 6.013   6.433   1.00 35.71  ? 187 TYR A CD1 1 
ATOM   788  C CD2 . TYR A 1 122 ? -11.673 7.657   4.991   1.00 36.23  ? 187 TYR A CD2 1 
ATOM   789  C CE1 . TYR A 1 122 ? -13.791 6.860   6.671   1.00 34.85  ? 187 TYR A CE1 1 
ATOM   790  C CE2 . TYR A 1 122 ? -12.736 8.519   5.228   1.00 38.97  ? 187 TYR A CE2 1 
ATOM   791  C CZ  . TYR A 1 122 ? -13.787 8.120   6.061   1.00 39.55  ? 187 TYR A CZ  1 
ATOM   792  O OH  . TYR A 1 122 ? -14.814 9.011   6.274   1.00 42.51  ? 187 TYR A OH  1 
ATOM   793  N N   . VAL A 1 123 ? -10.602 5.537   2.184   1.00 29.39  ? 188 VAL A N   1 
ATOM   794  C CA  . VAL A 1 123 ? -11.081 6.194   0.975   1.00 29.50  ? 188 VAL A CA  1 
ATOM   795  C C   . VAL A 1 123 ? -11.547 5.182   -0.075  1.00 29.81  ? 188 VAL A C   1 
ATOM   796  O O   . VAL A 1 123 ? -12.505 5.444   -0.832  1.00 28.67  ? 188 VAL A O   1 
ATOM   797  C CB  . VAL A 1 123 ? -10.020 7.161   0.416   1.00 29.87  ? 188 VAL A CB  1 
ATOM   798  C CG1 . VAL A 1 123 ? -10.548 7.892   -0.800  1.00 30.29  ? 188 VAL A CG1 1 
ATOM   799  C CG2 . VAL A 1 123 ? -9.622  8.190   1.479   1.00 28.81  ? 188 VAL A CG2 1 
ATOM   800  N N   . GLN A 1 124 ? -10.881 4.026   -0.113  1.00 28.67  ? 189 GLN A N   1 
ATOM   801  C CA  . GLN A 1 124 ? -11.257 3.013   -1.077  1.00 28.51  ? 189 GLN A CA  1 
ATOM   802  C C   . GLN A 1 124 ? -12.639 2.437   -0.781  1.00 29.55  ? 189 GLN A C   1 
ATOM   803  O O   . GLN A 1 124 ? -13.431 2.139   -1.711  1.00 29.42  ? 189 GLN A O   1 
ATOM   804  C CB  . GLN A 1 124 ? -10.245 1.873   -1.141  1.00 29.35  ? 189 GLN A CB  1 
ATOM   805  C CG  . GLN A 1 124 ? -10.644 0.747   -2.105  1.00 25.60  ? 189 GLN A CG  1 
ATOM   806  C CD  . GLN A 1 124 ? -10.804 1.209   -3.559  1.00 25.05  ? 189 GLN A CD  1 
ATOM   807  O OE1 . GLN A 1 124 ? -10.093 2.121   -4.039  1.00 24.97  ? 189 GLN A OE1 1 
ATOM   808  N NE2 . GLN A 1 124 ? -11.714 0.562   -4.278  1.00 23.44  ? 189 GLN A NE2 1 
ATOM   809  N N   . GLN A 1 125 ? -12.925 2.276   0.503   1.00 28.54  ? 190 GLN A N   1 
ATOM   810  C CA  . GLN A 1 125 ? -14.239 1.799   0.912   1.00 29.17  ? 190 GLN A CA  1 
ATOM   811  C C   . GLN A 1 125 ? -15.330 2.775   0.427   1.00 29.75  ? 190 GLN A C   1 
ATOM   812  O O   . GLN A 1 125 ? -16.390 2.349   -0.025  1.00 27.81  ? 190 GLN A O   1 
ATOM   813  C CB  . GLN A 1 125 ? -14.294 1.573   2.419   1.00 28.28  ? 190 GLN A CB  1 
ATOM   814  C CG  . GLN A 1 125 ? -15.484 0.755   2.863   1.00 31.48  ? 190 GLN A CG  1 
ATOM   815  C CD  . GLN A 1 125 ? -16.748 1.585   3.007   1.00 33.29  ? 190 GLN A CD  1 
ATOM   816  O OE1 . GLN A 1 125 ? -16.680 2.771   3.336   1.00 32.00  ? 190 GLN A OE1 1 
ATOM   817  N NE2 . GLN A 1 125 ? -17.915 0.964   2.744   1.00 33.06  ? 190 GLN A NE2 1 
ATOM   818  N N   . LYS A 1 126 ? -15.048 4.080   0.513   1.00 30.90  ? 191 LYS A N   1 
ATOM   819  C CA  . LYS A 1 126 ? -15.955 5.116   0.036   1.00 28.52  ? 191 LYS A CA  1 
ATOM   820  C C   . LYS A 1 126 ? -16.109 5.044   -1.466  1.00 29.16  ? 191 LYS A C   1 
ATOM   821  O O   . LYS A 1 126 ? -17.207 5.186   -1.976  1.00 29.14  ? 191 LYS A O   1 
ATOM   822  C CB  . LYS A 1 126 ? -15.445 6.514   0.396   1.00 30.00  ? 191 LYS A CB  1 
ATOM   823  C CG  . LYS A 1 126 ? -15.403 6.874   1.871   1.00 29.57  ? 191 LYS A CG  1 
ATOM   824  C CD  . LYS A 1 126 ? -16.764 6.708   2.502   1.00 29.84  ? 191 LYS A CD  1 
ATOM   825  C CE  . LYS A 1 126 ? -16.723 7.201   3.941   1.00 32.68  ? 191 LYS A CE  1 
ATOM   826  N NZ  . LYS A 1 126 ? -17.800 6.529   4.733   1.00 36.19  ? 191 LYS A NZ  1 
ATOM   827  N N   . PHE A 1 127 ? -15.016 4.826   -2.182  1.00 31.88  ? 192 PHE A N   1 
ATOM   828  C CA  . PHE A 1 127 ? -15.070 4.818   -3.660  1.00 35.57  ? 192 PHE A CA  1 
ATOM   829  C C   . PHE A 1 127 ? -15.915 3.683   -4.231  1.00 37.46  ? 192 PHE A C   1 
ATOM   830  O O   . PHE A 1 127 ? -16.822 3.910   -5.032  1.00 41.10  ? 192 PHE A O   1 
ATOM   831  C CB  . PHE A 1 127 ? -13.671 4.781   -4.280  1.00 32.19  ? 192 PHE A CB  1 
ATOM   832  C CG  . PHE A 1 127 ? -13.114 6.120   -4.613  1.00 30.33  ? 192 PHE A CG  1 
ATOM   833  C CD1 . PHE A 1 127 ? -13.291 7.206   -3.767  1.00 32.23  ? 192 PHE A CD1 1 
ATOM   834  C CD2 . PHE A 1 127 ? -12.375 6.298   -5.777  1.00 30.98  ? 192 PHE A CD2 1 
ATOM   835  C CE1 . PHE A 1 127 ? -12.748 8.461   -4.087  1.00 34.50  ? 192 PHE A CE1 1 
ATOM   836  C CE2 . PHE A 1 127 ? -11.827 7.544   -6.103  1.00 33.33  ? 192 PHE A CE2 1 
ATOM   837  C CZ  . PHE A 1 127 ? -12.013 8.633   -5.256  1.00 31.98  ? 192 PHE A CZ  1 
ATOM   838  N N   . SER A 1 128 ? -15.622 2.462   -3.795  1.00 41.04  ? 193 SER A N   1 
ATOM   839  C CA  . SER A 1 128 ? -16.276 1.285   -4.351  1.00 40.83  ? 193 SER A CA  1 
ATOM   840  C C   . SER A 1 128 ? -16.646 0.214   -3.301  1.00 36.35  ? 193 SER A C   1 
ATOM   841  O O   . SER A 1 128 ? -16.895 -0.927  -3.651  1.00 35.05  ? 193 SER A O   1 
ATOM   842  C CB  . SER A 1 128 ? -15.402 0.699   -5.465  1.00 41.84  ? 193 SER A CB  1 
ATOM   843  O OG  . SER A 1 128 ? -14.214 0.220   -4.877  1.00 52.87  ? 193 SER A OG  1 
ATOM   844  N N   . GLY A 1 129 ? -16.703 0.573   -2.026  1.00 32.79  ? 194 GLY A N   1 
ATOM   845  C CA  . GLY A 1 129 ? -17.132 -0.396  -1.022  1.00 33.49  ? 194 GLY A CA  1 
ATOM   846  C C   . GLY A 1 129 ? -15.999 -1.194  -0.390  1.00 33.39  ? 194 GLY A C   1 
ATOM   847  O O   . GLY A 1 129 ? -14.821 -0.886  -0.612  1.00 33.66  ? 194 GLY A O   1 
ATOM   848  N N   . PRO A 1 130 ? -16.346 -2.238  0.393   1.00 33.26  ? 195 PRO A N   1 
ATOM   849  C CA  . PRO A 1 130 ? -15.337 -2.892  1.255   1.00 31.81  ? 195 PRO A CA  1 
ATOM   850  C C   . PRO A 1 130 ? -14.560 -4.082  0.669   1.00 31.17  ? 195 PRO A C   1 
ATOM   851  O O   . PRO A 1 130 ? -13.771 -4.659  1.388   1.00 32.90  ? 195 PRO A O   1 
ATOM   852  C CB  . PRO A 1 130 ? -16.181 -3.362  2.443   1.00 30.63  ? 195 PRO A CB  1 
ATOM   853  C CG  . PRO A 1 130 ? -17.511 -3.705  1.815   1.00 31.61  ? 195 PRO A CG  1 
ATOM   854  C CD  . PRO A 1 130 ? -17.707 -2.777  0.641   1.00 31.92  ? 195 PRO A CD  1 
ATOM   855  N N   . TRP A 1 131 ? -14.776 -4.455  -0.595  1.00 30.78  ? 196 TRP A N   1 
ATOM   856  C CA  . TRP A 1 131 ? -14.126 -5.650  -1.151  1.00 28.27  ? 196 TRP A CA  1 
ATOM   857  C C   . TRP A 1 131 ? -12.937 -5.287  -2.021  1.00 28.49  ? 196 TRP A C   1 
ATOM   858  O O   . TRP A 1 131 ? -13.031 -5.118  -3.251  1.00 28.64  ? 196 TRP A O   1 
ATOM   859  C CB  . TRP A 1 131 ? -15.111 -6.606  -1.852  1.00 28.81  ? 196 TRP A CB  1 
ATOM   860  C CG  . TRP A 1 131 ? -16.301 -6.940  -1.000  1.00 29.85  ? 196 TRP A CG  1 
ATOM   861  C CD1 . TRP A 1 131 ? -17.595 -6.662  -1.298  1.00 29.43  ? 196 TRP A CD1 1 
ATOM   862  C CD2 . TRP A 1 131 ? -16.312 -7.560  0.307   1.00 31.03  ? 196 TRP A CD2 1 
ATOM   863  N NE1 . TRP A 1 131 ? -18.424 -7.088  -0.291  1.00 30.45  ? 196 TRP A NE1 1 
ATOM   864  C CE2 . TRP A 1 131 ? -17.672 -7.638  0.713   1.00 31.90  ? 196 TRP A CE2 1 
ATOM   865  C CE3 . TRP A 1 131 ? -15.317 -8.108  1.147   1.00 32.01  ? 196 TRP A CE3 1 
ATOM   866  C CZ2 . TRP A 1 131 ? -18.072 -8.218  1.941   1.00 32.03  ? 196 TRP A CZ2 1 
ATOM   867  C CZ3 . TRP A 1 131 ? -15.713 -8.690  2.380   1.00 33.62  ? 196 TRP A CZ3 1 
ATOM   868  C CH2 . TRP A 1 131 ? -17.086 -8.735  2.757   1.00 34.36  ? 196 TRP A CH2 1 
ATOM   869  N N   . PHE A 1 132 ? -11.805 -5.203  -1.341  1.00 25.49  ? 197 PHE A N   1 
ATOM   870  C CA  . PHE A 1 132 ? -10.550 -4.853  -1.915  1.00 23.18  ? 197 PHE A CA  1 
ATOM   871  C C   . PHE A 1 132 ? -9.425  -5.304  -0.983  1.00 22.29  ? 197 PHE A C   1 
ATOM   872  O O   . PHE A 1 132 ? -9.642  -5.718  0.178   1.00 21.00  ? 197 PHE A O   1 
ATOM   873  C CB  . PHE A 1 132 ? -10.494 -3.332  -2.111  1.00 22.90  ? 197 PHE A CB  1 
ATOM   874  C CG  . PHE A 1 132 ? -10.594 -2.541  -0.825  1.00 22.51  ? 197 PHE A CG  1 
ATOM   875  C CD1 . PHE A 1 132 ? -9.449  -2.180  -0.114  1.00 22.29  ? 197 PHE A CD1 1 
ATOM   876  C CD2 . PHE A 1 132 ? -11.828 -2.129  -0.339  1.00 22.52  ? 197 PHE A CD2 1 
ATOM   877  C CE1 . PHE A 1 132 ? -9.550  -1.438  1.051   1.00 20.93  ? 197 PHE A CE1 1 
ATOM   878  C CE2 . PHE A 1 132 ? -11.928 -1.374  0.818   1.00 21.24  ? 197 PHE A CE2 1 
ATOM   879  C CZ  . PHE A 1 132 ? -10.790 -1.041  1.513   1.00 20.79  ? 197 PHE A CZ  1 
ATOM   880  N N   . GLY A 1 133 ? -8.211  -5.164  -1.480  1.00 21.77  ? 198 GLY A N   1 
ATOM   881  C CA  . GLY A 1 133 ? -7.067  -5.528  -0.711  1.00 24.00  ? 198 GLY A CA  1 
ATOM   882  C C   . GLY A 1 133 ? -5.856  -5.381  -1.571  1.00 27.69  ? 198 GLY A C   1 
ATOM   883  O O   . GLY A 1 133 ? -5.970  -5.191  -2.797  1.00 27.49  ? 198 GLY A O   1 
ATOM   884  N N   . GLY A 1 134 ? -4.695  -5.497  -0.929  1.00 29.55  ? 199 GLY A N   1 
ATOM   885  C CA  . GLY A 1 134 ? -3.428  -5.365  -1.623  1.00 29.99  ? 199 GLY A CA  1 
ATOM   886  C C   . GLY A 1 134 ? -2.658  -4.258  -0.961  1.00 30.57  ? 199 GLY A C   1 
ATOM   887  O O   . GLY A 1 134 ? -3.245  -3.403  -0.283  1.00 31.97  ? 199 GLY A O   1 
ATOM   888  N N   . LEU A 1 135 ? -1.344  -4.287  -1.172  1.00 29.43  ? 200 LEU A N   1 
ATOM   889  C CA  . LEU A 1 135 ? -0.424  -3.386  -0.530  1.00 27.51  ? 200 LEU A CA  1 
ATOM   890  C C   . LEU A 1 135 ? -0.203  -2.133  -1.355  1.00 27.25  ? 200 LEU A C   1 
ATOM   891  O O   . LEU A 1 135 ? 0.649   -1.316  -1.003  1.00 26.58  ? 200 LEU A O   1 
ATOM   892  C CB  . LEU A 1 135 ? 0.896   -4.119  -0.278  1.00 27.33  ? 200 LEU A CB  1 
ATOM   893  C CG  . LEU A 1 135 ? 1.777   -3.511  0.819   1.00 27.27  ? 200 LEU A CG  1 
ATOM   894  C CD1 . LEU A 1 135 ? 0.967   -3.296  2.084   1.00 23.64  ? 200 LEU A CD1 1 
ATOM   895  C CD2 . LEU A 1 135 ? 3.054   -4.310  1.069   1.00 25.56  ? 200 LEU A CD2 1 
ATOM   896  N N   . SER A 1 136 ? -0.962  -1.962  -2.450  1.00 28.10  ? 201 SER A N   1 
ATOM   897  C CA  . SER A 1 136 ? -0.703  -0.825  -3.383  1.00 26.34  ? 201 SER A CA  1 
ATOM   898  C C   . SER A 1 136 ? -1.007  0.522   -2.750  1.00 26.99  ? 201 SER A C   1 
ATOM   899  O O   . SER A 1 136 ? -0.355  1.524   -3.090  1.00 29.35  ? 201 SER A O   1 
ATOM   900  C CB  . SER A 1 136 ? -1.456  -0.933  -4.657  1.00 24.48  ? 201 SER A CB  1 
ATOM   901  O OG  . SER A 1 136 ? -2.801  -0.782  -4.326  1.00 27.08  ? 201 SER A OG  1 
ATOM   902  N N   . GLY A 1 137 ? -1.977  0.538   -1.833  1.00 24.41  ? 202 GLY A N   1 
ATOM   903  C CA  . GLY A 1 137 ? -2.273  1.744   -1.061  1.00 23.02  ? 202 GLY A CA  1 
ATOM   904  C C   . GLY A 1 137 ? -1.040  2.193   -0.312  1.00 22.50  ? 202 GLY A C   1 
ATOM   905  O O   . GLY A 1 137 ? -0.611  3.343   -0.462  1.00 21.35  ? 202 GLY A O   1 
ATOM   906  N N   . VAL A 1 138 ? -0.454  1.282   0.478   1.00 21.26  ? 203 VAL A N   1 
ATOM   907  C CA  . VAL A 1 138 ? 0.777   1.591   1.191   1.00 20.75  ? 203 VAL A CA  1 
ATOM   908  C C   . VAL A 1 138 ? 1.884   1.942   0.181   1.00 21.19  ? 203 VAL A C   1 
ATOM   909  O O   . VAL A 1 138 ? 2.737   2.789   0.468   1.00 21.72  ? 203 VAL A O   1 
ATOM   910  C CB  . VAL A 1 138 ? 1.232   0.435   2.136   1.00 21.06  ? 203 VAL A CB  1 
ATOM   911  C CG1 . VAL A 1 138 ? 2.648   0.684   2.634   1.00 19.97  ? 203 VAL A CG1 1 
ATOM   912  C CG2 . VAL A 1 138 ? 0.293   0.277   3.349   1.00 19.87  ? 203 VAL A CG2 1 
ATOM   913  N N   . VAL A 1 139 ? 1.836   1.315   -1.003  1.00 20.46  ? 204 VAL A N   1 
ATOM   914  C CA  . VAL A 1 139 ? 2.905   1.413   -2.018  1.00 20.63  ? 204 VAL A CA  1 
ATOM   915  C C   . VAL A 1 139 ? 2.972   2.788   -2.704  1.00 21.98  ? 204 VAL A C   1 
ATOM   916  O O   . VAL A 1 139 ? 4.070   3.374   -2.833  1.00 21.75  ? 204 VAL A O   1 
ATOM   917  C CB  . VAL A 1 139 ? 2.771   0.324   -3.092  1.00 20.67  ? 204 VAL A CB  1 
ATOM   918  C CG1 . VAL A 1 139 ? 3.395   0.787   -4.395  1.00 22.10  ? 204 VAL A CG1 1 
ATOM   919  C CG2 . VAL A 1 139 ? 3.391   -0.984  -2.658  1.00 19.35  ? 204 VAL A CG2 1 
ATOM   920  N N   . PHE A 1 140 ? 1.813   3.297   -3.141  1.00 22.11  ? 205 PHE A N   1 
ATOM   921  C CA  . PHE A 1 140 ? 1.714   4.668   -3.638  1.00 21.74  ? 205 PHE A CA  1 
ATOM   922  C C   . PHE A 1 140 ? 2.073   5.676   -2.556  1.00 22.48  ? 205 PHE A C   1 
ATOM   923  O O   . PHE A 1 140 ? 2.636   6.737   -2.879  1.00 23.21  ? 205 PHE A O   1 
ATOM   924  C CB  . PHE A 1 140 ? 0.343   4.956   -4.223  1.00 21.79  ? 205 PHE A CB  1 
ATOM   925  C CG  . PHE A 1 140 ? 0.229   4.610   -5.678  1.00 24.52  ? 205 PHE A CG  1 
ATOM   926  C CD1 . PHE A 1 140 ? 0.689   5.495   -6.688  1.00 24.60  ? 205 PHE A CD1 1 
ATOM   927  C CD2 . PHE A 1 140 ? -0.328  3.401   -6.060  1.00 25.87  ? 205 PHE A CD2 1 
ATOM   928  C CE1 . PHE A 1 140 ? 0.608   5.159   -8.037  1.00 24.64  ? 205 PHE A CE1 1 
ATOM   929  C CE2 . PHE A 1 140 ? -0.426  3.062   -7.419  1.00 27.44  ? 205 PHE A CE2 1 
ATOM   930  C CZ  . PHE A 1 140 ? 0.049   3.939   -8.404  1.00 26.25  ? 205 PHE A CZ  1 
ATOM   931  N N   . ALA A 1 141 ? 1.763   5.360   -1.290  1.00 21.04  ? 206 ALA A N   1 
ATOM   932  C CA  . ALA A 1 141 ? 2.213   6.235   -0.197  1.00 22.40  ? 206 ALA A CA  1 
ATOM   933  C C   . ALA A 1 141 ? 3.737   6.236   -0.081  1.00 23.76  ? 206 ALA A C   1 
ATOM   934  O O   . ALA A 1 141 ? 4.340   7.254   0.241   1.00 24.38  ? 206 ALA A O   1 
ATOM   935  C CB  . ALA A 1 141 ? 1.574   5.867   1.140   1.00 21.42  ? 206 ALA A CB  1 
ATOM   936  N N   . LEU A 1 142 ? 4.355   5.088   -0.334  1.00 23.73  ? 207 LEU A N   1 
ATOM   937  C CA  . LEU A 1 142 ? 5.796   5.024   -0.308  1.00 24.57  ? 207 LEU A CA  1 
ATOM   938  C C   . LEU A 1 142 ? 6.389   5.734   -1.516  1.00 27.03  ? 207 LEU A C   1 
ATOM   939  O O   . LEU A 1 142 ? 7.391   6.446   -1.371  1.00 26.04  ? 207 LEU A O   1 
ATOM   940  C CB  . LEU A 1 142 ? 6.269   3.575   -0.206  1.00 24.18  ? 207 LEU A CB  1 
ATOM   941  C CG  . LEU A 1 142 ? 6.070   2.986   1.191   1.00 22.71  ? 207 LEU A CG  1 
ATOM   942  C CD1 . LEU A 1 142 ? 5.978   1.488   1.058   1.00 21.56  ? 207 LEU A CD1 1 
ATOM   943  C CD2 . LEU A 1 142 ? 7.197   3.419   2.127   1.00 22.71  ? 207 LEU A CD2 1 
ATOM   944  N N   . MET A 1 143 ? 5.758   5.539   -2.686  1.00 30.33  ? 208 MET A N   1 
ATOM   945  C CA  . MET A 1 143 ? 6.104   6.240   -3.939  1.00 32.47  ? 208 MET A CA  1 
ATOM   946  C C   . MET A 1 143 ? 6.041   7.739   -3.768  1.00 31.26  ? 208 MET A C   1 
ATOM   947  O O   . MET A 1 143 ? 7.010   8.425   -4.100  1.00 31.30  ? 208 MET A O   1 
ATOM   948  C CB  . MET A 1 143 ? 5.199   5.814   -5.105  1.00 36.99  ? 208 MET A CB  1 
ATOM   949  C CG  . MET A 1 143 ? 5.914   4.891   -6.081  1.00 45.24  ? 208 MET A CG  1 
ATOM   950  S SD  . MET A 1 143 ? 5.009   4.113   -7.445  1.00 59.33  ? 208 MET A SD  1 
ATOM   951  C CE  . MET A 1 143 ? 3.523   3.584   -6.631  1.00 53.48  ? 208 MET A CE  1 
ATOM   952  N N   . GLY A 1 144 ? 4.907   8.224   -3.241  1.00 28.35  ? 209 GLY A N   1 
ATOM   953  C CA  . GLY A 1 144 ? 4.690   9.640   -2.985  1.00 27.23  ? 209 GLY A CA  1 
ATOM   954  C C   . GLY A 1 144 ? 5.729   10.163  -2.024  1.00 29.53  ? 209 GLY A C   1 
ATOM   955  O O   . GLY A 1 144 ? 6.315   11.236  -2.250  1.00 29.92  ? 209 GLY A O   1 
ATOM   956  N N   . TYR A 1 145 ? 5.977   9.384   -0.961  1.00 29.82  ? 210 TYR A N   1 
ATOM   957  C CA  . TYR A 1 145 ? 6.895   9.789   0.111   1.00 27.84  ? 210 TYR A CA  1 
ATOM   958  C C   . TYR A 1 145 ? 8.369   9.904   -0.370  1.00 27.34  ? 210 TYR A C   1 
ATOM   959  O O   . TYR A 1 145 ? 9.040   10.887  -0.125  1.00 22.91  ? 210 TYR A O   1 
ATOM   960  C CB  . TYR A 1 145 ? 6.794   8.852   1.322   1.00 25.95  ? 210 TYR A CB  1 
ATOM   961  C CG  . TYR A 1 145 ? 7.611   9.358   2.501   1.00 27.02  ? 210 TYR A CG  1 
ATOM   962  C CD1 . TYR A 1 145 ? 6.998   10.060  3.532   1.00 27.31  ? 210 TYR A CD1 1 
ATOM   963  C CD2 . TYR A 1 145 ? 9.012   9.149   2.581   1.00 25.82  ? 210 TYR A CD2 1 
ATOM   964  C CE1 . TYR A 1 145 ? 7.742   10.543  4.614   1.00 28.21  ? 210 TYR A CE1 1 
ATOM   965  C CE2 . TYR A 1 145 ? 9.757   9.641   3.632   1.00 24.91  ? 210 TYR A CE2 1 
ATOM   966  C CZ  . TYR A 1 145 ? 9.120   10.335  4.646   1.00 27.91  ? 210 TYR A CZ  1 
ATOM   967  O OH  . TYR A 1 145 ? 9.833   10.824  5.717   1.00 28.33  ? 210 TYR A OH  1 
ATOM   968  N N   . VAL A 1 146 ? 8.842   8.869   -1.054  1.00 28.34  ? 211 VAL A N   1 
ATOM   969  C CA  . VAL A 1 146 ? 10.240  8.758   -1.434  1.00 28.04  ? 211 VAL A CA  1 
ATOM   970  C C   . VAL A 1 146 ? 10.590  9.851   -2.436  1.00 29.42  ? 211 VAL A C   1 
ATOM   971  O O   . VAL A 1 146 ? 11.621  10.527  -2.292  1.00 29.66  ? 211 VAL A O   1 
ATOM   972  C CB  . VAL A 1 146 ? 10.619  7.330   -1.930  1.00 26.08  ? 211 VAL A CB  1 
ATOM   973  C CG1 . VAL A 1 146 ? 12.047  7.307   -2.415  1.00 26.54  ? 211 VAL A CG1 1 
ATOM   974  C CG2 . VAL A 1 146 ? 10.507  6.307   -0.812  1.00 24.21  ? 211 VAL A CG2 1 
ATOM   975  N N   . TRP A 1 147 ? 9.721   10.028  -3.428  1.00 30.98  ? 212 TRP A N   1 
ATOM   976  C CA  . TRP A 1 147 ? 9.863   11.127  -4.373  1.00 33.83  ? 212 TRP A CA  1 
ATOM   977  C C   . TRP A 1 147 ? 9.753   12.533  -3.707  1.00 32.81  ? 212 TRP A C   1 
ATOM   978  O O   . TRP A 1 147 ? 10.663  13.343  -3.847  1.00 33.55  ? 212 TRP A O   1 
ATOM   979  C CB  . TRP A 1 147 ? 8.881   10.970  -5.538  1.00 37.64  ? 212 TRP A CB  1 
ATOM   980  C CG  . TRP A 1 147 ? 8.845   12.170  -6.436  1.00 42.07  ? 212 TRP A CG  1 
ATOM   981  C CD1 . TRP A 1 147 ? 9.746   12.488  -7.404  1.00 42.20  ? 212 TRP A CD1 1 
ATOM   982  C CD2 . TRP A 1 147 ? 7.868   13.226  -6.431  1.00 44.97  ? 212 TRP A CD2 1 
ATOM   983  N NE1 . TRP A 1 147 ? 9.407   13.673  -8.003  1.00 46.85  ? 212 TRP A NE1 1 
ATOM   984  C CE2 . TRP A 1 147 ? 8.255   14.152  -7.434  1.00 47.31  ? 212 TRP A CE2 1 
ATOM   985  C CE3 . TRP A 1 147 ? 6.709   13.480  -5.679  1.00 46.37  ? 212 TRP A CE3 1 
ATOM   986  C CZ2 . TRP A 1 147 ? 7.531   15.316  -7.710  1.00 46.44  ? 212 TRP A CZ2 1 
ATOM   987  C CZ3 . TRP A 1 147 ? 5.981   14.636  -5.955  1.00 49.60  ? 212 TRP A CZ3 1 
ATOM   988  C CH2 . TRP A 1 147 ? 6.400   15.542  -6.967  1.00 50.75  ? 212 TRP A CH2 1 
ATOM   989  N N   . LEU A 1 148 ? 8.681   12.829  -2.979  1.00 30.35  ? 213 LEU A N   1 
ATOM   990  C CA  . LEU A 1 148 ? 8.610   14.169  -2.366  1.00 35.17  ? 213 LEU A CA  1 
ATOM   991  C C   . LEU A 1 148 ? 9.732   14.431  -1.357  1.00 35.95  ? 213 LEU A C   1 
ATOM   992  O O   . LEU A 1 148 ? 10.173  15.587  -1.205  1.00 36.91  ? 213 LEU A O   1 
ATOM   993  C CB  . LEU A 1 148 ? 7.240   14.478  -1.743  1.00 35.53  ? 213 LEU A CB  1 
ATOM   994  C CG  . LEU A 1 148 ? 6.799   15.952  -1.545  1.00 35.12  ? 213 LEU A CG  1 
ATOM   995  C CD1 . LEU A 1 148 ? 5.299   16.113  -1.427  1.00 36.95  ? 213 LEU A CD1 1 
ATOM   996  C CD2 . LEU A 1 148 ? 7.378   16.552  -0.294  1.00 38.10  ? 213 LEU A CD2 1 
ATOM   997  N N   . ARG A 1 149 ? 10.187  13.370  -0.686  1.00 35.47  ? 214 ARG A N   1 
ATOM   998  C CA  . ARG A 1 149 ? 11.218  13.476  0.351   1.00 34.78  ? 214 ARG A CA  1 
ATOM   999  C C   . ARG A 1 149 ? 12.610  13.595  -0.271  1.00 35.71  ? 214 ARG A C   1 
ATOM   1000 O O   . ARG A 1 149 ? 13.433  14.369  0.198   1.00 32.87  ? 214 ARG A O   1 
ATOM   1001 C CB  . ARG A 1 149 ? 11.145  12.285  1.306   1.00 34.78  ? 214 ARG A CB  1 
ATOM   1002 C CG  . ARG A 1 149 ? 12.123  12.269  2.478   1.00 33.58  ? 214 ARG A CG  1 
ATOM   1003 C CD  . ARG A 1 149 ? 11.797  13.370  3.444   1.00 34.03  ? 214 ARG A CD  1 
ATOM   1004 N NE  . ARG A 1 149 ? 12.922  13.627  4.329   1.00 37.72  ? 214 ARG A NE  1 
ATOM   1005 C CZ  . ARG A 1 149 ? 13.041  13.140  5.563   1.00 39.27  ? 214 ARG A CZ  1 
ATOM   1006 N NH1 . ARG A 1 149 ? 12.102  12.331  6.078   1.00 36.12  ? 214 ARG A NH1 1 
ATOM   1007 N NH2 . ARG A 1 149 ? 14.111  13.458  6.289   1.00 39.27  ? 214 ARG A NH2 1 
ATOM   1008 N N   . GLY A 1 150 ? 12.865  12.834  -1.331  1.00 36.90  ? 215 GLY A N   1 
ATOM   1009 C CA  . GLY A 1 150 ? 14.116  12.965  -2.062  1.00 38.24  ? 215 GLY A CA  1 
ATOM   1010 C C   . GLY A 1 150 ? 14.236  14.308  -2.744  1.00 43.24  ? 215 GLY A C   1 
ATOM   1011 O O   . GLY A 1 150 ? 15.347  14.803  -2.974  1.00 46.50  ? 215 GLY A O   1 
ATOM   1012 N N   . GLU A 1 151 ? 13.085  14.896  -3.073  1.00 42.91  ? 216 GLU A N   1 
ATOM   1013 C CA  . GLU A 1 151 ? 13.045  16.177  -3.748  1.00 45.35  ? 216 GLU A CA  1 
ATOM   1014 C C   . GLU A 1 151 ? 13.281  17.357  -2.812  1.00 45.34  ? 216 GLU A C   1 
ATOM   1015 O O   . GLU A 1 151 ? 14.047  18.253  -3.139  1.00 50.10  ? 216 GLU A O   1 
ATOM   1016 C CB  . GLU A 1 151 ? 11.735  16.356  -4.531  1.00 47.44  ? 216 GLU A CB  1 
ATOM   1017 C CG  . GLU A 1 151 ? 11.740  15.743  -5.923  1.00 47.03  ? 216 GLU A CG  1 
ATOM   1018 C CD  . GLU A 1 151 ? 12.676  16.437  -6.900  1.00 56.16  ? 216 GLU A CD  1 
ATOM   1019 O OE1 . GLU A 1 151 ? 13.230  17.530  -6.591  1.00 67.41  ? 216 GLU A OE1 1 
ATOM   1020 O OE2 . GLU A 1 151 ? 12.868  15.882  -8.000  1.00 59.05  ? 216 GLU A OE2 1 
ATOM   1021 N N   . ARG A 1 152 ? 12.618  17.354  -1.666  1.00 44.75  ? 217 ARG A N   1 
ATOM   1022 C CA  . ARG A 1 152 ? 12.712  18.458  -0.719  1.00 49.85  ? 217 ARG A CA  1 
ATOM   1023 C C   . ARG A 1 152 ? 13.818  18.277  0.331   1.00 51.45  ? 217 ARG A C   1 
ATOM   1024 O O   . ARG A 1 152 ? 14.332  19.260  0.862   1.00 55.29  ? 217 ARG A O   1 
ATOM   1025 C CB  . ARG A 1 152 ? 11.368  18.693  -0.030  1.00 51.45  ? 217 ARG A CB  1 
ATOM   1026 C CG  . ARG A 1 152 ? 10.198  19.072  -0.935  1.00 54.57  ? 217 ARG A CG  1 
ATOM   1027 C CD  . ARG A 1 152 ? 9.227   20.013  -0.219  1.00 59.98  ? 217 ARG A CD  1 
ATOM   1028 N NE  . ARG A 1 152 ? 9.971   20.825  0.745   1.00 64.51  ? 217 ARG A NE  1 
ATOM   1029 C CZ  . ARG A 1 152 ? 9.714   20.929  2.046   1.00 59.69  ? 217 ARG A CZ  1 
ATOM   1030 N NH1 . ARG A 1 152 ? 8.673   20.313  2.597   1.00 54.05  ? 217 ARG A NH1 1 
ATOM   1031 N NH2 . ARG A 1 152 ? 10.509  21.682  2.795   1.00 56.64  ? 217 ARG A NH2 1 
ATOM   1032 N N   . ASP A 1 153 ? 14.164  17.028  0.637   1.00 52.07  ? 218 ASP A N   1 
ATOM   1033 C CA  . ASP A 1 153 ? 15.207  16.700  1.619   1.00 52.79  ? 218 ASP A CA  1 
ATOM   1034 C C   . ASP A 1 153 ? 16.225  15.718  1.034   1.00 53.60  ? 218 ASP A C   1 
ATOM   1035 O O   . ASP A 1 153 ? 16.329  14.581  1.525   1.00 51.44  ? 218 ASP A O   1 
ATOM   1036 C CB  . ASP A 1 153 ? 14.595  16.078  2.881   1.00 55.83  ? 218 ASP A CB  1 
ATOM   1037 C CG  . ASP A 1 153 ? 14.418  17.069  4.017   1.00 65.34  ? 218 ASP A CG  1 
ATOM   1038 O OD1 . ASP A 1 153 ? 14.122  18.263  3.735   1.00 71.98  ? 218 ASP A OD1 1 
ATOM   1039 O OD2 . ASP A 1 153 ? 14.540  16.644  5.208   1.00 62.52  ? 218 ASP A OD2 1 
ATOM   1040 N N   . PRO A 1 154 ? 16.990  16.140  -0.002  1.00 55.20  ? 219 PRO A N   1 
ATOM   1041 C CA  . PRO A 1 154 ? 17.975  15.211  -0.602  1.00 55.52  ? 219 PRO A CA  1 
ATOM   1042 C C   . PRO A 1 154 ? 18.904  14.495  0.406   1.00 51.85  ? 219 PRO A C   1 
ATOM   1043 O O   . PRO A 1 154 ? 19.193  13.302  0.235   1.00 49.12  ? 219 PRO A O   1 
ATOM   1044 C CB  . PRO A 1 154 ? 18.766  16.116  -1.560  1.00 53.60  ? 219 PRO A CB  1 
ATOM   1045 C CG  . PRO A 1 154 ? 17.787  17.169  -1.950  1.00 54.67  ? 219 PRO A CG  1 
ATOM   1046 C CD  . PRO A 1 154 ? 16.997  17.446  -0.696  1.00 55.51  ? 219 PRO A CD  1 
ATOM   1047 N N   . GLN A 1 155 ? 19.308  15.215  1.456   1.00 48.18  ? 220 GLN A N   1 
ATOM   1048 C CA  . GLN A 1 155 ? 20.209  14.720  2.492   1.00 49.76  ? 220 GLN A CA  1 
ATOM   1049 C C   . GLN A 1 155 ? 19.671  13.502  3.248   1.00 53.82  ? 220 GLN A C   1 
ATOM   1050 O O   . GLN A 1 155 ? 20.411  12.874  4.021   1.00 60.90  ? 220 GLN A O   1 
ATOM   1051 C CB  . GLN A 1 155 ? 20.500  15.814  3.524   1.00 52.37  ? 220 GLN A CB  1 
ATOM   1052 C CG  . GLN A 1 155 ? 20.698  17.222  2.995   1.00 59.42  ? 220 GLN A CG  1 
ATOM   1053 C CD  . GLN A 1 155 ? 21.077  18.175  4.110   1.00 63.72  ? 220 GLN A CD  1 
ATOM   1054 O OE1 . GLN A 1 155 ? 22.231  18.229  4.544   1.00 66.92  ? 220 GLN A OE1 1 
ATOM   1055 N NE2 . GLN A 1 155 ? 20.100  18.926  4.588   1.00 69.36  ? 220 GLN A NE2 1 
ATOM   1056 N N   . SER A 1 156 ? 18.390  13.182  3.035   1.00 52.56  ? 221 SER A N   1 
ATOM   1057 C CA  . SER A 1 156 ? 17.738  12.045  3.676   1.00 48.07  ? 221 SER A CA  1 
ATOM   1058 C C   . SER A 1 156 ? 18.141  10.742  2.978   1.00 46.87  ? 221 SER A C   1 
ATOM   1059 O O   . SER A 1 156 ? 17.797  9.655   3.447   1.00 49.13  ? 221 SER A O   1 
ATOM   1060 C CB  . SER A 1 156 ? 16.208  12.229  3.706   1.00 48.53  ? 221 SER A CB  1 
ATOM   1061 O OG  . SER A 1 156 ? 15.675  12.301  2.395   1.00 44.77  ? 221 SER A OG  1 
ATOM   1062 N N   . GLY A 1 157 ? 18.862  10.865  1.858   1.00 44.64  ? 222 GLY A N   1 
ATOM   1063 C CA  . GLY A 1 157 ? 19.487  9.732   1.176   1.00 41.93  ? 222 GLY A CA  1 
ATOM   1064 C C   . GLY A 1 157 ? 18.559  8.759   0.471   1.00 40.53  ? 222 GLY A C   1 
ATOM   1065 O O   . GLY A 1 157 ? 18.957  7.621   0.181   1.00 36.72  ? 222 GLY A O   1 
ATOM   1066 N N   . ILE A 1 158 ? 17.323  9.200   0.194   1.00 41.49  ? 223 ILE A N   1 
ATOM   1067 C CA  . ILE A 1 158 ? 16.341  8.414   -0.589  1.00 41.24  ? 223 ILE A CA  1 
ATOM   1068 C C   . ILE A 1 158 ? 15.888  9.254   -1.749  1.00 40.77  ? 223 ILE A C   1 
ATOM   1069 O O   . ILE A 1 158 ? 15.937  10.480  -1.666  1.00 38.85  ? 223 ILE A O   1 
ATOM   1070 C CB  . ILE A 1 158 ? 15.086  7.970   0.214   1.00 38.09  ? 223 ILE A CB  1 
ATOM   1071 C CG1 . ILE A 1 158 ? 14.098  9.122   0.369   1.00 36.23  ? 223 ILE A CG1 1 
ATOM   1072 C CG2 . ILE A 1 158 ? 15.467  7.372   1.556   1.00 39.93  ? 223 ILE A CG2 1 
ATOM   1073 C CD1 . ILE A 1 158 ? 12.840  8.750   1.098   1.00 34.88  ? 223 ILE A CD1 1 
ATOM   1074 N N   . TYR A 1 159 ? 15.440  8.592   -2.810  1.00 42.52  ? 224 TYR A N   1 
ATOM   1075 C CA  . TYR A 1 159 ? 14.852  9.293   -3.946  1.00 47.15  ? 224 TYR A CA  1 
ATOM   1076 C C   . TYR A 1 159 ? 14.174  8.327   -4.919  1.00 45.59  ? 224 TYR A C   1 
ATOM   1077 O O   . TYR A 1 159 ? 14.369  7.113   -4.843  1.00 51.29  ? 224 TYR A O   1 
ATOM   1078 C CB  . TYR A 1 159 ? 15.912  10.158  -4.658  1.00 49.63  ? 224 TYR A CB  1 
ATOM   1079 C CG  . TYR A 1 159 ? 16.674  9.452   -5.733  1.00 51.32  ? 224 TYR A CG  1 
ATOM   1080 C CD1 . TYR A 1 159 ? 16.446  9.763   -7.082  1.00 55.19  ? 224 TYR A CD1 1 
ATOM   1081 C CD2 . TYR A 1 159 ? 17.610  8.469   -5.418  1.00 55.64  ? 224 TYR A CD2 1 
ATOM   1082 C CE1 . TYR A 1 159 ? 17.135  9.118   -8.095  1.00 61.67  ? 224 TYR A CE1 1 
ATOM   1083 C CE2 . TYR A 1 159 ? 18.308  7.806   -6.418  1.00 65.72  ? 224 TYR A CE2 1 
ATOM   1084 C CZ  . TYR A 1 159 ? 18.073  8.132   -7.757  1.00 70.17  ? 224 TYR A CZ  1 
ATOM   1085 O OH  . TYR A 1 159 ? 18.774  7.474   -8.752  1.00 75.66  ? 224 TYR A OH  1 
ATOM   1086 N N   . LEU A 1 160 ? 13.374  8.876   -5.826  1.00 41.47  ? 225 LEU A N   1 
ATOM   1087 C CA  . LEU A 1 160 ? 12.671  8.078   -6.809  1.00 40.53  ? 225 LEU A CA  1 
ATOM   1088 C C   . LEU A 1 160 ? 13.021  8.592   -8.197  1.00 41.08  ? 225 LEU A C   1 
ATOM   1089 O O   . LEU A 1 160 ? 12.862  9.773   -8.477  1.00 39.21  ? 225 LEU A O   1 
ATOM   1090 C CB  . LEU A 1 160 ? 11.157  8.133   -6.536  1.00 38.36  ? 225 LEU A CB  1 
ATOM   1091 C CG  . LEU A 1 160 ? 10.210  7.198   -7.296  1.00 37.16  ? 225 LEU A CG  1 
ATOM   1092 C CD1 . LEU A 1 160 ? 10.337  5.815   -6.715  1.00 36.17  ? 225 LEU A CD1 1 
ATOM   1093 C CD2 . LEU A 1 160 ? 8.756   7.645   -7.221  1.00 35.77  ? 225 LEU A CD2 1 
ATOM   1094 N N   . GLN A 1 161 ? 13.528  7.699   -9.042  1.00 47.98  ? 226 GLN A N   1 
ATOM   1095 C CA  . GLN A 1 161 ? 13.835  7.990   -10.443 1.00 58.27  ? 226 GLN A CA  1 
ATOM   1096 C C   . GLN A 1 161 ? 12.621  8.637   -11.078 1.00 68.21  ? 226 GLN A C   1 
ATOM   1097 O O   . GLN A 1 161 ? 11.488  8.224   -10.797 1.00 76.10  ? 226 GLN A O   1 
ATOM   1098 C CB  . GLN A 1 161 ? 14.142  6.686   -11.189 1.00 61.89  ? 226 GLN A CB  1 
ATOM   1099 C CG  . GLN A 1 161 ? 14.750  5.579   -10.326 1.00 64.91  ? 226 GLN A CG  1 
ATOM   1100 C CD  . GLN A 1 161 ? 16.130  5.930   -9.778  1.00 71.89  ? 226 GLN A CD  1 
ATOM   1101 O OE1 . GLN A 1 161 ? 16.772  6.881   -10.236 1.00 72.16  ? 226 GLN A OE1 1 
ATOM   1102 N NE2 . GLN A 1 161 ? 16.594  5.157   -8.794  1.00 71.51  ? 226 GLN A NE2 1 
ATOM   1103 N N   . ARG A 1 162 ? 12.862  9.693   -11.947 1.00 75.18  ? 227 ARG A N   1 
ATOM   1104 C CA  . ARG A 1 162 ? 11.714  10.169  -12.667 1.00 78.58  ? 227 ARG A CA  1 
ATOM   1105 C C   . ARG A 1 162 ? 11.163  9.030   -13.529 1.00 72.05  ? 227 ARG A C   1 
ATOM   1106 O O   . ARG A 1 162 ? 9.976   8.977   -13.758 1.00 69.08  ? 227 ARG A O   1 
ATOM   1107 C CB  . ARG A 1 162 ? 11.873  11.441  -13.401 1.00 82.83  ? 227 ARG A CB  1 
ATOM   1108 C CG  . ARG A 1 162 ? 11.390  12.672  -12.653 1.00 91.48  ? 227 ARG A CG  1 
ATOM   1109 C CD  . ARG A 1 162 ? 9.928   12.962  -12.954 1.00 103.81 ? 227 ARG A CD  1 
ATOM   1110 N NE  . ARG A 1 162 ? 9.539   14.303  -12.533 1.00 105.46 ? 227 ARG A NE  1 
ATOM   1111 C CZ  . ARG A 1 162 ? 8.283   14.737  -12.486 1.00 96.87  ? 227 ARG A CZ  1 
ATOM   1112 N NH1 . ARG A 1 162 ? 8.027   15.995  -12.157 1.00 92.11  ? 227 ARG A NH1 1 
ATOM   1113 N NH2 . ARG A 1 162 ? 7.286   13.908  -12.768 1.00 88.94  ? 227 ARG A NH2 1 
ATOM   1114 N N   . GLY A 1 163 ? 12.055  8.150   -13.844 1.00 68.99  ? 228 GLY A N   1 
ATOM   1115 C CA  . GLY A 1 163 ? 11.979  6.909   -14.539 1.00 73.75  ? 228 GLY A CA  1 
ATOM   1116 C C   . GLY A 1 163 ? 11.014  5.941   -13.916 1.00 79.73  ? 228 GLY A C   1 
ATOM   1117 O O   . GLY A 1 163 ? 10.829  4.803   -14.413 1.00 96.19  ? 228 GLY A O   1 
ATOM   1118 N N   . LEU A 1 164 ? 10.432  6.273   -12.790 1.00 70.50  ? 229 LEU A N   1 
ATOM   1119 C CA  . LEU A 1 164 ? 9.566   5.434   -12.027 1.00 61.12  ? 229 LEU A CA  1 
ATOM   1120 C C   . LEU A 1 164 ? 8.215   6.066   -11.807 1.00 58.85  ? 229 LEU A C   1 
ATOM   1121 O O   . LEU A 1 164 ? 7.205   5.418   -11.979 1.00 61.49  ? 229 LEU A O   1 
ATOM   1122 C CB  . LEU A 1 164 ? 10.158  4.858   -10.766 1.00 59.41  ? 229 LEU A CB  1 
ATOM   1123 C CG  . LEU A 1 164 ? 11.406  4.019   -10.917 1.00 55.31  ? 229 LEU A CG  1 
ATOM   1124 C CD1 . LEU A 1 164 ? 11.901  3.527   -9.594  1.00 51.96  ? 229 LEU A CD1 1 
ATOM   1125 C CD2 . LEU A 1 164 ? 11.172  2.906   -11.898 1.00 54.01  ? 229 LEU A CD2 1 
ATOM   1126 N N   . ILE A 1 165 ? 8.326   7.360   -11.467 1.00 58.29  ? 230 ILE A N   1 
ATOM   1127 C CA  . ILE A 1 165 ? 7.265   8.302   -11.249 1.00 59.14  ? 230 ILE A CA  1 
ATOM   1128 C C   . ILE A 1 165 ? 6.417   8.425   -12.478 1.00 63.88  ? 230 ILE A C   1 
ATOM   1129 O O   . ILE A 1 165 ? 5.244   8.721   -12.424 1.00 63.29  ? 230 ILE A O   1 
ATOM   1130 C CB  . ILE A 1 165 ? 7.541   9.561   -10.486 1.00 56.96  ? 230 ILE A CB  1 
ATOM   1131 C CG1 . ILE A 1 165 ? 6.384   10.218  -9.788  1.00 53.44  ? 230 ILE A CG1 1 
ATOM   1132 C CG2 . ILE A 1 165 ? 8.346   10.606  -11.194 1.00 55.44  ? 230 ILE A CG2 1 
ATOM   1133 C CD1 . ILE A 1 165 ? 5.604   9.486   -8.760  1.00 47.62  ? 230 ILE A CD1 1 
ATOM   1134 N N   . ILE A 1 166 ? 7.016   8.054   -13.622 1.00 68.85  ? 231 ILE A N   1 
ATOM   1135 C CA  . ILE A 1 166 ? 6.338   7.948   -14.874 1.00 75.51  ? 231 ILE A CA  1 
ATOM   1136 C C   . ILE A 1 166 ? 5.313   6.820   -14.796 1.00 67.88  ? 231 ILE A C   1 
ATOM   1137 O O   . ILE A 1 166 ? 4.111   6.949   -14.840 1.00 63.71  ? 231 ILE A O   1 
ATOM   1138 C CB  . ILE A 1 166 ? 7.152   7.812   -16.116 1.00 81.42  ? 231 ILE A CB  1 
ATOM   1139 C CG1 . ILE A 1 166 ? 6.228   7.710   -17.332 1.00 86.00  ? 231 ILE A CG1 1 
ATOM   1140 C CG2 . ILE A 1 166 ? 8.055   6.588   -16.092 1.00 89.30  ? 231 ILE A CG2 1 
ATOM   1141 C CD1 . ILE A 1 166 ? 5.548   9.011   -17.692 1.00 85.24  ? 231 ILE A CD1 1 
ATOM   1142 N N   . PHE A 1 167 ? 5.905   5.655   -14.517 1.00 60.41  ? 232 PHE A N   1 
ATOM   1143 C CA  . PHE A 1 167 ? 5.100   4.426   -14.360 1.00 59.97  ? 232 PHE A CA  1 
ATOM   1144 C C   . PHE A 1 167 ? 4.094   4.661   -13.273 1.00 56.58  ? 232 PHE A C   1 
ATOM   1145 O O   . PHE A 1 167 ? 2.878   4.578   -13.367 1.00 58.81  ? 232 PHE A O   1 
ATOM   1146 C CB  . PHE A 1 167 ? 6.039   3.271   -14.171 1.00 65.03  ? 232 PHE A CB  1 
ATOM   1147 C CG  . PHE A 1 167 ? 5.516   1.894   -14.089 1.00 73.73  ? 232 PHE A CG  1 
ATOM   1148 C CD1 . PHE A 1 167 ? 5.003   1.251   -15.197 1.00 78.52  ? 232 PHE A CD1 1 
ATOM   1149 C CD2 . PHE A 1 167 ? 5.507   1.219   -12.896 1.00 72.85  ? 232 PHE A CD2 1 
ATOM   1150 C CE1 . PHE A 1 167 ? 4.511   -0.027  -15.087 1.00 84.18  ? 232 PHE A CE1 1 
ATOM   1151 C CE2 . PHE A 1 167 ? 5.012   -0.041  -12.786 1.00 78.15  ? 232 PHE A CE2 1 
ATOM   1152 C CZ  . PHE A 1 167 ? 4.516   -0.695  -13.870 1.00 81.41  ? 232 PHE A CZ  1 
ATOM   1153 N N   . ALA A 1 168 ? 4.611   5.198   -12.208 1.00 48.53  ? 233 ALA A N   1 
ATOM   1154 C CA  . ALA A 1 168 ? 3.670   5.529   -11.182 1.00 45.68  ? 233 ALA A CA  1 
ATOM   1155 C C   . ALA A 1 168 ? 2.419   6.132   -11.762 1.00 44.76  ? 233 ALA A C   1 
ATOM   1156 O O   . ALA A 1 168 ? 1.322   5.694   -11.500 1.00 43.68  ? 233 ALA A O   1 
ATOM   1157 C CB  . ALA A 1 168 ? 4.286   6.383   -10.100 1.00 45.65  ? 233 ALA A CB  1 
ATOM   1158 N N   . LEU A 1 169 ? 2.632   7.196   -12.500 1.00 47.50  ? 234 LEU A N   1 
ATOM   1159 C CA  . LEU A 1 169 ? 1.500   7.904   -13.115 1.00 48.48  ? 234 LEU A CA  1 
ATOM   1160 C C   . LEU A 1 169 ? 0.896   7.089   -14.200 1.00 49.64  ? 234 LEU A C   1 
ATOM   1161 O O   . LEU A 1 169 ? -0.315  7.093   -14.520 1.00 48.13  ? 234 LEU A O   1 
ATOM   1162 C CB  . LEU A 1 169 ? 1.995   9.229   -13.653 1.00 50.28  ? 234 LEU A CB  1 
ATOM   1163 C CG  . LEU A 1 169 ? 2.413   10.274  -12.645 1.00 54.52  ? 234 LEU A CG  1 
ATOM   1164 C CD1 . LEU A 1 169 ? 3.353   11.278  -13.317 1.00 51.55  ? 234 LEU A CD1 1 
ATOM   1165 C CD2 . LEU A 1 169 ? 1.216   11.091  -12.152 1.00 54.00  ? 234 LEU A CD2 1 
ATOM   1166 N N   . ILE A 1 170 ? 1.680   6.210   -14.873 1.00 47.82  ? 235 ILE A N   1 
ATOM   1167 C CA  . ILE A 1 170 ? 0.864   5.435   -15.865 1.00 49.15  ? 235 ILE A CA  1 
ATOM   1168 C C   . ILE A 1 170 ? -0.050  4.509   -15.100 1.00 46.47  ? 235 ILE A C   1 
ATOM   1169 O O   . ILE A 1 170 ? -1.111  4.146   -15.386 1.00 47.26  ? 235 ILE A O   1 
ATOM   1170 C CB  . ILE A 1 170 ? 1.748   4.731   -16.912 1.00 52.88  ? 235 ILE A CB  1 
ATOM   1171 C CG1 . ILE A 1 170 ? 2.748   5.606   -17.622 1.00 52.84  ? 235 ILE A CG1 1 
ATOM   1172 C CG2 . ILE A 1 170 ? 0.843   4.105   -17.975 1.00 55.24  ? 235 ILE A CG2 1 
ATOM   1173 C CD1 . ILE A 1 170 ? 2.344   6.976   -18.032 1.00 54.11  ? 235 ILE A CD1 1 
ATOM   1174 N N   . TRP A 1 171 ? 0.510   3.967   -14.046 1.00 43.88  ? 236 TRP A N   1 
ATOM   1175 C CA  . TRP A 1 171 ? -0.116  2.897   -13.286 1.00 45.63  ? 236 TRP A CA  1 
ATOM   1176 C C   . TRP A 1 171 ? -1.442  3.392   -12.701 1.00 44.94  ? 236 TRP A C   1 
ATOM   1177 O O   . TRP A 1 171 ? -2.481  2.733   -12.838 1.00 43.56  ? 236 TRP A O   1 
ATOM   1178 C CB  . TRP A 1 171 ? 0.857   2.372   -12.212 1.00 44.03  ? 236 TRP A CB  1 
ATOM   1179 C CG  . TRP A 1 171 ? 0.312   1.366   -11.264 1.00 44.50  ? 236 TRP A CG  1 
ATOM   1180 C CD1 . TRP A 1 171 ? -0.891  0.697   -11.349 1.00 43.80  ? 236 TRP A CD1 1 
ATOM   1181 C CD2 . TRP A 1 171 ? 0.966   0.861   -10.096 1.00 45.68  ? 236 TRP A CD2 1 
ATOM   1182 N NE1 . TRP A 1 171 ? -1.034  -0.171  -10.294 1.00 43.73  ? 236 TRP A NE1 1 
ATOM   1183 C CE2 . TRP A 1 171 ? 0.087   -0.095  -9.504  1.00 43.70  ? 236 TRP A CE2 1 
ATOM   1184 C CE3 . TRP A 1 171 ? 2.212   1.116   -9.482  1.00 46.22  ? 236 TRP A CE3 1 
ATOM   1185 C CZ2 . TRP A 1 171 ? 0.413   -0.796  -8.323  1.00 41.49  ? 236 TRP A CZ2 1 
ATOM   1186 C CZ3 . TRP A 1 171 ? 2.535   0.407   -8.292  1.00 45.14  ? 236 TRP A CZ3 1 
ATOM   1187 C CH2 . TRP A 1 171 ? 1.631   -0.535  -7.734  1.00 41.34  ? 236 TRP A CH2 1 
ATOM   1188 N N   . ILE A 1 172 ? -1.397  4.571   -12.091 1.00 45.59  ? 237 ILE A N   1 
ATOM   1189 C CA  . ILE A 1 172 ? -2.569  5.154   -11.455 1.00 49.87  ? 237 ILE A CA  1 
ATOM   1190 C C   . ILE A 1 172 ? -3.664  5.483   -12.485 1.00 51.93  ? 237 ILE A C   1 
ATOM   1191 O O   . ILE A 1 172 ? -4.842  5.145   -12.286 1.00 51.84  ? 237 ILE A O   1 
ATOM   1192 C CB  . ILE A 1 172 ? -2.178  6.341   -10.533 1.00 49.70  ? 237 ILE A CB  1 
ATOM   1193 C CG1 . ILE A 1 172 ? -3.323  6.706   -9.587  1.00 51.13  ? 237 ILE A CG1 1 
ATOM   1194 C CG2 . ILE A 1 172 ? -1.688  7.540   -11.335 1.00 51.35  ? 237 ILE A CG2 1 
ATOM   1195 C CD1 . ILE A 1 172 ? -2.899  7.641   -8.466  1.00 54.16  ? 237 ILE A CD1 1 
ATOM   1196 N N   . VAL A 1 173 ? -3.264  6.088   -13.602 1.00 54.34  ? 238 VAL A N   1 
ATOM   1197 C CA  . VAL A 1 173 ? -4.236  6.468   -14.629 1.00 58.01  ? 238 VAL A CA  1 
ATOM   1198 C C   . VAL A 1 173 ? -4.745  5.258   -15.390 1.00 58.51  ? 238 VAL A C   1 
ATOM   1199 O O   . VAL A 1 173 ? -5.805  5.331   -15.993 1.00 61.35  ? 238 VAL A O   1 
ATOM   1200 C CB  . VAL A 1 173 ? -3.701  7.525   -15.637 1.00 55.55  ? 238 VAL A CB  1 
ATOM   1201 C CG1 . VAL A 1 173 ? -3.244  8.788   -14.917 1.00 54.68  ? 238 VAL A CG1 1 
ATOM   1202 C CG2 . VAL A 1 173 ? -2.589  6.955   -16.500 1.00 58.88  ? 238 VAL A CG2 1 
ATOM   1203 N N   . ALA A 1 174 ? -3.986  4.160   -15.378 1.00 54.99  ? 239 ALA A N   1 
ATOM   1204 C CA  . ALA A 1 174 ? -4.404  2.937   -16.059 1.00 51.85  ? 239 ALA A CA  1 
ATOM   1205 C C   . ALA A 1 174 ? -5.495  2.235   -15.264 1.00 53.79  ? 239 ALA A C   1 
ATOM   1206 O O   . ALA A 1 174 ? -6.312  1.510   -15.830 1.00 52.73  ? 239 ALA A O   1 
ATOM   1207 C CB  . ALA A 1 174 ? -3.219  2.022   -16.274 1.00 51.12  ? 239 ALA A CB  1 
ATOM   1208 N N   . GLY A 1 175 ? -5.494  2.451   -13.947 1.00 55.33  ? 240 GLY A N   1 
ATOM   1209 C CA  . GLY A 1 175 ? -6.553  1.964   -13.077 1.00 57.08  ? 240 GLY A CA  1 
ATOM   1210 C C   . GLY A 1 175 ? -7.833  2.730   -13.311 1.00 57.06  ? 240 GLY A C   1 
ATOM   1211 O O   . GLY A 1 175 ? -8.920  2.184   -13.159 1.00 55.77  ? 240 GLY A O   1 
ATOM   1212 N N   . TRP A 1 176 ? -7.693  4.009   -13.653 1.00 62.37  ? 241 TRP A N   1 
ATOM   1213 C CA  . TRP A 1 176 ? -8.838  4.852   -14.018 1.00 67.55  ? 241 TRP A CA  1 
ATOM   1214 C C   . TRP A 1 176 ? -9.578  4.305   -15.234 1.00 68.49  ? 241 TRP A C   1 
ATOM   1215 O O   . TRP A 1 176 ? -10.791 4.431   -15.330 1.00 70.79  ? 241 TRP A O   1 
ATOM   1216 C CB  . TRP A 1 176 ? -8.407  6.309   -14.286 1.00 67.26  ? 241 TRP A CB  1 
ATOM   1217 C CG  . TRP A 1 176 ? -7.998  7.067   -13.057 1.00 64.52  ? 241 TRP A CG  1 
ATOM   1218 C CD1 . TRP A 1 176 ? -8.233  6.710   -11.757 1.00 63.46  ? 241 TRP A CD1 1 
ATOM   1219 C CD2 . TRP A 1 176 ? -7.316  8.328   -13.009 1.00 65.29  ? 241 TRP A CD2 1 
ATOM   1220 N NE1 . TRP A 1 176 ? -7.721  7.653   -10.905 1.00 67.77  ? 241 TRP A NE1 1 
ATOM   1221 C CE2 . TRP A 1 176 ? -7.155  8.662   -11.641 1.00 67.67  ? 241 TRP A CE2 1 
ATOM   1222 C CE3 . TRP A 1 176 ? -6.810  9.202   -13.984 1.00 67.23  ? 241 TRP A CE3 1 
ATOM   1223 C CZ2 . TRP A 1 176 ? -6.505  9.840   -11.220 1.00 65.47  ? 241 TRP A CZ2 1 
ATOM   1224 C CZ3 . TRP A 1 176 ? -6.162  10.374  -13.565 1.00 65.68  ? 241 TRP A CZ3 1 
ATOM   1225 C CH2 . TRP A 1 176 ? -6.016  10.676  -12.193 1.00 66.21  ? 241 TRP A CH2 1 
ATOM   1226 N N   . PHE A 1 177 ? -8.839  3.684   -16.147 1.00 71.58  ? 242 PHE A N   1 
ATOM   1227 C CA  . PHE A 1 177 ? -9.415  3.122   -17.369 1.00 76.59  ? 242 PHE A CA  1 
ATOM   1228 C C   . PHE A 1 177 ? -9.622  1.607   -17.277 1.00 78.99  ? 242 PHE A C   1 
ATOM   1229 O O   . PHE A 1 177 ? -9.907  0.959   -18.290 1.00 84.00  ? 242 PHE A O   1 
ATOM   1230 C CB  . PHE A 1 177 ? -8.530  3.456   -18.577 1.00 77.23  ? 242 PHE A CB  1 
ATOM   1231 C CG  . PHE A 1 177 ? -8.552  4.906   -18.967 1.00 81.15  ? 242 PHE A CG  1 
ATOM   1232 C CD1 . PHE A 1 177 ? -7.785  5.850   -18.271 1.00 83.84  ? 242 PHE A CD1 1 
ATOM   1233 C CD2 . PHE A 1 177 ? -9.325  5.335   -20.039 1.00 81.03  ? 242 PHE A CD2 1 
ATOM   1234 C CE1 . PHE A 1 177 ? -7.795  7.195   -18.627 1.00 84.57  ? 242 PHE A CE1 1 
ATOM   1235 C CE2 . PHE A 1 177 ? -9.340  6.680   -20.405 1.00 82.98  ? 242 PHE A CE2 1 
ATOM   1236 C CZ  . PHE A 1 177 ? -8.574  7.609   -19.699 1.00 84.94  ? 242 PHE A CZ  1 
ATOM   1237 N N   . ASP A 1 178 ? -9.484  1.051   -16.067 1.00 78.65  ? 243 ASP A N   1 
ATOM   1238 C CA  . ASP A 1 178 ? -9.562  -0.397  -15.835 1.00 77.17  ? 243 ASP A CA  1 
ATOM   1239 C C   . ASP A 1 178 ? -8.837  -1.192  -16.923 1.00 76.38  ? 243 ASP A C   1 
ATOM   1240 O O   . ASP A 1 178 ? -9.462  -1.932  -17.688 1.00 68.55  ? 243 ASP A O   1 
ATOM   1241 C CB  . ASP A 1 178 ? -11.025 -0.848  -15.703 1.00 78.97  ? 243 ASP A CB  1 
ATOM   1242 C CG  . ASP A 1 178 ? -11.500 -0.904  -14.260 1.00 80.93  ? 243 ASP A CG  1 
ATOM   1243 O OD1 . ASP A 1 178 ? -10.901 -0.225  -13.391 1.00 83.96  ? 243 ASP A OD1 1 
ATOM   1244 O OD2 . ASP A 1 178 ? -12.485 -1.637  -14.001 1.00 78.20  ? 243 ASP A OD2 1 
ATOM   1245 N N   . LEU A 1 179 ? -7.521  -0.990  -16.985 1.00 80.17  ? 244 LEU A N   1 
ATOM   1246 C CA  . LEU A 1 179 ? -6.623  -1.597  -17.981 1.00 83.04  ? 244 LEU A CA  1 
ATOM   1247 C C   . LEU A 1 179 ? -6.862  -3.085  -18.304 1.00 83.87  ? 244 LEU A C   1 
ATOM   1248 O O   . LEU A 1 179 ? -6.467  -3.980  -17.549 1.00 77.44  ? 244 LEU A O   1 
ATOM   1249 C CB  . LEU A 1 179 ? -5.168  -1.399  -17.547 1.00 88.20  ? 244 LEU A CB  1 
ATOM   1250 C CG  . LEU A 1 179 ? -4.151  -1.140  -18.661 1.00 88.55  ? 244 LEU A CG  1 
ATOM   1251 C CD1 . LEU A 1 179 ? -4.549  0.073   -19.497 1.00 85.87  ? 244 LEU A CD1 1 
ATOM   1252 C CD2 . LEU A 1 179 ? -2.736  -0.982  -18.120 1.00 85.99  ? 244 LEU A CD2 1 
ATOM   1253 N N   . PHE A 1 180 ? -7.510  -3.326  -19.442 1.00 83.53  ? 245 PHE A N   1 
ATOM   1254 C CA  . PHE A 1 180 ? -7.740  -4.678  -19.959 1.00 82.99  ? 245 PHE A CA  1 
ATOM   1255 C C   . PHE A 1 180 ? -8.546  -5.538  -18.993 1.00 83.45  ? 245 PHE A C   1 
ATOM   1256 O O   . PHE A 1 180 ? -8.247  -6.722  -18.811 1.00 87.75  ? 245 PHE A O   1 
ATOM   1257 C CB  . PHE A 1 180 ? -6.416  -5.366  -20.334 1.00 80.96  ? 245 PHE A CB  1 
ATOM   1258 C CG  . PHE A 1 180 ? -5.773  -4.814  -21.574 1.00 82.89  ? 245 PHE A CG  1 
ATOM   1259 C CD1 . PHE A 1 180 ? -6.347  -5.024  -22.842 1.00 84.08  ? 245 PHE A CD1 1 
ATOM   1260 C CD2 . PHE A 1 180 ? -4.582  -4.084  -21.487 1.00 78.68  ? 245 PHE A CD2 1 
ATOM   1261 C CE1 . PHE A 1 180 ? -5.744  -4.496  -23.984 1.00 80.81  ? 245 PHE A CE1 1 
ATOM   1262 C CE2 . PHE A 1 180 ? -3.978  -3.557  -22.628 1.00 76.50  ? 245 PHE A CE2 1 
ATOM   1263 C CZ  . PHE A 1 180 ? -4.555  -3.768  -23.875 1.00 75.13  ? 245 PHE A CZ  1 
ATOM   1264 N N   . GLY A 1 181 ? -9.559  -4.933  -18.372 1.00 78.16  ? 246 GLY A N   1 
ATOM   1265 C CA  . GLY A 1 181 ? -10.410 -5.622  -17.386 1.00 77.29  ? 246 GLY A CA  1 
ATOM   1266 C C   . GLY A 1 181 ? -9.895  -5.686  -15.944 1.00 73.46  ? 246 GLY A C   1 
ATOM   1267 O O   . GLY A 1 181 ? -10.571 -6.258  -15.072 1.00 67.08  ? 246 GLY A O   1 
ATOM   1268 N N   . MET A 1 182 ? -8.723  -5.093  -15.687 1.00 68.62  ? 247 MET A N   1 
ATOM   1269 C CA  . MET A 1 182 ? -8.115  -5.100  -14.351 1.00 63.71  ? 247 MET A CA  1 
ATOM   1270 C C   . MET A 1 182 ? -8.782  -4.119  -13.399 1.00 61.05  ? 247 MET A C   1 
ATOM   1271 O O   . MET A 1 182 ? -8.524  -2.901  -13.455 1.00 68.56  ? 247 MET A O   1 
ATOM   1272 C CB  . MET A 1 182 ? -6.623  -4.789  -14.428 1.00 65.82  ? 247 MET A CB  1 
ATOM   1273 C CG  . MET A 1 182 ? -5.799  -5.869  -15.094 1.00 73.49  ? 247 MET A CG  1 
ATOM   1274 S SD  . MET A 1 182 ? -4.064  -5.421  -15.031 1.00 81.90  ? 247 MET A SD  1 
ATOM   1275 C CE  . MET A 1 182 ? -3.662  -6.152  -13.438 1.00 78.94  ? 247 MET A CE  1 
ATOM   1276 N N   . SER A 1 183 ? -9.634  -4.650  -12.521 1.00 52.52  ? 248 SER A N   1 
ATOM   1277 C CA  . SER A 1 183 ? -10.349 -3.827  -11.550 1.00 48.08  ? 248 SER A CA  1 
ATOM   1278 C C   . SER A 1 183 ? -9.425  -3.387  -10.416 1.00 46.95  ? 248 SER A C   1 
ATOM   1279 O O   . SER A 1 183 ? -9.187  -4.134  -9.467  1.00 48.28  ? 248 SER A O   1 
ATOM   1280 C CB  . SER A 1 183 ? -11.570 -4.564  -11.017 1.00 45.79  ? 248 SER A CB  1 
ATOM   1281 O OG  . SER A 1 183 ? -11.243 -5.916  -10.825 1.00 51.80  ? 248 SER A OG  1 
ATOM   1282 N N   . MET A 1 184 ? -8.918  -2.162  -10.528 1.00 44.40  ? 249 MET A N   1 
ATOM   1283 C CA  . MET A 1 184 ? -7.975  -1.593  -9.572  1.00 42.50  ? 249 MET A CA  1 
ATOM   1284 C C   . MET A 1 184 ? -8.658  -0.712  -8.508  1.00 39.87  ? 249 MET A C   1 
ATOM   1285 O O   . MET A 1 184 ? -9.620  0.011   -8.788  1.00 40.62  ? 249 MET A O   1 
ATOM   1286 C CB  . MET A 1 184 ? -6.922  -0.775  -10.316 1.00 44.79  ? 249 MET A CB  1 
ATOM   1287 C CG  . MET A 1 184 ? -5.999  -1.579  -11.213 1.00 51.49  ? 249 MET A CG  1 
ATOM   1288 S SD  . MET A 1 184 ? -4.466  -0.670  -11.521 1.00 59.87  ? 249 MET A SD  1 
ATOM   1289 C CE  . MET A 1 184 ? -3.651  -1.707  -12.735 1.00 58.06  ? 249 MET A CE  1 
ATOM   1290 N N   . ALA A 1 185 ? -8.143  -0.755  -7.289  1.00 38.54  ? 250 ALA A N   1 
ATOM   1291 C CA  . ALA A 1 185 ? -8.663  0.064   -6.194  1.00 38.29  ? 250 ALA A CA  1 
ATOM   1292 C C   . ALA A 1 185 ? -8.202  1.536   -6.347  1.00 41.58  ? 250 ALA A C   1 
ATOM   1293 O O   . ALA A 1 185 ? -7.195  1.969   -5.731  1.00 42.37  ? 250 ALA A O   1 
ATOM   1294 C CB  . ALA A 1 185 ? -8.247  -0.531  -4.858  1.00 33.42  ? 250 ALA A CB  1 
ATOM   1295 N N   . ASN A 1 186 ? -8.940  2.285   -7.181  1.00 39.71  ? 251 ASN A N   1 
ATOM   1296 C CA  . ASN A 1 186 ? -8.564  3.652   -7.568  1.00 40.19  ? 251 ASN A CA  1 
ATOM   1297 C C   . ASN A 1 186 ? -8.484  4.674   -6.422  1.00 39.60  ? 251 ASN A C   1 
ATOM   1298 O O   . ASN A 1 186 ? -7.665  5.621   -6.460  1.00 38.63  ? 251 ASN A O   1 
ATOM   1299 C CB  . ASN A 1 186 ? -9.455  4.144   -8.698  1.00 43.36  ? 251 ASN A CB  1 
ATOM   1300 C CG  . ASN A 1 186 ? -9.137  3.456   -10.017 1.00 51.48  ? 251 ASN A CG  1 
ATOM   1301 O OD1 . ASN A 1 186 ? -7.976  3.448   -10.451 1.00 60.77  ? 251 ASN A OD1 1 
ATOM   1302 N ND2 . ASN A 1 186 ? -10.153 2.870   -10.662 1.00 49.52  ? 251 ASN A ND2 1 
ATOM   1303 N N   . GLY A 1 187 ? -9.312  4.449   -5.399  1.00 36.08  ? 252 GLY A N   1 
ATOM   1304 C CA  . GLY A 1 187 ? -9.349  5.312   -4.226  1.00 32.48  ? 252 GLY A CA  1 
ATOM   1305 C C   . GLY A 1 187 ? -8.117  5.058   -3.392  1.00 30.33  ? 252 GLY A C   1 
ATOM   1306 O O   . GLY A 1 187 ? -7.522  5.985   -2.846  1.00 28.56  ? 252 GLY A O   1 
ATOM   1307 N N   . ALA A 1 188 ? -7.727  3.789   -3.318  1.00 28.25  ? 253 ALA A N   1 
ATOM   1308 C CA  . ALA A 1 188 ? -6.571  3.389   -2.549  1.00 27.25  ? 253 ALA A CA  1 
ATOM   1309 C C   . ALA A 1 188 ? -5.295  4.051   -3.075  1.00 25.45  ? 253 ALA A C   1 
ATOM   1310 O O   . ALA A 1 188 ? -4.496  4.596   -2.318  1.00 23.34  ? 253 ALA A O   1 
ATOM   1311 C CB  . ALA A 1 188 ? -6.457  1.862   -2.561  1.00 29.33  ? 253 ALA A CB  1 
ATOM   1312 N N   . HIS A 1 189 ? -5.139  4.030   -4.385  1.00 27.21  ? 254 HIS A N   1 
ATOM   1313 C CA  . HIS A 1 189 ? -3.949  4.560   -5.032  1.00 30.40  ? 254 HIS A CA  1 
ATOM   1314 C C   . HIS A 1 189 ? -3.766  6.055   -4.784  1.00 31.06  ? 254 HIS A C   1 
ATOM   1315 O O   . HIS A 1 189 ? -2.724  6.489   -4.288  1.00 31.66  ? 254 HIS A O   1 
ATOM   1316 C CB  . HIS A 1 189 ? -3.987  4.269   -6.546  1.00 31.87  ? 254 HIS A CB  1 
ATOM   1317 C CG  . HIS A 1 189 ? -3.950  2.813   -6.893  1.00 32.42  ? 254 HIS A CG  1 
ATOM   1318 N ND1 . HIS A 1 189 ? -4.058  2.361   -8.189  1.00 33.85  ? 254 HIS A ND1 1 
ATOM   1319 C CD2 . HIS A 1 189 ? -3.818  1.711   -6.116  1.00 33.46  ? 254 HIS A CD2 1 
ATOM   1320 C CE1 . HIS A 1 189 ? -3.987  1.043   -8.199  1.00 36.01  ? 254 HIS A CE1 1 
ATOM   1321 N NE2 . HIS A 1 189 ? -3.839  0.620   -6.952  1.00 35.09  ? 254 HIS A NE2 1 
ATOM   1322 N N   . ILE A 1 190 ? -4.784  6.825   -5.139  1.00 31.79  ? 255 ILE A N   1 
ATOM   1323 C CA  . ILE A 1 190 ? -4.757  8.264   -4.969  1.00 34.49  ? 255 ILE A CA  1 
ATOM   1324 C C   . ILE A 1 190 ? -4.663  8.641   -3.482  1.00 31.63  ? 255 ILE A C   1 
ATOM   1325 O O   . ILE A 1 190 ? -3.835  9.490   -3.117  1.00 31.96  ? 255 ILE A O   1 
ATOM   1326 C CB  . ILE A 1 190 ? -5.983  8.940   -5.643  1.00 40.23  ? 255 ILE A CB  1 
ATOM   1327 C CG1 . ILE A 1 190 ? -6.185  8.384   -7.074  1.00 45.68  ? 255 ILE A CG1 1 
ATOM   1328 C CG2 . ILE A 1 190 ? -5.827  10.464  -5.661  1.00 40.06  ? 255 ILE A CG2 1 
ATOM   1329 C CD1 . ILE A 1 190 ? -7.513  8.748   -7.742  1.00 50.89  ? 255 ILE A CD1 1 
ATOM   1330 N N   . ALA A 1 191 ? -5.480  8.017   -2.624  1.00 27.32  ? 256 ALA A N   1 
ATOM   1331 C CA  . ALA A 1 191 ? -5.429  8.332   -1.191  1.00 24.17  ? 256 ALA A CA  1 
ATOM   1332 C C   . ALA A 1 191 ? -4.026  8.056   -0.642  1.00 23.62  ? 256 ALA A C   1 
ATOM   1333 O O   . ALA A 1 191 ? -3.426  8.912   0.046   1.00 23.76  ? 256 ALA A O   1 
ATOM   1334 C CB  . ALA A 1 191 ? -6.473  7.557   -0.408  1.00 20.34  ? 256 ALA A CB  1 
ATOM   1335 N N   . GLY A 1 192 ? -3.510  6.873   -0.959  1.00 22.47  ? 257 GLY A N   1 
ATOM   1336 C CA  . GLY A 1 192 ? -2.201  6.482   -0.522  1.00 22.35  ? 257 GLY A CA  1 
ATOM   1337 C C   . GLY A 1 192 ? -1.163  7.473   -1.024  1.00 22.60  ? 257 GLY A C   1 
ATOM   1338 O O   . GLY A 1 192 ? -0.325  7.932   -0.257  1.00 22.07  ? 257 GLY A O   1 
ATOM   1339 N N   . LEU A 1 193 ? -1.253  7.827   -2.307  1.00 22.05  ? 258 LEU A N   1 
ATOM   1340 C CA  . LEU A 1 193 ? -0.330  8.736   -2.932  1.00 22.37  ? 258 LEU A CA  1 
ATOM   1341 C C   . LEU A 1 193 ? -0.346  10.044  -2.209  1.00 24.42  ? 258 LEU A C   1 
ATOM   1342 O O   . LEU A 1 193 ? 0.723   10.564  -1.853  1.00 26.60  ? 258 LEU A O   1 
ATOM   1343 C CB  . LEU A 1 193 ? -0.674  8.936   -4.401  1.00 22.21  ? 258 LEU A CB  1 
ATOM   1344 C CG  . LEU A 1 193 ? 0.280   9.900   -5.113  1.00 22.86  ? 258 LEU A CG  1 
ATOM   1345 C CD1 . LEU A 1 193 ? 1.696   9.342   -5.186  1.00 23.91  ? 258 LEU A CD1 1 
ATOM   1346 C CD2 . LEU A 1 193 ? -0.230  10.217  -6.502  1.00 22.26  ? 258 LEU A CD2 1 
ATOM   1347 N N   . ALA A 1 194 ? -1.553  10.568  -1.979  1.00 25.96  ? 259 ALA A N   1 
ATOM   1348 C CA  . ALA A 1 194 ? -1.750  11.869  -1.295  1.00 26.85  ? 259 ALA A CA  1 
ATOM   1349 C C   . ALA A 1 194 ? -1.102  11.833  0.058   1.00 27.03  ? 259 ALA A C   1 
ATOM   1350 O O   . ALA A 1 194 ? -0.365  12.747  0.407   1.00 27.42  ? 259 ALA A O   1 
ATOM   1351 C CB  . ALA A 1 194 ? -3.237  12.186  -1.132  1.00 25.65  ? 259 ALA A CB  1 
ATOM   1352 N N   . VAL A 1 195 ? -1.385  10.755  0.804   1.00 26.99  ? 260 VAL A N   1 
ATOM   1353 C CA  . VAL A 1 195 ? -0.925  10.618  2.191   1.00 26.91  ? 260 VAL A CA  1 
ATOM   1354 C C   . VAL A 1 195 ? 0.605   10.638  2.284   1.00 25.01  ? 260 VAL A C   1 
ATOM   1355 O O   . VAL A 1 195 ? 1.145   11.292  3.144   1.00 25.05  ? 260 VAL A O   1 
ATOM   1356 C CB  . VAL A 1 195 ? -1.472  9.336   2.851   1.00 28.93  ? 260 VAL A CB  1 
ATOM   1357 C CG1 . VAL A 1 195 ? -0.896  9.180   4.246   1.00 29.82  ? 260 VAL A CG1 1 
ATOM   1358 C CG2 . VAL A 1 195 ? -2.986  9.391   2.957   1.00 31.69  ? 260 VAL A CG2 1 
ATOM   1359 N N   . GLY A 1 196 ? 1.284   9.911   1.399   1.00 22.92  ? 261 GLY A N   1 
ATOM   1360 C CA  . GLY A 1 196 ? 2.737   9.918   1.342   1.00 23.69  ? 261 GLY A CA  1 
ATOM   1361 C C   . GLY A 1 196 ? 3.336   11.296  1.109   1.00 23.14  ? 261 GLY A C   1 
ATOM   1362 O O   . GLY A 1 196 ? 4.299   11.693  1.776   1.00 19.55  ? 261 GLY A O   1 
ATOM   1363 N N   . LEU A 1 197 ? 2.738   12.014  0.157   1.00 25.01  ? 262 LEU A N   1 
ATOM   1364 C CA  . LEU A 1 197 ? 3.116   13.407  -0.143  1.00 26.88  ? 262 LEU A CA  1 
ATOM   1365 C C   . LEU A 1 197 ? 2.960   14.366  1.067   1.00 28.49  ? 262 LEU A C   1 
ATOM   1366 O O   . LEU A 1 197 ? 3.878   15.162  1.359   1.00 28.58  ? 262 LEU A O   1 
ATOM   1367 C CB  . LEU A 1 197 ? 2.327   13.917  -1.356  1.00 25.25  ? 262 LEU A CB  1 
ATOM   1368 C CG  . LEU A 1 197 ? 2.525   13.172  -2.678  1.00 24.06  ? 262 LEU A CG  1 
ATOM   1369 C CD1 . LEU A 1 197 ? 1.523   13.658  -3.726  1.00 24.62  ? 262 LEU A CD1 1 
ATOM   1370 C CD2 . LEU A 1 197 ? 3.946   13.305  -3.203  1.00 22.19  ? 262 LEU A CD2 1 
ATOM   1371 N N   . ALA A 1 198 ? 1.817   14.279  1.765   1.00 26.90  ? 263 ALA A N   1 
ATOM   1372 C CA  . ALA A 1 198 ? 1.616   15.027  3.018   1.00 28.77  ? 263 ALA A CA  1 
ATOM   1373 C C   . ALA A 1 198 ? 2.659   14.692  4.096   1.00 29.56  ? 263 ALA A C   1 
ATOM   1374 O O   . ALA A 1 198 ? 3.208   15.583  4.723   1.00 33.29  ? 263 ALA A O   1 
ATOM   1375 C CB  . ALA A 1 198 ? 0.201   14.812  3.558   1.00 28.21  ? 263 ALA A CB  1 
ATOM   1376 N N   . MET A 1 199 ? 2.917   13.408  4.316   1.00 31.06  ? 264 MET A N   1 
ATOM   1377 C CA  . MET A 1 199 ? 3.907   12.982  5.305   1.00 30.88  ? 264 MET A CA  1 
ATOM   1378 C C   . MET A 1 199 ? 5.333   13.424  4.934   1.00 27.69  ? 264 MET A C   1 
ATOM   1379 O O   . MET A 1 199 ? 6.079   13.854  5.799   1.00 26.32  ? 264 MET A O   1 
ATOM   1380 C CB  . MET A 1 199 ? 3.830   11.468  5.541   1.00 33.32  ? 264 MET A CB  1 
ATOM   1381 C CG  . MET A 1 199 ? 2.643   11.028  6.388   1.00 38.88  ? 264 MET A CG  1 
ATOM   1382 S SD  . MET A 1 199 ? 2.663   9.296   6.976   1.00 46.82  ? 264 MET A SD  1 
ATOM   1383 C CE  . MET A 1 199 ? 4.062   9.307   8.107   1.00 43.16  ? 264 MET A CE  1 
ATOM   1384 N N   . ALA A 1 200 ? 5.685   13.329  3.652   1.00 25.93  ? 265 ALA A N   1 
ATOM   1385 C CA  . ALA A 1 200 ? 7.010   13.700  3.165   1.00 24.74  ? 265 ALA A CA  1 
ATOM   1386 C C   . ALA A 1 200 ? 7.230   15.201  3.198   1.00 27.47  ? 265 ALA A C   1 
ATOM   1387 O O   . ALA A 1 200 ? 8.348   15.645  3.396   1.00 25.90  ? 265 ALA A O   1 
ATOM   1388 C CB  . ALA A 1 200 ? 7.213   13.181  1.754   1.00 23.49  ? 265 ALA A CB  1 
ATOM   1389 N N   . PHE A 1 201 ? 6.152   15.969  2.977   1.00 30.97  ? 266 PHE A N   1 
ATOM   1390 C CA  . PHE A 1 201 ? 6.218   17.424  2.951   1.00 34.06  ? 266 PHE A CA  1 
ATOM   1391 C C   . PHE A 1 201 ? 6.395   17.922  4.365   1.00 34.17  ? 266 PHE A C   1 
ATOM   1392 O O   . PHE A 1 201 ? 7.319   18.713  4.640   1.00 35.96  ? 266 PHE A O   1 
ATOM   1393 C CB  . PHE A 1 201 ? 4.991   18.065  2.266   1.00 34.54  ? 266 PHE A CB  1 
ATOM   1394 C CG  . PHE A 1 201 ? 5.025   19.581  2.255   1.00 37.19  ? 266 PHE A CG  1 
ATOM   1395 C CD1 . PHE A 1 201 ? 5.900   20.268  1.419   1.00 37.31  ? 266 PHE A CD1 1 
ATOM   1396 C CD2 . PHE A 1 201 ? 4.176   20.337  3.094   1.00 39.36  ? 266 PHE A CD2 1 
ATOM   1397 C CE1 . PHE A 1 201 ? 5.942   21.674  1.415   1.00 40.01  ? 266 PHE A CE1 1 
ATOM   1398 C CE2 . PHE A 1 201 ? 4.207   21.749  3.080   1.00 36.92  ? 266 PHE A CE2 1 
ATOM   1399 C CZ  . PHE A 1 201 ? 5.101   22.413  2.248   1.00 36.46  ? 266 PHE A CZ  1 
ATOM   1400 N N   . VAL A 1 202 ? 5.513   17.463  5.247   1.00 33.51  ? 267 VAL A N   1 
ATOM   1401 C CA  . VAL A 1 202 ? 5.661   17.687  6.680   1.00 37.42  ? 267 VAL A CA  1 
ATOM   1402 C C   . VAL A 1 202 ? 7.052   17.262  7.200   1.00 40.27  ? 267 VAL A C   1 
ATOM   1403 O O   . VAL A 1 202 ? 7.713   18.033  7.860   1.00 39.88  ? 267 VAL A O   1 
ATOM   1404 C CB  . VAL A 1 202 ? 4.527   16.992  7.455   1.00 36.28  ? 267 VAL A CB  1 
ATOM   1405 C CG1 . VAL A 1 202 ? 4.974   16.606  8.861   1.00 35.52  ? 267 VAL A CG1 1 
ATOM   1406 C CG2 . VAL A 1 202 ? 3.317   17.904  7.491   1.00 38.01  ? 267 VAL A CG2 1 
ATOM   1407 N N   . ASP A 1 203 ? 7.487   16.044  6.861   1.00 44.81  ? 268 ASP A N   1 
ATOM   1408 C CA  . ASP A 1 203 ? 8.821   15.534  7.211   1.00 43.36  ? 268 ASP A CA  1 
ATOM   1409 C C   . ASP A 1 203 ? 9.983   16.343  6.608   1.00 42.50  ? 268 ASP A C   1 
ATOM   1410 O O   . ASP A 1 203 ? 11.086  16.281  7.106   1.00 39.09  ? 268 ASP A O   1 
ATOM   1411 C CB  . ASP A 1 203 ? 8.962   14.067  6.768   1.00 43.81  ? 268 ASP A CB  1 
ATOM   1412 C CG  . ASP A 1 203 ? 8.324   13.066  7.751   1.00 46.38  ? 268 ASP A CG  1 
ATOM   1413 O OD1 . ASP A 1 203 ? 7.719   13.496  8.769   1.00 47.08  ? 268 ASP A OD1 1 
ATOM   1414 O OD2 . ASP A 1 203 ? 8.433   11.829  7.495   1.00 44.00  ? 268 ASP A OD2 1 
ATOM   1415 N N   . SER A 1 204 ? 9.735   17.067  5.523   1.00 46.83  ? 269 SER A N   1 
ATOM   1416 C CA  . SER A 1 204 ? 10.774  17.837  4.856   1.00 50.32  ? 269 SER A CA  1 
ATOM   1417 C C   . SER A 1 204 ? 10.709  19.304  5.303   1.00 57.70  ? 269 SER A C   1 
ATOM   1418 O O   . SER A 1 204 ? 11.075  20.202  4.558   1.00 68.07  ? 269 SER A O   1 
ATOM   1419 C CB  . SER A 1 204 ? 10.617  17.751  3.337   1.00 49.33  ? 269 SER A CB  1 
ATOM   1420 O OG  . SER A 1 204 ? 10.449  16.433  2.859   1.00 49.88  ? 269 SER A OG  1 
ATOM   1421 N N   . LEU A 1 205 ? 10.225  19.549  6.512   1.00 60.97  ? 270 LEU A N   1 
ATOM   1422 C CA  . LEU A 1 205 ? 10.241  20.888  7.086   1.00 63.04  ? 270 LEU A CA  1 
ATOM   1423 C C   . LEU A 1 205 ? 11.100  20.857  8.327   1.00 71.75  ? 270 LEU A C   1 
ATOM   1424 O O   . LEU A 1 205 ? 11.846  21.800  8.601   1.00 78.92  ? 270 LEU A O   1 
ATOM   1425 C CB  . LEU A 1 205 ? 8.827   21.353  7.424   1.00 59.55  ? 270 LEU A CB  1 
ATOM   1426 C CG  . LEU A 1 205 ? 7.861   21.429  6.246   1.00 58.85  ? 270 LEU A CG  1 
ATOM   1427 C CD1 . LEU A 1 205 ? 6.416   21.457  6.717   1.00 57.55  ? 270 LEU A CD1 1 
ATOM   1428 C CD2 . LEU A 1 205 ? 8.166   22.633  5.373   1.00 57.10  ? 270 LEU A CD2 1 
ATOM   1429 N N   . ASN A 1 206 ? 10.986  19.758  9.070   1.00 77.88  ? 271 ASN A N   1 
ATOM   1430 C CA  . ASN A 1 206 ? 11.828  19.481  10.227  1.00 86.42  ? 271 ASN A CA  1 
ATOM   1431 C C   . ASN A 1 206 ? 13.239  19.040  9.777   1.00 91.21  ? 271 ASN A C   1 
ATOM   1432 O O   . ASN A 1 206 ? 13.428  18.545  8.644   1.00 88.57  ? 271 ASN A O   1 
ATOM   1433 C CB  . ASN A 1 206 ? 11.198  18.403  11.137  1.00 86.53  ? 271 ASN A CB  1 
ATOM   1434 C CG  . ASN A 1 206 ? 9.744   18.694  11.532  1.00 83.31  ? 271 ASN A CG  1 
ATOM   1435 O OD1 . ASN A 1 206 ? 8.905   17.807  11.455  1.00 78.64  ? 271 ASN A OD1 1 
ATOM   1436 N ND2 . ASN A 1 206 ? 9.461   19.905  12.009  1.00 85.16  ? 271 ASN A ND2 1 
ATOM   1437 N N   . ALA A 1 207 ? 14.213  19.229  10.670  1.00 94.39  ? 272 ALA A N   1 
ATOM   1438 C CA  . ALA A 1 207 ? 15.636  18.949  10.414  1.00 98.45  ? 272 ALA A CA  1 
ATOM   1439 C C   . ALA A 1 207 ? 16.170  19.591  9.123   1.00 97.24  ? 272 ALA A C   1 
ATOM   1440 O O   . ALA A 1 207 ? 15.878  20.753  8.819   1.00 99.04  ? 272 ALA A O   1 
ATOM   1441 C CB  . ALA A 1 207 ? 15.905  17.446  10.428  1.00 98.41  ? 272 ALA A CB  1 
ATOM   1442 C CA  . ALA B 2 1   ? -15.656 -8.436  -8.503  1.00 73.49  ? 496 ALA B CA  1 
ATOM   1443 C C   . ALA B 2 1   ? -14.890 -7.609  -7.456  1.00 68.40  ? 496 ALA B C   1 
ATOM   1444 O O   . ALA B 2 1   ? -15.294 -6.493  -7.078  1.00 65.47  ? 496 ALA B O   1 
ATOM   1445 N N   . VAL B 2 2   ? -13.785 -8.180  -6.991  1.00 57.90  ? 497 VAL B N   1 
ATOM   1446 C CA  . VAL B 2 2   ? -12.935 -7.539  -5.996  1.00 49.44  ? 497 VAL B CA  1 
ATOM   1447 C C   . VAL B 2 2   ? -11.993 -6.520  -6.688  1.00 45.66  ? 497 VAL B C   1 
ATOM   1448 O O   . VAL B 2 2   ? -11.738 -6.627  -7.883  1.00 47.64  ? 497 VAL B O   1 
ATOM   1449 C CB  . VAL B 2 2   ? -12.173 -8.608  -5.183  1.00 45.93  ? 497 VAL B CB  1 
ATOM   1450 C CG1 . VAL B 2 2   ? -11.455 -7.976  -4.018  1.00 50.31  ? 497 VAL B CG1 1 
ATOM   1451 C CG2 . VAL B 2 2   ? -13.137 -9.645  -4.634  1.00 45.01  ? 497 VAL B CG2 1 
ATOM   1452 N N   . ARG B 2 3   ? -11.511 -5.520  -5.951  1.00 39.50  ? 498 ARG B N   1 
ATOM   1453 C CA  . ARG B 2 3   ? -10.568 -4.537  -6.504  1.00 37.40  ? 498 ARG B CA  1 
ATOM   1454 C C   . ARG B 2 3   ? -9.183  -4.650  -5.896  1.00 33.31  ? 498 ARG B C   1 
ATOM   1455 O O   . ARG B 2 3   ? -9.040  -4.781  -4.698  1.00 28.78  ? 498 ARG B O   1 
ATOM   1456 C CB  . ARG B 2 3   ? -11.103 -3.103  -6.379  1.00 37.86  ? 498 ARG B CB  1 
ATOM   1457 C CG  . ARG B 2 3   ? -12.318 -2.830  -7.259  1.00 36.95  ? 498 ARG B CG  1 
ATOM   1458 C CD  . ARG B 2 3   ? -12.686 -1.374  -7.148  1.00 39.57  ? 498 ARG B CD  1 
ATOM   1459 N NE  . ARG B 2 3   ? -13.704 -0.946  -8.109  1.00 43.31  ? 498 ARG B NE  1 
ATOM   1460 C CZ  . ARG B 2 3   ? -13.465 -0.607  -9.375  1.00 42.30  ? 498 ARG B CZ  1 
ATOM   1461 N NH1 . ARG B 2 3   ? -14.463 -0.223  -10.138 1.00 42.82  ? 498 ARG B NH1 1 
ATOM   1462 N NH2 . ARG B 2 3   ? -12.242 -0.657  -9.891  1.00 43.33  ? 498 ARG B NH2 1 
ATOM   1463 N N   . MET B 2 4   ? -8.173  -4.580  -6.749  1.00 34.47  ? 499 MET B N   1 
ATOM   1464 C CA  . MET B 2 4   ? -6.798  -4.792  -6.343  1.00 37.89  ? 499 MET B CA  1 
ATOM   1465 C C   . MET B 2 4   ? -6.136  -3.466  -6.019  1.00 39.01  ? 499 MET B C   1 
ATOM   1466 O O   . MET B 2 4   ? -5.941  -2.642  -6.908  1.00 42.17  ? 499 MET B O   1 
ATOM   1467 C CB  . MET B 2 4   ? -6.007  -5.433  -7.479  1.00 43.39  ? 499 MET B CB  1 
ATOM   1468 C CG  . MET B 2 4   ? -6.678  -6.590  -8.193  1.00 47.30  ? 499 MET B CG  1 
ATOM   1469 S SD  . MET B 2 4   ? -5.755  -7.028  -9.685  1.00 58.90  ? 499 MET B SD  1 
ATOM   1470 C CE  . MET B 2 4   ? -5.691  -5.474  -10.579 1.00 54.47  ? 499 MET B CE  1 
ATOM   1471 N N   . ALA B 2 5   ? -5.778  -3.249  -4.759  1.00 37.64  ? 500 ALA B N   1 
ATOM   1472 C CA  . ALA B 2 5   ? -4.973  -2.091  -4.401  1.00 34.77  ? 500 ALA B CA  1 
ATOM   1473 C C   . ALA B 2 5   ? -3.527  -2.299  -4.887  1.00 34.29  ? 500 ALA B C   1 
ATOM   1474 O O   . ALA B 2 5   ? -2.946  -3.379  -4.772  1.00 33.03  ? 500 ALA B O   1 
ATOM   1475 C CB  . ALA B 2 5   ? -5.031  -1.840  -2.899  1.00 34.05  ? 500 ALA B CB  1 
HETATM 1476 O O   . HOH C 3 .   ? 14.561  4.903   -7.169  1.00 43.71  ? 301 HOH A O   1 
HETATM 1477 O O   . HOH C 3 .   ? -13.760 -1.232  -3.078  1.00 19.39  ? 302 HOH A O   1 
HETATM 1478 O O   . HOH C 3 .   ? 18.255  1.639   -4.110  1.00 39.67  ? 303 HOH A O   1 
HETATM 1479 O O   . HOH C 3 .   ? -14.633 3.878   4.339   1.00 28.29  ? 304 HOH A O   1 
HETATM 1480 O O   . HOH C 3 .   ? 18.186  11.646  -1.845  1.00 33.61  ? 305 HOH A O   1 
HETATM 1481 O O   . HOH C 3 .   ? -5.288  -15.272 -4.326  1.00 37.90  ? 306 HOH A O   1 
HETATM 1482 O O   . HOH C 3 .   ? -17.164 -4.892  15.722  1.00 25.43  ? 307 HOH A O   1 
HETATM 1483 O O   . HOH C 3 .   ? -16.925 -18.618 7.176   1.00 32.68  ? 308 HOH A O   1 
HETATM 1484 O O   . HOH C 3 .   ? -15.988 -7.114  5.756   1.00 25.07  ? 309 HOH A O   1 
HETATM 1485 O O   . HOH C 3 .   ? -11.061 -4.717  2.434   1.00 17.45  ? 310 HOH A O   1 
HETATM 1486 O O   . HOH C 3 .   ? 18.948  -3.375  5.300   1.00 35.66  ? 311 HOH A O   1 
HETATM 1487 O O   . HOH C 3 .   ? -16.772 -3.462  -2.575  1.00 38.16  ? 312 HOH A O   1 
HETATM 1488 O O   . HOH C 3 .   ? 20.174  -3.902  2.319   1.00 77.52  ? 313 HOH A O   1 
HETATM 1489 O O   . HOH C 3 .   ? -2.478  -0.729  0.606   1.00 31.81  ? 314 HOH A O   1 
HETATM 1490 O O   . HOH C 3 .   ? -19.914 5.906   -2.296  1.00 33.08  ? 315 HOH A O   1 
HETATM 1491 O O   . HOH C 3 .   ? -5.885  -2.386  0.318   1.00 23.31  ? 316 HOH A O   1 
HETATM 1492 O O   . HOH C 3 .   ? 11.890  6.221   12.649  1.00 44.39  ? 317 HOH A O   1 
HETATM 1493 O O   . HOH C 3 .   ? 17.076  -7.669  0.630   1.00 44.58  ? 318 HOH A O   1 
HETATM 1494 O O   . HOH C 3 .   ? 18.367  10.095  7.305   1.00 39.58  ? 319 HOH A O   1 
HETATM 1495 O O   . HOH C 3 .   ? -19.260 0.283   5.393   1.00 52.16  ? 320 HOH A O   1 
HETATM 1496 O O   . HOH C 3 .   ? -12.103 1.913   -7.076  1.00 11.67  ? 321 HOH A O   1 
HETATM 1497 O O   . HOH C 3 .   ? 20.307  9.415   6.227   1.00 37.75  ? 322 HOH A O   1 
HETATM 1498 O O   . HOH C 3 .   ? 16.106  4.914   -2.645  1.00 30.56  ? 323 HOH A O   1 
HETATM 1499 O O   . HOH C 3 .   ? 18.362  4.725   -1.892  1.00 41.71  ? 324 HOH A O   1 
HETATM 1500 O O   . HOH C 3 .   ? 9.586   19.159  -7.432  1.00 45.22  ? 325 HOH A O   1 
HETATM 1501 O O   . HOH C 3 .   ? 19.718  10.504  -3.616  1.00 41.38  ? 326 HOH A O   1 
HETATM 1502 O O   . HOH C 3 .   ? 13.970  -1.987  15.339  1.00 47.64  ? 327 HOH A O   1 
HETATM 1503 O O   . HOH C 3 .   ? 19.334  2.773   -1.085  1.00 40.02  ? 328 HOH A O   1 
HETATM 1504 O O   . HOH D 3 .   ? -2.849  -2.586  -8.503  1.00 38.62  ? 601 HOH B O   1 
# 
loop_
_pdbx_poly_seq_scheme.asym_id 
_pdbx_poly_seq_scheme.entity_id 
_pdbx_poly_seq_scheme.seq_id 
_pdbx_poly_seq_scheme.mon_id 
_pdbx_poly_seq_scheme.ndb_seq_num 
_pdbx_poly_seq_scheme.pdb_seq_num 
_pdbx_poly_seq_scheme.auth_seq_num 
_pdbx_poly_seq_scheme.pdb_mon_id 
_pdbx_poly_seq_scheme.auth_mon_id 
_pdbx_poly_seq_scheme.pdb_strand_id 
_pdbx_poly_seq_scheme.pdb_ins_code 
_pdbx_poly_seq_scheme.hetero 
A 1 1   MET 1   66  ?   ?   ?   A . n 
A 1 2   GLY 2   67  ?   ?   ?   A . n 
A 1 3   SER 3   68  ?   ?   ?   A . n 
A 1 4   SER 4   69  ?   ?   ?   A . n 
A 1 5   HIS 5   70  ?   ?   ?   A . n 
A 1 6   HIS 6   71  ?   ?   ?   A . n 
A 1 7   HIS 7   72  ?   ?   ?   A . n 
A 1 8   HIS 8   73  ?   ?   ?   A . n 
A 1 9   HIS 9   74  ?   ?   ?   A . n 
A 1 10  HIS 10  75  ?   ?   ?   A . n 
A 1 11  SER 11  76  ?   ?   ?   A . n 
A 1 12  SER 12  77  ?   ?   ?   A . n 
A 1 13  GLY 13  78  ?   ?   ?   A . n 
A 1 14  LEU 14  79  ?   ?   ?   A . n 
A 1 15  VAL 15  80  ?   ?   ?   A . n 
A 1 16  PRO 16  81  ?   ?   ?   A . n 
A 1 17  ARG 17  82  ?   ?   ?   A . n 
A 1 18  GLY 18  83  ?   ?   ?   A . n 
A 1 19  SER 19  84  ?   ?   ?   A . n 
A 1 20  HIS 20  85  ?   ?   ?   A . n 
A 1 21  MET 21  86  ?   ?   ?   A . n 
A 1 22  ALA 22  87  ?   ?   ?   A . n 
A 1 23  ALA 23  88  ?   ?   ?   A . n 
A 1 24  LEU 24  89  ?   ?   ?   A . n 
A 1 25  ARG 25  90  ?   ?   ?   A . n 
A 1 26  GLU 26  91  ?   ?   ?   A . n 
A 1 27  ARG 27  92  92  ARG ARG A . n 
A 1 28  ALA 28  93  93  ALA ALA A . n 
A 1 29  GLY 29  94  94  GLY GLY A . n 
A 1 30  PRO 30  95  95  PRO PRO A . n 
A 1 31  VAL 31  96  96  VAL VAL A . n 
A 1 32  THR 32  97  97  THR THR A . n 
A 1 33  TRP 33  98  98  TRP TRP A . n 
A 1 34  VAL 34  99  99  VAL VAL A . n 
A 1 35  MET 35  100 100 MET MET A . n 
A 1 36  MET 36  101 101 MET MET A . n 
A 1 37  ILE 37  102 102 ILE ILE A . n 
A 1 38  ALA 38  103 103 ALA ALA A . n 
A 1 39  CYS 39  104 104 CYS CYS A . n 
A 1 40  VAL 40  105 105 VAL VAL A . n 
A 1 41  VAL 41  106 106 VAL VAL A . n 
A 1 42  VAL 42  107 107 VAL VAL A . n 
A 1 43  PHE 43  108 108 PHE PHE A . n 
A 1 44  ILE 44  109 109 ILE ILE A . n 
A 1 45  ALA 45  110 110 ALA ALA A . n 
A 1 46  MET 46  111 111 MET MET A . n 
A 1 47  GLN 47  112 112 GLN GLN A . n 
A 1 48  ILE 48  113 113 ILE ILE A . n 
A 1 49  LEU 49  114 114 LEU LEU A . n 
A 1 50  GLY 50  115 115 GLY GLY A . n 
A 1 51  ASP 51  116 116 ASP ASP A . n 
A 1 52  GLN 52  117 117 GLN GLN A . n 
A 1 53  GLU 53  118 118 GLU GLU A . n 
A 1 54  VAL 54  119 119 VAL VAL A . n 
A 1 55  MET 55  120 120 MET MET A . n 
A 1 56  LEU 56  121 121 LEU LEU A . n 
A 1 57  TRP 57  122 122 TRP TRP A . n 
A 1 58  LEU 58  123 123 LEU LEU A . n 
A 1 59  ALA 59  124 124 ALA ALA A . n 
A 1 60  TRP 60  125 125 TRP TRP A . n 
A 1 61  PRO 61  126 126 PRO PRO A . n 
A 1 62  PHE 62  127 127 PHE PHE A . n 
A 1 63  ASP 63  128 128 ASP ASP A . n 
A 1 64  PRO 64  129 129 PRO PRO A . n 
A 1 65  THR 65  130 130 THR THR A . n 
A 1 66  LEU 66  131 131 LEU LEU A . n 
A 1 67  LYS 67  132 132 LYS LYS A . n 
A 1 68  PHE 68  133 133 PHE PHE A . n 
A 1 69  GLU 69  134 134 GLU GLU A . n 
A 1 70  PHE 70  135 135 PHE PHE A . n 
A 1 71  TRP 71  136 136 TRP TRP A . n 
A 1 72  ARG 72  137 137 ARG ARG A . n 
A 1 73  TYR 73  138 138 TYR TYR A . n 
A 1 74  PHE 74  139 139 PHE PHE A . n 
A 1 75  THR 75  140 140 THR THR A . n 
A 1 76  HIS 76  141 141 HIS HIS A . n 
A 1 77  ALA 77  142 142 ALA ALA A . n 
A 1 78  LEU 78  143 143 LEU LEU A . n 
A 1 79  MET 79  144 144 MET MET A . n 
A 1 80  HIS 80  145 145 HIS HIS A . n 
A 1 81  PHE 81  146 146 PHE PHE A . n 
A 1 82  SER 82  147 147 SER SER A . n 
A 1 83  LEU 83  148 148 LEU LEU A . n 
A 1 84  MET 84  149 149 MET MET A . n 
A 1 85  HIS 85  150 150 HIS HIS A . n 
A 1 86  ILE 86  151 151 ILE ILE A . n 
A 1 87  LEU 87  152 152 LEU LEU A . n 
A 1 88  PHE 88  153 153 PHE PHE A . n 
A 1 89  ASN 89  154 154 ASN ASN A . n 
A 1 90  LEU 90  155 155 LEU LEU A . n 
A 1 91  LEU 91  156 156 LEU LEU A . n 
A 1 92  TRP 92  157 157 TRP TRP A . n 
A 1 93  TRP 93  158 158 TRP TRP A . n 
A 1 94  TRP 94  159 159 TRP TRP A . n 
A 1 95  TYR 95  160 160 TYR TYR A . n 
A 1 96  LEU 96  161 161 LEU LEU A . n 
A 1 97  GLY 97  162 162 GLY GLY A . n 
A 1 98  GLY 98  163 163 GLY GLY A . n 
A 1 99  ALA 99  164 164 ALA ALA A . n 
A 1 100 VAL 100 165 165 VAL VAL A . n 
A 1 101 GLU 101 166 166 GLU GLU A . n 
A 1 102 LYS 102 167 167 LYS LYS A . n 
A 1 103 ARG 103 168 168 ARG ARG A . n 
A 1 104 LEU 104 169 169 LEU LEU A . n 
A 1 105 GLY 105 170 170 GLY GLY A . n 
A 1 106 SER 106 171 171 SER SER A . n 
A 1 107 GLY 107 172 172 GLY GLY A . n 
A 1 108 LYS 108 173 173 LYS LYS A . n 
A 1 109 LEU 109 174 174 LEU LEU A . n 
A 1 110 ILE 110 175 175 ILE ILE A . n 
A 1 111 VAL 111 176 176 VAL VAL A . n 
A 1 112 ILE 112 177 177 ILE ILE A . n 
A 1 113 THR 113 178 178 THR THR A . n 
A 1 114 LEU 114 179 179 LEU LEU A . n 
A 1 115 ILE 115 180 180 ILE ILE A . n 
A 1 116 SER 116 181 181 SER SER A . n 
A 1 117 ALA 117 182 182 ALA ALA A . n 
A 1 118 LEU 118 183 183 LEU LEU A . n 
A 1 119 LEU 119 184 184 LEU LEU A . n 
A 1 120 SER 120 185 185 SER SER A . n 
A 1 121 GLY 121 186 186 GLY GLY A . n 
A 1 122 TYR 122 187 187 TYR TYR A . n 
A 1 123 VAL 123 188 188 VAL VAL A . n 
A 1 124 GLN 124 189 189 GLN GLN A . n 
A 1 125 GLN 125 190 190 GLN GLN A . n 
A 1 126 LYS 126 191 191 LYS LYS A . n 
A 1 127 PHE 127 192 192 PHE PHE A . n 
A 1 128 SER 128 193 193 SER SER A . n 
A 1 129 GLY 129 194 194 GLY GLY A . n 
A 1 130 PRO 130 195 195 PRO PRO A . n 
A 1 131 TRP 131 196 196 TRP TRP A . n 
A 1 132 PHE 132 197 197 PHE PHE A . n 
A 1 133 GLY 133 198 198 GLY GLY A . n 
A 1 134 GLY 134 199 199 GLY GLY A . n 
A 1 135 LEU 135 200 200 LEU LEU A . n 
A 1 136 SER 136 201 201 SER SER A . n 
A 1 137 GLY 137 202 202 GLY GLY A . n 
A 1 138 VAL 138 203 203 VAL VAL A . n 
A 1 139 VAL 139 204 204 VAL VAL A . n 
A 1 140 PHE 140 205 205 PHE PHE A . n 
A 1 141 ALA 141 206 206 ALA ALA A . n 
A 1 142 LEU 142 207 207 LEU LEU A . n 
A 1 143 MET 143 208 208 MET MET A . n 
A 1 144 GLY 144 209 209 GLY GLY A . n 
A 1 145 TYR 145 210 210 TYR TYR A . n 
A 1 146 VAL 146 211 211 VAL VAL A . n 
A 1 147 TRP 147 212 212 TRP TRP A . n 
A 1 148 LEU 148 213 213 LEU LEU A . n 
A 1 149 ARG 149 214 214 ARG ARG A . n 
A 1 150 GLY 150 215 215 GLY GLY A . n 
A 1 151 GLU 151 216 216 GLU GLU A . n 
A 1 152 ARG 152 217 217 ARG ARG A . n 
A 1 153 ASP 153 218 218 ASP ASP A . n 
A 1 154 PRO 154 219 219 PRO PRO A . n 
A 1 155 GLN 155 220 220 GLN GLN A . n 
A 1 156 SER 156 221 221 SER SER A . n 
A 1 157 GLY 157 222 222 GLY GLY A . n 
A 1 158 ILE 158 223 223 ILE ILE A . n 
A 1 159 TYR 159 224 224 TYR TYR A . n 
A 1 160 LEU 160 225 225 LEU LEU A . n 
A 1 161 GLN 161 226 226 GLN GLN A . n 
A 1 162 ARG 162 227 227 ARG ARG A . n 
A 1 163 GLY 163 228 228 GLY GLY A . n 
A 1 164 LEU 164 229 229 LEU LEU A . n 
A 1 165 ILE 165 230 230 ILE ILE A . n 
A 1 166 ILE 166 231 231 ILE ILE A . n 
A 1 167 PHE 167 232 232 PHE PHE A . n 
A 1 168 ALA 168 233 233 ALA ALA A . n 
A 1 169 LEU 169 234 234 LEU LEU A . n 
A 1 170 ILE 170 235 235 ILE ILE A . n 
A 1 171 TRP 171 236 236 TRP TRP A . n 
A 1 172 ILE 172 237 237 ILE ILE A . n 
A 1 173 VAL 173 238 238 VAL VAL A . n 
A 1 174 ALA 174 239 239 ALA ALA A . n 
A 1 175 GLY 175 240 240 GLY GLY A . n 
A 1 176 TRP 176 241 241 TRP TRP A . n 
A 1 177 PHE 177 242 242 PHE PHE A . n 
A 1 178 ASP 178 243 243 ASP ASP A . n 
A 1 179 LEU 179 244 244 LEU LEU A . n 
A 1 180 PHE 180 245 245 PHE PHE A . n 
A 1 181 GLY 181 246 246 GLY GLY A . n 
A 1 182 MET 182 247 247 MET MET A . n 
A 1 183 SER 183 248 248 SER SER A . n 
A 1 184 MET 184 249 249 MET MET A . n 
A 1 185 ALA 185 250 250 ALA ALA A . n 
A 1 186 ASN 186 251 251 ASN ASN A . n 
A 1 187 GLY 187 252 252 GLY GLY A . n 
A 1 188 ALA 188 253 253 ALA ALA A . n 
A 1 189 HIS 189 254 254 HIS HIS A . n 
A 1 190 ILE 190 255 255 ILE ILE A . n 
A 1 191 ALA 191 256 256 ALA ALA A . n 
A 1 192 GLY 192 257 257 GLY GLY A . n 
A 1 193 LEU 193 258 258 LEU LEU A . n 
A 1 194 ALA 194 259 259 ALA ALA A . n 
A 1 195 VAL 195 260 260 VAL VAL A . n 
A 1 196 GLY 196 261 261 GLY GLY A . n 
A 1 197 LEU 197 262 262 LEU LEU A . n 
A 1 198 ALA 198 263 263 ALA ALA A . n 
A 1 199 MET 199 264 264 MET MET A . n 
A 1 200 ALA 200 265 265 ALA ALA A . n 
A 1 201 PHE 201 266 266 PHE PHE A . n 
A 1 202 VAL 202 267 267 VAL VAL A . n 
A 1 203 ASP 203 268 268 ASP ASP A . n 
A 1 204 SER 204 269 269 SER SER A . n 
A 1 205 LEU 205 270 270 LEU LEU A . n 
A 1 206 ASN 206 271 271 ASN ASN A . n 
A 1 207 ALA 207 272 272 ALA ALA A . n 
A 1 208 ARG 208 273 ?   ?   ?   A . n 
A 1 209 LYS 209 274 ?   ?   ?   A . n 
A 1 210 ARG 210 275 ?   ?   ?   A . n 
A 1 211 LYS 211 276 ?   ?   ?   A . n 
B 2 1   ALA 1   496 496 ALA ALA B . n 
B 2 2   VAL 2   497 497 VAL VAL B . n 
B 2 3   ARG 3   498 498 ARG ARG B . n 
B 2 4   MET 4   499 499 MET MET B . n 
B 2 5   ALA 5   500 500 ALA ALA B . n 
# 
loop_
_pdbx_nonpoly_scheme.asym_id 
_pdbx_nonpoly_scheme.entity_id 
_pdbx_nonpoly_scheme.mon_id 
_pdbx_nonpoly_scheme.ndb_seq_num 
_pdbx_nonpoly_scheme.pdb_seq_num 
_pdbx_nonpoly_scheme.auth_seq_num 
_pdbx_nonpoly_scheme.pdb_mon_id 
_pdbx_nonpoly_scheme.auth_mon_id 
_pdbx_nonpoly_scheme.pdb_strand_id 
_pdbx_nonpoly_scheme.pdb_ins_code 
C 3 HOH 1  301 12 HOH HOH A . 
C 3 HOH 2  302 6  HOH HOH A . 
C 3 HOH 3  303 16 HOH HOH A . 
C 3 HOH 4  304 2  HOH HOH A . 
C 3 HOH 5  305 8  HOH HOH A . 
C 3 HOH 6  306 11 HOH HOH A . 
C 3 HOH 7  307 7  HOH HOH A . 
C 3 HOH 8  308 13 HOH HOH A . 
C 3 HOH 9  309 4  HOH HOH A . 
C 3 HOH 10 310 3  HOH HOH A . 
C 3 HOH 11 311 23 HOH HOH A . 
C 3 HOH 12 312 10 HOH HOH A . 
C 3 HOH 13 313 29 HOH HOH A . 
C 3 HOH 14 314 1  HOH HOH A . 
C 3 HOH 15 315 9  HOH HOH A . 
C 3 HOH 16 316 19 HOH HOH A . 
C 3 HOH 17 317 24 HOH HOH A . 
C 3 HOH 18 318 26 HOH HOH A . 
C 3 HOH 19 319 21 HOH HOH A . 
C 3 HOH 20 320 5  HOH HOH A . 
C 3 HOH 21 321 22 HOH HOH A . 
C 3 HOH 22 322 28 HOH HOH A . 
C 3 HOH 23 323 14 HOH HOH A . 
C 3 HOH 24 324 17 HOH HOH A . 
C 3 HOH 25 325 25 HOH HOH A . 
C 3 HOH 26 326 15 HOH HOH A . 
C 3 HOH 27 327 27 HOH HOH A . 
C 3 HOH 28 328 20 HOH HOH A . 
D 3 HOH 1  601 18 HOH HOH B . 
# 
_pdbx_struct_assembly.id                   1 
_pdbx_struct_assembly.details              author_and_software_defined_assembly 
_pdbx_struct_assembly.method_details       PISA 
_pdbx_struct_assembly.oligomeric_details   dimeric 
_pdbx_struct_assembly.oligomeric_count     2 
# 
_pdbx_struct_assembly_gen.assembly_id       1 
_pdbx_struct_assembly_gen.oper_expression   1 
_pdbx_struct_assembly_gen.asym_id_list      A,B,C,D 
# 
loop_
_pdbx_struct_assembly_prop.biol_id 
_pdbx_struct_assembly_prop.type 
_pdbx_struct_assembly_prop.value 
_pdbx_struct_assembly_prop.details 
1 'ABSA (A^2)' 950  ? 
1 MORE         -7   ? 
1 'SSA (A^2)'  9100 ? 
# 
_pdbx_struct_oper_list.id                   1 
_pdbx_struct_oper_list.type                 'identity operation' 
_pdbx_struct_oper_list.name                 1_555 
_pdbx_struct_oper_list.symmetry_operation   x,y,z 
_pdbx_struct_oper_list.matrix[1][1]         1.0000000000 
_pdbx_struct_oper_list.matrix[1][2]         0.0000000000 
_pdbx_struct_oper_list.matrix[1][3]         0.0000000000 
_pdbx_struct_oper_list.vector[1]            0.0000000000 
_pdbx_struct_oper_list.matrix[2][1]         0.0000000000 
_pdbx_struct_oper_list.matrix[2][2]         1.0000000000 
_pdbx_struct_oper_list.matrix[2][3]         0.0000000000 
_pdbx_struct_oper_list.vector[2]            0.0000000000 
_pdbx_struct_oper_list.matrix[3][1]         0.0000000000 
_pdbx_struct_oper_list.matrix[3][2]         0.0000000000 
_pdbx_struct_oper_list.matrix[3][3]         1.0000000000 
_pdbx_struct_oper_list.vector[3]            0.0000000000 
# 
loop_
_pdbx_audit_revision_history.ordinal 
_pdbx_audit_revision_history.data_content_type 
_pdbx_audit_revision_history.major_revision 
_pdbx_audit_revision_history.minor_revision 
_pdbx_audit_revision_history.revision_date 
1 'Structure model' 1 0 2019-10-02 
2 'Structure model' 1 1 2019-10-16 
3 'Structure model' 1 2 2019-11-27 
4 'Structure model' 1 3 2019-12-18 
5 'Structure model' 1 4 2023-10-11 
# 
_pdbx_audit_revision_details.ordinal             1 
_pdbx_audit_revision_details.revision_ordinal    1 
_pdbx_audit_revision_details.data_content_type   'Structure model' 
_pdbx_audit_revision_details.provider            repository 
_pdbx_audit_revision_details.type                'Initial release' 
_pdbx_audit_revision_details.description         ? 
_pdbx_audit_revision_details.details             ? 
# 
loop_
_pdbx_audit_revision_group.ordinal 
_pdbx_audit_revision_group.revision_ordinal 
_pdbx_audit_revision_group.data_content_type 
_pdbx_audit_revision_group.group 
1 2 'Structure model' 'Data collection'            
2 2 'Structure model' 'Database references'        
3 3 'Structure model' 'Database references'        
4 4 'Structure model' 'Author supporting evidence' 
5 5 'Structure model' 'Data collection'            
6 5 'Structure model' 'Database references'        
7 5 'Structure model' 'Refinement description'     
# 
loop_
_pdbx_audit_revision_category.ordinal 
_pdbx_audit_revision_category.revision_ordinal 
_pdbx_audit_revision_category.data_content_type 
_pdbx_audit_revision_category.category 
1 2 'Structure model' citation                      
2 3 'Structure model' citation                      
3 4 'Structure model' pdbx_audit_support            
4 5 'Structure model' chem_comp_atom                
5 5 'Structure model' chem_comp_bond                
6 5 'Structure model' database_2                    
7 5 'Structure model' pdbx_initial_refinement_model 
# 
loop_
_pdbx_audit_revision_item.ordinal 
_pdbx_audit_revision_item.revision_ordinal 
_pdbx_audit_revision_item.data_content_type 
_pdbx_audit_revision_item.item 
1 2 'Structure model' '_citation.pdbx_database_id_PubMed'        
2 2 'Structure model' '_citation.title'                          
3 3 'Structure model' '_citation.journal_volume'                 
4 3 'Structure model' '_citation.page_first'                     
5 3 'Structure model' '_citation.page_last'                      
6 4 'Structure model' '_pdbx_audit_support.funding_organization' 
7 5 'Structure model' '_database_2.pdbx_DOI'                     
8 5 'Structure model' '_database_2.pdbx_database_accession'      
# 
loop_
_software.citation_id 
_software.classification 
_software.compiler_name 
_software.compiler_version 
_software.contact_author 
_software.contact_author_email 
_software.date 
_software.description 
_software.dependencies 
_software.hardware 
_software.language 
_software.location 
_software.mods 
_software.name 
_software.os 
_software.os_version 
_software.type 
_software.version 
_software.pdbx_ordinal 
? refinement       ? ? ? ? ? ? ? ? ? ? ? REFMAC  ? ? ? 5.8.0107 1 
? 'data reduction' ? ? ? ? ? ? ? ? ? ? ? iMOSFLM ? ? ? .        2 
? 'data scaling'   ? ? ? ? ? ? ? ? ? ? ? Aimless ? ? ? .        3 
? phasing          ? ? ? ? ? ? ? ? ? ? ? MOLREP  ? ? ? .        4 
# 
_pdbx_validate_close_contact.id               1 
_pdbx_validate_close_contact.PDB_model_num    1 
_pdbx_validate_close_contact.auth_atom_id_1   OG 
_pdbx_validate_close_contact.auth_asym_id_1   A 
_pdbx_validate_close_contact.auth_comp_id_1   SER 
_pdbx_validate_close_contact.auth_seq_id_1    201 
_pdbx_validate_close_contact.PDB_ins_code_1   ? 
_pdbx_validate_close_contact.label_alt_id_1   ? 
_pdbx_validate_close_contact.auth_atom_id_2   C 
_pdbx_validate_close_contact.auth_asym_id_2   B 
_pdbx_validate_close_contact.auth_comp_id_2   ALA 
_pdbx_validate_close_contact.auth_seq_id_2    500 
_pdbx_validate_close_contact.PDB_ins_code_2   ? 
_pdbx_validate_close_contact.label_alt_id_2   ? 
_pdbx_validate_close_contact.dist             1.77 
# 
loop_
_pdbx_validate_torsion.id 
_pdbx_validate_torsion.PDB_model_num 
_pdbx_validate_torsion.auth_comp_id 
_pdbx_validate_torsion.auth_asym_id 
_pdbx_validate_torsion.auth_seq_id 
_pdbx_validate_torsion.PDB_ins_code 
_pdbx_validate_torsion.label_alt_id 
_pdbx_validate_torsion.phi 
_pdbx_validate_torsion.psi 
1 1 ALA A 93  ? ? -80.65 36.13  
2 1 LEU A 244 ? ? -42.26 101.76 
# 
loop_
_pdbx_unobs_or_zero_occ_atoms.id 
_pdbx_unobs_or_zero_occ_atoms.PDB_model_num 
_pdbx_unobs_or_zero_occ_atoms.polymer_flag 
_pdbx_unobs_or_zero_occ_atoms.occupancy_flag 
_pdbx_unobs_or_zero_occ_atoms.auth_asym_id 
_pdbx_unobs_or_zero_occ_atoms.auth_comp_id 
_pdbx_unobs_or_zero_occ_atoms.auth_seq_id 
_pdbx_unobs_or_zero_occ_atoms.PDB_ins_code 
_pdbx_unobs_or_zero_occ_atoms.auth_atom_id 
_pdbx_unobs_or_zero_occ_atoms.label_alt_id 
_pdbx_unobs_or_zero_occ_atoms.label_asym_id 
_pdbx_unobs_or_zero_occ_atoms.label_comp_id 
_pdbx_unobs_or_zero_occ_atoms.label_seq_id 
_pdbx_unobs_or_zero_occ_atoms.label_atom_id 
1 1 Y 1 B ALA 496 ? N  ? B ALA 1 N  
2 1 Y 1 B ALA 496 ? CB ? B ALA 1 CB 
# 
loop_
_pdbx_unobs_or_zero_occ_residues.id 
_pdbx_unobs_or_zero_occ_residues.PDB_model_num 
_pdbx_unobs_or_zero_occ_residues.polymer_flag 
_pdbx_unobs_or_zero_occ_residues.occupancy_flag 
_pdbx_unobs_or_zero_occ_residues.auth_asym_id 
_pdbx_unobs_or_zero_occ_residues.auth_comp_id 
_pdbx_unobs_or_zero_occ_residues.auth_seq_id 
_pdbx_unobs_or_zero_occ_residues.PDB_ins_code 
_pdbx_unobs_or_zero_occ_residues.label_asym_id 
_pdbx_unobs_or_zero_occ_residues.label_comp_id 
_pdbx_unobs_or_zero_occ_residues.label_seq_id 
1  1 Y 1 A MET 66  ? A MET 1   
2  1 Y 1 A GLY 67  ? A GLY 2   
3  1 Y 1 A SER 68  ? A SER 3   
4  1 Y 1 A SER 69  ? A SER 4   
5  1 Y 1 A HIS 70  ? A HIS 5   
6  1 Y 1 A HIS 71  ? A HIS 6   
7  1 Y 1 A HIS 72  ? A HIS 7   
8  1 Y 1 A HIS 73  ? A HIS 8   
9  1 Y 1 A HIS 74  ? A HIS 9   
10 1 Y 1 A HIS 75  ? A HIS 10  
11 1 Y 1 A SER 76  ? A SER 11  
12 1 Y 1 A SER 77  ? A SER 12  
13 1 Y 1 A GLY 78  ? A GLY 13  
14 1 Y 1 A LEU 79  ? A LEU 14  
15 1 Y 1 A VAL 80  ? A VAL 15  
16 1 Y 1 A PRO 81  ? A PRO 16  
17 1 Y 1 A ARG 82  ? A ARG 17  
18 1 Y 1 A GLY 83  ? A GLY 18  
19 1 Y 1 A SER 84  ? A SER 19  
20 1 Y 1 A HIS 85  ? A HIS 20  
21 1 Y 1 A MET 86  ? A MET 21  
22 1 Y 1 A ALA 87  ? A ALA 22  
23 1 Y 1 A ALA 88  ? A ALA 23  
24 1 Y 1 A LEU 89  ? A LEU 24  
25 1 Y 1 A ARG 90  ? A ARG 25  
26 1 Y 1 A GLU 91  ? A GLU 26  
27 1 Y 1 A ARG 273 ? A ARG 208 
28 1 Y 1 A LYS 274 ? A LYS 209 
29 1 Y 1 A ARG 275 ? A ARG 210 
30 1 Y 1 A LYS 276 ? A LYS 211 
# 
loop_
_chem_comp_atom.comp_id 
_chem_comp_atom.atom_id 
_chem_comp_atom.type_symbol 
_chem_comp_atom.pdbx_aromatic_flag 
_chem_comp_atom.pdbx_stereo_config 
_chem_comp_atom.pdbx_ordinal 
ALA N    N N N 1   
ALA CA   C N S 2   
ALA C    C N N 3   
ALA O    O N N 4   
ALA CB   C N N 5   
ALA OXT  O N N 6   
ALA H    H N N 7   
ALA H2   H N N 8   
ALA HA   H N N 9   
ALA HB1  H N N 10  
ALA HB2  H N N 11  
ALA HB3  H N N 12  
ALA HXT  H N N 13  
ARG N    N N N 14  
ARG CA   C N S 15  
ARG C    C N N 16  
ARG O    O N N 17  
ARG CB   C N N 18  
ARG CG   C N N 19  
ARG CD   C N N 20  
ARG NE   N N N 21  
ARG CZ   C N N 22  
ARG NH1  N N N 23  
ARG NH2  N N N 24  
ARG OXT  O N N 25  
ARG H    H N N 26  
ARG H2   H N N 27  
ARG HA   H N N 28  
ARG HB2  H N N 29  
ARG HB3  H N N 30  
ARG HG2  H N N 31  
ARG HG3  H N N 32  
ARG HD2  H N N 33  
ARG HD3  H N N 34  
ARG HE   H N N 35  
ARG HH11 H N N 36  
ARG HH12 H N N 37  
ARG HH21 H N N 38  
ARG HH22 H N N 39  
ARG HXT  H N N 40  
ASN N    N N N 41  
ASN CA   C N S 42  
ASN C    C N N 43  
ASN O    O N N 44  
ASN CB   C N N 45  
ASN CG   C N N 46  
ASN OD1  O N N 47  
ASN ND2  N N N 48  
ASN OXT  O N N 49  
ASN H    H N N 50  
ASN H2   H N N 51  
ASN HA   H N N 52  
ASN HB2  H N N 53  
ASN HB3  H N N 54  
ASN HD21 H N N 55  
ASN HD22 H N N 56  
ASN HXT  H N N 57  
ASP N    N N N 58  
ASP CA   C N S 59  
ASP C    C N N 60  
ASP O    O N N 61  
ASP CB   C N N 62  
ASP CG   C N N 63  
ASP OD1  O N N 64  
ASP OD2  O N N 65  
ASP OXT  O N N 66  
ASP H    H N N 67  
ASP H2   H N N 68  
ASP HA   H N N 69  
ASP HB2  H N N 70  
ASP HB3  H N N 71  
ASP HD2  H N N 72  
ASP HXT  H N N 73  
CYS N    N N N 74  
CYS CA   C N R 75  
CYS C    C N N 76  
CYS O    O N N 77  
CYS CB   C N N 78  
CYS SG   S N N 79  
CYS OXT  O N N 80  
CYS H    H N N 81  
CYS H2   H N N 82  
CYS HA   H N N 83  
CYS HB2  H N N 84  
CYS HB3  H N N 85  
CYS HG   H N N 86  
CYS HXT  H N N 87  
GLN N    N N N 88  
GLN CA   C N S 89  
GLN C    C N N 90  
GLN O    O N N 91  
GLN CB   C N N 92  
GLN CG   C N N 93  
GLN CD   C N N 94  
GLN OE1  O N N 95  
GLN NE2  N N N 96  
GLN OXT  O N N 97  
GLN H    H N N 98  
GLN H2   H N N 99  
GLN HA   H N N 100 
GLN HB2  H N N 101 
GLN HB3  H N N 102 
GLN HG2  H N N 103 
GLN HG3  H N N 104 
GLN HE21 H N N 105 
GLN HE22 H N N 106 
GLN HXT  H N N 107 
GLU N    N N N 108 
GLU CA   C N S 109 
GLU C    C N N 110 
GLU O    O N N 111 
GLU CB   C N N 112 
GLU CG   C N N 113 
GLU CD   C N N 114 
GLU OE1  O N N 115 
GLU OE2  O N N 116 
GLU OXT  O N N 117 
GLU H    H N N 118 
GLU H2   H N N 119 
GLU HA   H N N 120 
GLU HB2  H N N 121 
GLU HB3  H N N 122 
GLU HG2  H N N 123 
GLU HG3  H N N 124 
GLU HE2  H N N 125 
GLU HXT  H N N 126 
GLY N    N N N 127 
GLY CA   C N N 128 
GLY C    C N N 129 
GLY O    O N N 130 
GLY OXT  O N N 131 
GLY H    H N N 132 
GLY H2   H N N 133 
GLY HA2  H N N 134 
GLY HA3  H N N 135 
GLY HXT  H N N 136 
HIS N    N N N 137 
HIS CA   C N S 138 
HIS C    C N N 139 
HIS O    O N N 140 
HIS CB   C N N 141 
HIS CG   C Y N 142 
HIS ND1  N Y N 143 
HIS CD2  C Y N 144 
HIS CE1  C Y N 145 
HIS NE2  N Y N 146 
HIS OXT  O N N 147 
HIS H    H N N 148 
HIS H2   H N N 149 
HIS HA   H N N 150 
HIS HB2  H N N 151 
HIS HB3  H N N 152 
HIS HD1  H N N 153 
HIS HD2  H N N 154 
HIS HE1  H N N 155 
HIS HE2  H N N 156 
HIS HXT  H N N 157 
HOH O    O N N 158 
HOH H1   H N N 159 
HOH H2   H N N 160 
ILE N    N N N 161 
ILE CA   C N S 162 
ILE C    C N N 163 
ILE O    O N N 164 
ILE CB   C N S 165 
ILE CG1  C N N 166 
ILE CG2  C N N 167 
ILE CD1  C N N 168 
ILE OXT  O N N 169 
ILE H    H N N 170 
ILE H2   H N N 171 
ILE HA   H N N 172 
ILE HB   H N N 173 
ILE HG12 H N N 174 
ILE HG13 H N N 175 
ILE HG21 H N N 176 
ILE HG22 H N N 177 
ILE HG23 H N N 178 
ILE HD11 H N N 179 
ILE HD12 H N N 180 
ILE HD13 H N N 181 
ILE HXT  H N N 182 
LEU N    N N N 183 
LEU CA   C N S 184 
LEU C    C N N 185 
LEU O    O N N 186 
LEU CB   C N N 187 
LEU CG   C N N 188 
LEU CD1  C N N 189 
LEU CD2  C N N 190 
LEU OXT  O N N 191 
LEU H    H N N 192 
LEU H2   H N N 193 
LEU HA   H N N 194 
LEU HB2  H N N 195 
LEU HB3  H N N 196 
LEU HG   H N N 197 
LEU HD11 H N N 198 
LEU HD12 H N N 199 
LEU HD13 H N N 200 
LEU HD21 H N N 201 
LEU HD22 H N N 202 
LEU HD23 H N N 203 
LEU HXT  H N N 204 
LYS N    N N N 205 
LYS CA   C N S 206 
LYS C    C N N 207 
LYS O    O N N 208 
LYS CB   C N N 209 
LYS CG   C N N 210 
LYS CD   C N N 211 
LYS CE   C N N 212 
LYS NZ   N N N 213 
LYS OXT  O N N 214 
LYS H    H N N 215 
LYS H2   H N N 216 
LYS HA   H N N 217 
LYS HB2  H N N 218 
LYS HB3  H N N 219 
LYS HG2  H N N 220 
LYS HG3  H N N 221 
LYS HD2  H N N 222 
LYS HD3  H N N 223 
LYS HE2  H N N 224 
LYS HE3  H N N 225 
LYS HZ1  H N N 226 
LYS HZ2  H N N 227 
LYS HZ3  H N N 228 
LYS HXT  H N N 229 
MET N    N N N 230 
MET CA   C N S 231 
MET C    C N N 232 
MET O    O N N 233 
MET CB   C N N 234 
MET CG   C N N 235 
MET SD   S N N 236 
MET CE   C N N 237 
MET OXT  O N N 238 
MET H    H N N 239 
MET H2   H N N 240 
MET HA   H N N 241 
MET HB2  H N N 242 
MET HB3  H N N 243 
MET HG2  H N N 244 
MET HG3  H N N 245 
MET HE1  H N N 246 
MET HE2  H N N 247 
MET HE3  H N N 248 
MET HXT  H N N 249 
PHE N    N N N 250 
PHE CA   C N S 251 
PHE C    C N N 252 
PHE O    O N N 253 
PHE CB   C N N 254 
PHE CG   C Y N 255 
PHE CD1  C Y N 256 
PHE CD2  C Y N 257 
PHE CE1  C Y N 258 
PHE CE2  C Y N 259 
PHE CZ   C Y N 260 
PHE OXT  O N N 261 
PHE H    H N N 262 
PHE H2   H N N 263 
PHE HA   H N N 264 
PHE HB2  H N N 265 
PHE HB3  H N N 266 
PHE HD1  H N N 267 
PHE HD2  H N N 268 
PHE HE1  H N N 269 
PHE HE2  H N N 270 
PHE HZ   H N N 271 
PHE HXT  H N N 272 
PRO N    N N N 273 
PRO CA   C N S 274 
PRO C    C N N 275 
PRO O    O N N 276 
PRO CB   C N N 277 
PRO CG   C N N 278 
PRO CD   C N N 279 
PRO OXT  O N N 280 
PRO H    H N N 281 
PRO HA   H N N 282 
PRO HB2  H N N 283 
PRO HB3  H N N 284 
PRO HG2  H N N 285 
PRO HG3  H N N 286 
PRO HD2  H N N 287 
PRO HD3  H N N 288 
PRO HXT  H N N 289 
SER N    N N N 290 
SER CA   C N S 291 
SER C    C N N 292 
SER O    O N N 293 
SER CB   C N N 294 
SER OG   O N N 295 
SER OXT  O N N 296 
SER H    H N N 297 
SER H2   H N N 298 
SER HA   H N N 299 
SER HB2  H N N 300 
SER HB3  H N N 301 
SER HG   H N N 302 
SER HXT  H N N 303 
THR N    N N N 304 
THR CA   C N S 305 
THR C    C N N 306 
THR O    O N N 307 
THR CB   C N R 308 
THR OG1  O N N 309 
THR CG2  C N N 310 
THR OXT  O N N 311 
THR H    H N N 312 
THR H2   H N N 313 
THR HA   H N N 314 
THR HB   H N N 315 
THR HG1  H N N 316 
THR HG21 H N N 317 
THR HG22 H N N 318 
THR HG23 H N N 319 
THR HXT  H N N 320 
TRP N    N N N 321 
TRP CA   C N S 322 
TRP C    C N N 323 
TRP O    O N N 324 
TRP CB   C N N 325 
TRP CG   C Y N 326 
TRP CD1  C Y N 327 
TRP CD2  C Y N 328 
TRP NE1  N Y N 329 
TRP CE2  C Y N 330 
TRP CE3  C Y N 331 
TRP CZ2  C Y N 332 
TRP CZ3  C Y N 333 
TRP CH2  C Y N 334 
TRP OXT  O N N 335 
TRP H    H N N 336 
TRP H2   H N N 337 
TRP HA   H N N 338 
TRP HB2  H N N 339 
TRP HB3  H N N 340 
TRP HD1  H N N 341 
TRP HE1  H N N 342 
TRP HE3  H N N 343 
TRP HZ2  H N N 344 
TRP HZ3  H N N 345 
TRP HH2  H N N 346 
TRP HXT  H N N 347 
TYR N    N N N 348 
TYR CA   C N S 349 
TYR C    C N N 350 
TYR O    O N N 351 
TYR CB   C N N 352 
TYR CG   C Y N 353 
TYR CD1  C Y N 354 
TYR CD2  C Y N 355 
TYR CE1  C Y N 356 
TYR CE2  C Y N 357 
TYR CZ   C Y N 358 
TYR OH   O N N 359 
TYR OXT  O N N 360 
TYR H    H N N 361 
TYR H2   H N N 362 
TYR HA   H N N 363 
TYR HB2  H N N 364 
TYR HB3  H N N 365 
TYR HD1  H N N 366 
TYR HD2  H N N 367 
TYR HE1  H N N 368 
TYR HE2  H N N 369 
TYR HH   H N N 370 
TYR HXT  H N N 371 
VAL N    N N N 372 
VAL CA   C N S 373 
VAL C    C N N 374 
VAL O    O N N 375 
VAL CB   C N N 376 
VAL CG1  C N N 377 
VAL CG2  C N N 378 
VAL OXT  O N N 379 
VAL H    H N N 380 
VAL H2   H N N 381 
VAL HA   H N N 382 
VAL HB   H N N 383 
VAL HG11 H N N 384 
VAL HG12 H N N 385 
VAL HG13 H N N 386 
VAL HG21 H N N 387 
VAL HG22 H N N 388 
VAL HG23 H N N 389 
VAL HXT  H N N 390 
# 
loop_
_chem_comp_bond.comp_id 
_chem_comp_bond.atom_id_1 
_chem_comp_bond.atom_id_2 
_chem_comp_bond.value_order 
_chem_comp_bond.pdbx_aromatic_flag 
_chem_comp_bond.pdbx_stereo_config 
_chem_comp_bond.pdbx_ordinal 
ALA N   CA   sing N N 1   
ALA N   H    sing N N 2   
ALA N   H2   sing N N 3   
ALA CA  C    sing N N 4   
ALA CA  CB   sing N N 5   
ALA CA  HA   sing N N 6   
ALA C   O    doub N N 7   
ALA C   OXT  sing N N 8   
ALA CB  HB1  sing N N 9   
ALA CB  HB2  sing N N 10  
ALA CB  HB3  sing N N 11  
ALA OXT HXT  sing N N 12  
ARG N   CA   sing N N 13  
ARG N   H    sing N N 14  
ARG N   H2   sing N N 15  
ARG CA  C    sing N N 16  
ARG CA  CB   sing N N 17  
ARG CA  HA   sing N N 18  
ARG C   O    doub N N 19  
ARG C   OXT  sing N N 20  
ARG CB  CG   sing N N 21  
ARG CB  HB2  sing N N 22  
ARG CB  HB3  sing N N 23  
ARG CG  CD   sing N N 24  
ARG CG  HG2  sing N N 25  
ARG CG  HG3  sing N N 26  
ARG CD  NE   sing N N 27  
ARG CD  HD2  sing N N 28  
ARG CD  HD3  sing N N 29  
ARG NE  CZ   sing N N 30  
ARG NE  HE   sing N N 31  
ARG CZ  NH1  sing N N 32  
ARG CZ  NH2  doub N N 33  
ARG NH1 HH11 sing N N 34  
ARG NH1 HH12 sing N N 35  
ARG NH2 HH21 sing N N 36  
ARG NH2 HH22 sing N N 37  
ARG OXT HXT  sing N N 38  
ASN N   CA   sing N N 39  
ASN N   H    sing N N 40  
ASN N   H2   sing N N 41  
ASN CA  C    sing N N 42  
ASN CA  CB   sing N N 43  
ASN CA  HA   sing N N 44  
ASN C   O    doub N N 45  
ASN C   OXT  sing N N 46  
ASN CB  CG   sing N N 47  
ASN CB  HB2  sing N N 48  
ASN CB  HB3  sing N N 49  
ASN CG  OD1  doub N N 50  
ASN CG  ND2  sing N N 51  
ASN ND2 HD21 sing N N 52  
ASN ND2 HD22 sing N N 53  
ASN OXT HXT  sing N N 54  
ASP N   CA   sing N N 55  
ASP N   H    sing N N 56  
ASP N   H2   sing N N 57  
ASP CA  C    sing N N 58  
ASP CA  CB   sing N N 59  
ASP CA  HA   sing N N 60  
ASP C   O    doub N N 61  
ASP C   OXT  sing N N 62  
ASP CB  CG   sing N N 63  
ASP CB  HB2  sing N N 64  
ASP CB  HB3  sing N N 65  
ASP CG  OD1  doub N N 66  
ASP CG  OD2  sing N N 67  
ASP OD2 HD2  sing N N 68  
ASP OXT HXT  sing N N 69  
CYS N   CA   sing N N 70  
CYS N   H    sing N N 71  
CYS N   H2   sing N N 72  
CYS CA  C    sing N N 73  
CYS CA  CB   sing N N 74  
CYS CA  HA   sing N N 75  
CYS C   O    doub N N 76  
CYS C   OXT  sing N N 77  
CYS CB  SG   sing N N 78  
CYS CB  HB2  sing N N 79  
CYS CB  HB3  sing N N 80  
CYS SG  HG   sing N N 81  
CYS OXT HXT  sing N N 82  
GLN N   CA   sing N N 83  
GLN N   H    sing N N 84  
GLN N   H2   sing N N 85  
GLN CA  C    sing N N 86  
GLN CA  CB   sing N N 87  
GLN CA  HA   sing N N 88  
GLN C   O    doub N N 89  
GLN C   OXT  sing N N 90  
GLN CB  CG   sing N N 91  
GLN CB  HB2  sing N N 92  
GLN CB  HB3  sing N N 93  
GLN CG  CD   sing N N 94  
GLN CG  HG2  sing N N 95  
GLN CG  HG3  sing N N 96  
GLN CD  OE1  doub N N 97  
GLN CD  NE2  sing N N 98  
GLN NE2 HE21 sing N N 99  
GLN NE2 HE22 sing N N 100 
GLN OXT HXT  sing N N 101 
GLU N   CA   sing N N 102 
GLU N   H    sing N N 103 
GLU N   H2   sing N N 104 
GLU CA  C    sing N N 105 
GLU CA  CB   sing N N 106 
GLU CA  HA   sing N N 107 
GLU C   O    doub N N 108 
GLU C   OXT  sing N N 109 
GLU CB  CG   sing N N 110 
GLU CB  HB2  sing N N 111 
GLU CB  HB3  sing N N 112 
GLU CG  CD   sing N N 113 
GLU CG  HG2  sing N N 114 
GLU CG  HG3  sing N N 115 
GLU CD  OE1  doub N N 116 
GLU CD  OE2  sing N N 117 
GLU OE2 HE2  sing N N 118 
GLU OXT HXT  sing N N 119 
GLY N   CA   sing N N 120 
GLY N   H    sing N N 121 
GLY N   H2   sing N N 122 
GLY CA  C    sing N N 123 
GLY CA  HA2  sing N N 124 
GLY CA  HA3  sing N N 125 
GLY C   O    doub N N 126 
GLY C   OXT  sing N N 127 
GLY OXT HXT  sing N N 128 
HIS N   CA   sing N N 129 
HIS N   H    sing N N 130 
HIS N   H2   sing N N 131 
HIS CA  C    sing N N 132 
HIS CA  CB   sing N N 133 
HIS CA  HA   sing N N 134 
HIS C   O    doub N N 135 
HIS C   OXT  sing N N 136 
HIS CB  CG   sing N N 137 
HIS CB  HB2  sing N N 138 
HIS CB  HB3  sing N N 139 
HIS CG  ND1  sing Y N 140 
HIS CG  CD2  doub Y N 141 
HIS ND1 CE1  doub Y N 142 
HIS ND1 HD1  sing N N 143 
HIS CD2 NE2  sing Y N 144 
HIS CD2 HD2  sing N N 145 
HIS CE1 NE2  sing Y N 146 
HIS CE1 HE1  sing N N 147 
HIS NE2 HE2  sing N N 148 
HIS OXT HXT  sing N N 149 
HOH O   H1   sing N N 150 
HOH O   H2   sing N N 151 
ILE N   CA   sing N N 152 
ILE N   H    sing N N 153 
ILE N   H2   sing N N 154 
ILE CA  C    sing N N 155 
ILE CA  CB   sing N N 156 
ILE CA  HA   sing N N 157 
ILE C   O    doub N N 158 
ILE C   OXT  sing N N 159 
ILE CB  CG1  sing N N 160 
ILE CB  CG2  sing N N 161 
ILE CB  HB   sing N N 162 
ILE CG1 CD1  sing N N 163 
ILE CG1 HG12 sing N N 164 
ILE CG1 HG13 sing N N 165 
ILE CG2 HG21 sing N N 166 
ILE CG2 HG22 sing N N 167 
ILE CG2 HG23 sing N N 168 
ILE CD1 HD11 sing N N 169 
ILE CD1 HD12 sing N N 170 
ILE CD1 HD13 sing N N 171 
ILE OXT HXT  sing N N 172 
LEU N   CA   sing N N 173 
LEU N   H    sing N N 174 
LEU N   H2   sing N N 175 
LEU CA  C    sing N N 176 
LEU CA  CB   sing N N 177 
LEU CA  HA   sing N N 178 
LEU C   O    doub N N 179 
LEU C   OXT  sing N N 180 
LEU CB  CG   sing N N 181 
LEU CB  HB2  sing N N 182 
LEU CB  HB3  sing N N 183 
LEU CG  CD1  sing N N 184 
LEU CG  CD2  sing N N 185 
LEU CG  HG   sing N N 186 
LEU CD1 HD11 sing N N 187 
LEU CD1 HD12 sing N N 188 
LEU CD1 HD13 sing N N 189 
LEU CD2 HD21 sing N N 190 
LEU CD2 HD22 sing N N 191 
LEU CD2 HD23 sing N N 192 
LEU OXT HXT  sing N N 193 
LYS N   CA   sing N N 194 
LYS N   H    sing N N 195 
LYS N   H2   sing N N 196 
LYS CA  C    sing N N 197 
LYS CA  CB   sing N N 198 
LYS CA  HA   sing N N 199 
LYS C   O    doub N N 200 
LYS C   OXT  sing N N 201 
LYS CB  CG   sing N N 202 
LYS CB  HB2  sing N N 203 
LYS CB  HB3  sing N N 204 
LYS CG  CD   sing N N 205 
LYS CG  HG2  sing N N 206 
LYS CG  HG3  sing N N 207 
LYS CD  CE   sing N N 208 
LYS CD  HD2  sing N N 209 
LYS CD  HD3  sing N N 210 
LYS CE  NZ   sing N N 211 
LYS CE  HE2  sing N N 212 
LYS CE  HE3  sing N N 213 
LYS NZ  HZ1  sing N N 214 
LYS NZ  HZ2  sing N N 215 
LYS NZ  HZ3  sing N N 216 
LYS OXT HXT  sing N N 217 
MET N   CA   sing N N 218 
MET N   H    sing N N 219 
MET N   H2   sing N N 220 
MET CA  C    sing N N 221 
MET CA  CB   sing N N 222 
MET CA  HA   sing N N 223 
MET C   O    doub N N 224 
MET C   OXT  sing N N 225 
MET CB  CG   sing N N 226 
MET CB  HB2  sing N N 227 
MET CB  HB3  sing N N 228 
MET CG  SD   sing N N 229 
MET CG  HG2  sing N N 230 
MET CG  HG3  sing N N 231 
MET SD  CE   sing N N 232 
MET CE  HE1  sing N N 233 
MET CE  HE2  sing N N 234 
MET CE  HE3  sing N N 235 
MET OXT HXT  sing N N 236 
PHE N   CA   sing N N 237 
PHE N   H    sing N N 238 
PHE N   H2   sing N N 239 
PHE CA  C    sing N N 240 
PHE CA  CB   sing N N 241 
PHE CA  HA   sing N N 242 
PHE C   O    doub N N 243 
PHE C   OXT  sing N N 244 
PHE CB  CG   sing N N 245 
PHE CB  HB2  sing N N 246 
PHE CB  HB3  sing N N 247 
PHE CG  CD1  doub Y N 248 
PHE CG  CD2  sing Y N 249 
PHE CD1 CE1  sing Y N 250 
PHE CD1 HD1  sing N N 251 
PHE CD2 CE2  doub Y N 252 
PHE CD2 HD2  sing N N 253 
PHE CE1 CZ   doub Y N 254 
PHE CE1 HE1  sing N N 255 
PHE CE2 CZ   sing Y N 256 
PHE CE2 HE2  sing N N 257 
PHE CZ  HZ   sing N N 258 
PHE OXT HXT  sing N N 259 
PRO N   CA   sing N N 260 
PRO N   CD   sing N N 261 
PRO N   H    sing N N 262 
PRO CA  C    sing N N 263 
PRO CA  CB   sing N N 264 
PRO CA  HA   sing N N 265 
PRO C   O    doub N N 266 
PRO C   OXT  sing N N 267 
PRO CB  CG   sing N N 268 
PRO CB  HB2  sing N N 269 
PRO CB  HB3  sing N N 270 
PRO CG  CD   sing N N 271 
PRO CG  HG2  sing N N 272 
PRO CG  HG3  sing N N 273 
PRO CD  HD2  sing N N 274 
PRO CD  HD3  sing N N 275 
PRO OXT HXT  sing N N 276 
SER N   CA   sing N N 277 
SER N   H    sing N N 278 
SER N   H2   sing N N 279 
SER CA  C    sing N N 280 
SER CA  CB   sing N N 281 
SER CA  HA   sing N N 282 
SER C   O    doub N N 283 
SER C   OXT  sing N N 284 
SER CB  OG   sing N N 285 
SER CB  HB2  sing N N 286 
SER CB  HB3  sing N N 287 
SER OG  HG   sing N N 288 
SER OXT HXT  sing N N 289 
THR N   CA   sing N N 290 
THR N   H    sing N N 291 
THR N   H2   sing N N 292 
THR CA  C    sing N N 293 
THR CA  CB   sing N N 294 
THR CA  HA   sing N N 295 
THR C   O    doub N N 296 
THR C   OXT  sing N N 297 
THR CB  OG1  sing N N 298 
THR CB  CG2  sing N N 299 
THR CB  HB   sing N N 300 
THR OG1 HG1  sing N N 301 
THR CG2 HG21 sing N N 302 
THR CG2 HG22 sing N N 303 
THR CG2 HG23 sing N N 304 
THR OXT HXT  sing N N 305 
TRP N   CA   sing N N 306 
TRP N   H    sing N N 307 
TRP N   H2   sing N N 308 
TRP CA  C    sing N N 309 
TRP CA  CB   sing N N 310 
TRP CA  HA   sing N N 311 
TRP C   O    doub N N 312 
TRP C   OXT  sing N N 313 
TRP CB  CG   sing N N 314 
TRP CB  HB2  sing N N 315 
TRP CB  HB3  sing N N 316 
TRP CG  CD1  doub Y N 317 
TRP CG  CD2  sing Y N 318 
TRP CD1 NE1  sing Y N 319 
TRP CD1 HD1  sing N N 320 
TRP CD2 CE2  doub Y N 321 
TRP CD2 CE3  sing Y N 322 
TRP NE1 CE2  sing Y N 323 
TRP NE1 HE1  sing N N 324 
TRP CE2 CZ2  sing Y N 325 
TRP CE3 CZ3  doub Y N 326 
TRP CE3 HE3  sing N N 327 
TRP CZ2 CH2  doub Y N 328 
TRP CZ2 HZ2  sing N N 329 
TRP CZ3 CH2  sing Y N 330 
TRP CZ3 HZ3  sing N N 331 
TRP CH2 HH2  sing N N 332 
TRP OXT HXT  sing N N 333 
TYR N   CA   sing N N 334 
TYR N   H    sing N N 335 
TYR N   H2   sing N N 336 
TYR CA  C    sing N N 337 
TYR CA  CB   sing N N 338 
TYR CA  HA   sing N N 339 
TYR C   O    doub N N 340 
TYR C   OXT  sing N N 341 
TYR CB  CG   sing N N 342 
TYR CB  HB2  sing N N 343 
TYR CB  HB3  sing N N 344 
TYR CG  CD1  doub Y N 345 
TYR CG  CD2  sing Y N 346 
TYR CD1 CE1  sing Y N 347 
TYR CD1 HD1  sing N N 348 
TYR CD2 CE2  doub Y N 349 
TYR CD2 HD2  sing N N 350 
TYR CE1 CZ   doub Y N 351 
TYR CE1 HE1  sing N N 352 
TYR CE2 CZ   sing Y N 353 
TYR CE2 HE2  sing N N 354 
TYR CZ  OH   sing N N 355 
TYR OH  HH   sing N N 356 
TYR OXT HXT  sing N N 357 
VAL N   CA   sing N N 358 
VAL N   H    sing N N 359 
VAL N   H2   sing N N 360 
VAL CA  C    sing N N 361 
VAL CA  CB   sing N N 362 
VAL CA  HA   sing N N 363 
VAL C   O    doub N N 364 
VAL C   OXT  sing N N 365 
VAL CB  CG1  sing N N 366 
VAL CB  CG2  sing N N 367 
VAL CB  HB   sing N N 368 
VAL CG1 HG11 sing N N 369 
VAL CG1 HG12 sing N N 370 
VAL CG1 HG13 sing N N 371 
VAL CG2 HG21 sing N N 372 
VAL CG2 HG22 sing N N 373 
VAL CG2 HG23 sing N N 374 
VAL OXT HXT  sing N N 375 
# 
_pdbx_audit_support.funding_organization   'National Institutes of Health/National Human Genome Research Institute (NIH/NHGRI)' 
_pdbx_audit_support.country                'United States' 
_pdbx_audit_support.grant_number           R01AI066025 
_pdbx_audit_support.ordinal                1 
# 
_pdbx_entity_nonpoly.entity_id   3 
_pdbx_entity_nonpoly.name        water 
_pdbx_entity_nonpoly.comp_id     HOH 
# 
_pdbx_initial_refinement_model.id               1 
_pdbx_initial_refinement_model.entity_id_list   ? 
_pdbx_initial_refinement_model.type             'experimental model' 
_pdbx_initial_refinement_model.source_name      PDB 
_pdbx_initial_refinement_model.accession_code   5F5D 
_pdbx_initial_refinement_model.details          ? 
# 
_pdbx_struct_assembly_auth_evidence.id                     1 
_pdbx_struct_assembly_auth_evidence.assembly_id            1 
_pdbx_struct_assembly_auth_evidence.experimental_support   'gel filtration' 
_pdbx_struct_assembly_auth_evidence.details                ? 
# 
